data_7CSQ
#
_entry.id   7CSQ
#
loop_
_entity.id
_entity.type
_entity.pdbx_description
1 polymer 'Tumor necrosis factor receptor superfamily member 16'
2 polymer 'Tumor necrosis factor receptor type 1-associated DEATH domain protein'
#
loop_
_entity_poly.entity_id
_entity_poly.type
_entity_poly.pdbx_seq_one_letter_code
_entity_poly.pdbx_strand_id
1 'polypeptide(L)'
;KGDGGLYSSLPPAKREEVEKLLNGSAGDTWRHLAGELGYQPEHIDSFTHEACPVRALLASWATQDSATLDALLAALRRIQ
RADLVESLCSESTATSPV
;
A
2 'polypeptide(L)'
;AQTFLFQGQPVVNRPLSLKDQQTFARSVGLKWRKVGRSLQRGCRALRDPALDSLAYEYEREGLYEQAFQLLRRFVQAEGR
RATLQRLVEALEENELTSLAEDLLGLTDPNGGLA
;
B
#
# COMPACT_ATOMS: atom_id res chain seq x y z
N LYS A 1 -29.81 5.20 -11.65
CA LYS A 1 -28.79 4.16 -11.93
C LYS A 1 -28.90 3.63 -13.37
N GLY A 2 -27.90 2.87 -13.81
CA GLY A 2 -27.86 2.25 -15.15
C GLY A 2 -27.10 0.92 -15.24
N ASP A 3 -26.78 0.30 -14.11
CA ASP A 3 -26.08 -0.99 -14.01
C ASP A 3 -26.41 -1.70 -12.68
N GLY A 4 -25.74 -2.81 -12.35
CA GLY A 4 -25.91 -3.54 -11.08
C GLY A 4 -24.58 -4.00 -10.48
N GLY A 5 -24.39 -3.78 -9.18
CA GLY A 5 -23.16 -4.05 -8.45
C GLY A 5 -22.99 -3.13 -7.23
N LEU A 6 -23.27 -3.63 -6.03
CA LEU A 6 -22.96 -2.93 -4.77
C LEU A 6 -21.51 -3.21 -4.35
N TYR A 7 -20.71 -2.16 -4.16
CA TYR A 7 -19.35 -2.25 -3.60
C TYR A 7 -19.37 -2.85 -2.18
N SER A 8 -20.40 -2.54 -1.38
CA SER A 8 -20.66 -3.16 -0.07
C SER A 8 -20.88 -4.68 -0.13
N SER A 9 -21.33 -5.22 -1.27
CA SER A 9 -21.55 -6.66 -1.49
C SER A 9 -20.25 -7.46 -1.69
N LEU A 10 -19.13 -6.79 -2.06
CA LEU A 10 -17.83 -7.45 -2.22
C LEU A 10 -17.25 -7.97 -0.88
N PRO A 11 -16.43 -9.03 -0.91
CA PRO A 11 -15.81 -9.60 0.29
C PRO A 11 -14.74 -8.67 0.90
N PRO A 12 -14.36 -8.85 2.18
CA PRO A 12 -13.39 -7.98 2.86
C PRO A 12 -12.01 -7.96 2.19
N ALA A 13 -11.57 -9.09 1.62
CA ALA A 13 -10.32 -9.21 0.88
C ALA A 13 -10.27 -8.35 -0.40
N LYS A 14 -11.39 -8.19 -1.12
CA LYS A 14 -11.49 -7.31 -2.31
C LYS A 14 -11.43 -5.83 -1.93
N ARG A 15 -11.99 -5.43 -0.79
CA ARG A 15 -11.89 -4.04 -0.30
C ARG A 15 -10.45 -3.70 0.10
N GLU A 16 -9.77 -4.63 0.78
CA GLU A 16 -8.32 -4.59 1.00
C GLU A 16 -7.55 -4.38 -0.31
N GLU A 17 -7.90 -5.07 -1.39
CA GLU A 17 -7.24 -4.87 -2.69
C GLU A 17 -7.29 -3.41 -3.17
N VAL A 18 -8.44 -2.72 -3.08
CA VAL A 18 -8.55 -1.28 -3.37
C VAL A 18 -7.71 -0.44 -2.41
N GLU A 19 -7.84 -0.71 -1.11
CA GLU A 19 -7.17 -0.01 0.00
C GLU A 19 -5.64 -0.11 -0.06
N LYS A 20 -5.13 -1.16 -0.72
CA LYS A 20 -3.70 -1.41 -1.00
C LYS A 20 -3.26 -0.83 -2.34
N LEU A 21 -4.05 -0.97 -3.41
CA LEU A 21 -3.64 -0.58 -4.76
C LEU A 21 -3.34 0.93 -4.91
N LEU A 22 -4.11 1.79 -4.23
CA LEU A 22 -3.88 3.24 -4.19
C LEU A 22 -2.84 3.67 -3.13
N ASN A 23 -2.44 2.76 -2.24
CA ASN A 23 -1.66 3.04 -1.04
C ASN A 23 -0.22 3.46 -1.39
N GLY A 24 0.34 2.86 -2.45
CA GLY A 24 1.59 3.24 -3.09
C GLY A 24 1.36 3.97 -4.42
N SER A 25 0.55 5.03 -4.38
CA SER A 25 0.25 5.94 -5.49
C SER A 25 0.25 7.41 -5.03
N ALA A 26 0.02 8.34 -5.97
CA ALA A 26 -0.22 9.76 -5.67
C ALA A 26 -1.32 9.97 -4.60
N GLY A 27 -1.24 11.10 -3.87
CA GLY A 27 -2.14 11.55 -2.80
C GLY A 27 -3.55 10.93 -2.85
N ASP A 28 -3.85 10.10 -1.85
CA ASP A 28 -4.94 9.12 -1.83
C ASP A 28 -6.26 9.62 -2.46
N THR A 29 -6.88 8.82 -3.34
CA THR A 29 -8.11 9.18 -4.07
C THR A 29 -9.28 9.57 -3.18
N TRP A 30 -9.29 9.15 -1.92
CA TRP A 30 -10.29 9.52 -0.91
C TRP A 30 -10.53 11.05 -0.82
N ARG A 31 -9.49 11.88 -0.98
CA ARG A 31 -9.58 13.35 -0.92
C ARG A 31 -10.41 13.93 -2.07
N HIS A 32 -10.19 13.39 -3.27
CA HIS A 32 -10.93 13.77 -4.47
C HIS A 32 -12.36 13.17 -4.47
N LEU A 33 -12.49 11.89 -4.09
CA LEU A 33 -13.79 11.21 -3.95
C LEU A 33 -14.69 11.85 -2.88
N ALA A 34 -14.16 12.24 -1.71
CA ALA A 34 -14.97 12.87 -0.66
C ALA A 34 -15.65 14.16 -1.14
N GLY A 35 -14.90 15.02 -1.84
CA GLY A 35 -15.43 16.25 -2.44
C GLY A 35 -16.55 15.98 -3.46
N GLU A 36 -16.38 14.97 -4.33
CA GLU A 36 -17.41 14.58 -5.32
C GLU A 36 -18.65 13.92 -4.69
N LEU A 37 -18.47 13.04 -3.69
CA LEU A 37 -19.56 12.41 -2.93
C LEU A 37 -20.33 13.42 -2.04
N GLY A 38 -19.81 14.64 -1.86
CA GLY A 38 -20.39 15.67 -0.98
C GLY A 38 -20.17 15.39 0.51
N TYR A 39 -19.17 14.57 0.87
CA TYR A 39 -18.79 14.29 2.25
C TYR A 39 -18.33 15.57 2.97
N GLN A 40 -18.82 15.79 4.20
CA GLN A 40 -18.49 16.96 5.02
C GLN A 40 -17.00 17.03 5.38
N PRO A 41 -16.41 18.23 5.51
CA PRO A 41 -14.98 18.38 5.78
C PRO A 41 -14.58 17.79 7.15
N GLU A 42 -15.44 17.95 8.16
CA GLU A 42 -15.22 17.40 9.50
C GLU A 42 -15.23 15.85 9.51
N HIS A 43 -15.99 15.21 8.62
CA HIS A 43 -15.99 13.74 8.47
C HIS A 43 -14.65 13.25 7.91
N ILE A 44 -14.14 13.92 6.86
CA ILE A 44 -12.80 13.66 6.30
C ILE A 44 -11.74 13.78 7.41
N ASP A 45 -11.74 14.87 8.18
CA ASP A 45 -10.82 15.06 9.32
C ASP A 45 -11.00 14.04 10.47
N SER A 46 -12.21 13.51 10.70
CA SER A 46 -12.41 12.40 11.67
C SER A 46 -11.82 11.06 11.18
N PHE A 47 -11.83 10.80 9.88
CA PHE A 47 -11.26 9.59 9.27
C PHE A 47 -9.73 9.53 9.24
N THR A 48 -9.02 10.64 9.50
CA THR A 48 -7.54 10.63 9.67
C THR A 48 -7.04 9.97 10.97
N HIS A 49 -7.95 9.48 11.82
CA HIS A 49 -7.64 8.68 13.02
C HIS A 49 -6.77 7.44 12.72
N GLU A 50 -6.73 6.97 11.48
CA GLU A 50 -5.97 5.81 11.02
C GLU A 50 -4.97 6.22 9.91
N ALA A 51 -3.79 5.57 9.85
CA ALA A 51 -2.73 5.89 8.89
C ALA A 51 -3.11 5.59 7.40
N CYS A 52 -4.20 4.85 7.18
CA CYS A 52 -4.81 4.58 5.87
C CYS A 52 -6.20 5.24 5.78
N PRO A 53 -6.31 6.57 5.64
CA PRO A 53 -7.60 7.28 5.70
C PRO A 53 -8.56 6.89 4.56
N VAL A 54 -8.02 6.45 3.42
CA VAL A 54 -8.79 5.86 2.31
C VAL A 54 -9.68 4.69 2.74
N ARG A 55 -9.17 3.78 3.58
CA ARG A 55 -9.94 2.64 4.09
C ARG A 55 -11.14 3.09 4.90
N ALA A 56 -10.99 4.19 5.64
CA ALA A 56 -12.05 4.75 6.46
C ALA A 56 -13.16 5.35 5.59
N LEU A 57 -12.83 6.05 4.49
CA LEU A 57 -13.84 6.52 3.53
C LEU A 57 -14.55 5.34 2.84
N LEU A 58 -13.81 4.39 2.27
CA LEU A 58 -14.38 3.23 1.56
C LEU A 58 -15.30 2.40 2.48
N ALA A 59 -14.85 2.13 3.73
CA ALA A 59 -15.64 1.41 4.74
C ALA A 59 -16.90 2.19 5.18
N SER A 60 -16.78 3.48 5.52
CA SER A 60 -17.93 4.30 5.94
C SER A 60 -18.88 4.65 4.79
N TRP A 61 -18.42 4.62 3.54
CA TRP A 61 -19.32 4.70 2.38
C TRP A 61 -20.08 3.38 2.18
N ALA A 62 -19.43 2.22 2.36
CA ALA A 62 -20.05 0.90 2.30
C ALA A 62 -21.16 0.62 3.35
N THR A 63 -21.33 1.46 4.38
CA THR A 63 -22.45 1.33 5.36
C THR A 63 -23.83 1.67 4.78
N GLN A 64 -23.90 2.24 3.57
CA GLN A 64 -25.12 2.70 2.91
C GLN A 64 -25.23 2.16 1.47
N ASP A 65 -26.46 1.96 0.99
CA ASP A 65 -26.75 1.44 -0.37
C ASP A 65 -26.29 2.39 -1.50
N SER A 66 -25.96 3.65 -1.20
CA SER A 66 -25.29 4.56 -2.12
C SER A 66 -23.90 4.06 -2.59
N ALA A 67 -23.29 3.10 -1.89
CA ALA A 67 -22.05 2.42 -2.29
C ALA A 67 -22.22 1.47 -3.48
N THR A 68 -22.81 1.94 -4.59
CA THR A 68 -22.85 1.19 -5.85
C THR A 68 -21.57 1.44 -6.65
N LEU A 69 -21.13 0.45 -7.42
CA LEU A 69 -20.05 0.60 -8.40
C LEU A 69 -20.40 1.70 -9.42
N ASP A 70 -21.66 1.76 -9.87
CA ASP A 70 -22.13 2.77 -10.83
C ASP A 70 -21.93 4.22 -10.33
N ALA A 71 -22.20 4.49 -9.03
CA ALA A 71 -21.96 5.79 -8.40
C ALA A 71 -20.45 6.06 -8.15
N LEU A 72 -19.68 5.03 -7.76
CA LEU A 72 -18.23 5.11 -7.54
C LEU A 72 -17.50 5.49 -8.83
N LEU A 73 -17.83 4.79 -9.93
CA LEU A 73 -17.27 5.02 -11.26
C LEU A 73 -17.58 6.44 -11.75
N ALA A 74 -18.82 6.91 -11.61
CA ALA A 74 -19.20 8.28 -11.95
C ALA A 74 -18.33 9.32 -11.23
N ALA A 75 -18.11 9.16 -9.92
CA ALA A 75 -17.24 10.05 -9.14
C ALA A 75 -15.77 9.97 -9.57
N LEU A 76 -15.19 8.78 -9.75
CA LEU A 76 -13.82 8.58 -10.27
C LEU A 76 -13.61 9.25 -11.65
N ARG A 77 -14.61 9.18 -12.53
CA ARG A 77 -14.59 9.83 -13.86
C ARG A 77 -14.55 11.36 -13.75
N ARG A 78 -15.31 11.96 -12.82
CA ARG A 78 -15.34 13.44 -12.60
C ARG A 78 -14.01 14.00 -12.11
N ILE A 79 -13.25 13.23 -11.33
CA ILE A 79 -11.94 13.61 -10.78
C ILE A 79 -10.75 13.16 -11.67
N GLN A 80 -11.01 12.70 -12.89
CA GLN A 80 -10.00 12.23 -13.87
C GLN A 80 -9.11 11.09 -13.32
N ARG A 81 -9.71 10.13 -12.61
CA ARG A 81 -9.05 8.96 -11.98
C ARG A 81 -9.49 7.61 -12.59
N ALA A 82 -9.81 7.61 -13.89
CA ALA A 82 -10.04 6.40 -14.70
C ALA A 82 -8.86 5.38 -14.67
N ASP A 83 -7.65 5.82 -14.30
CA ASP A 83 -6.48 4.97 -14.06
C ASP A 83 -6.76 3.88 -13.00
N LEU A 84 -7.32 4.27 -11.85
CA LEU A 84 -7.75 3.36 -10.78
C LEU A 84 -8.91 2.46 -11.21
N VAL A 85 -9.87 2.98 -11.99
CA VAL A 85 -10.99 2.20 -12.54
C VAL A 85 -10.49 1.00 -13.34
N GLU A 86 -9.53 1.22 -14.25
CA GLU A 86 -8.92 0.16 -15.05
C GLU A 86 -8.17 -0.87 -14.18
N SER A 87 -7.35 -0.40 -13.22
CA SER A 87 -6.62 -1.29 -12.30
C SER A 87 -7.53 -2.20 -11.47
N LEU A 88 -8.67 -1.69 -10.99
CA LEU A 88 -9.67 -2.50 -10.27
C LEU A 88 -10.41 -3.47 -11.19
N CYS A 89 -10.80 -3.03 -12.40
CA CYS A 89 -11.44 -3.90 -13.39
C CYS A 89 -10.56 -5.09 -13.79
N SER A 90 -9.23 -4.89 -13.87
CA SER A 90 -8.22 -5.94 -14.07
C SER A 90 -8.05 -6.93 -12.90
N GLU A 91 -8.59 -6.65 -11.71
CA GLU A 91 -8.62 -7.57 -10.56
C GLU A 91 -9.98 -8.26 -10.41
N SER A 92 -11.07 -7.56 -10.67
CA SER A 92 -12.46 -8.07 -10.70
C SER A 92 -12.75 -8.98 -11.92
N THR A 93 -11.94 -10.04 -12.10
CA THR A 93 -11.98 -10.99 -13.23
C THR A 93 -11.72 -12.44 -12.78
N ALA A 94 -12.07 -13.41 -13.63
CA ALA A 94 -11.86 -14.85 -13.39
C ALA A 94 -10.42 -15.33 -13.75
N THR A 95 -10.01 -16.46 -13.15
CA THR A 95 -8.68 -17.09 -13.36
C THR A 95 -8.73 -18.61 -13.12
N SER A 96 -7.74 -19.35 -13.63
CA SER A 96 -7.63 -20.82 -13.51
C SER A 96 -6.17 -21.33 -13.51
N PRO A 97 -5.34 -20.97 -12.51
CA PRO A 97 -3.91 -21.33 -12.47
C PRO A 97 -3.65 -22.83 -12.24
N VAL A 98 -4.51 -23.50 -11.46
CA VAL A 98 -4.46 -24.96 -11.16
C VAL A 98 -5.13 -25.76 -12.28
N ALA B 1 -2.75 -15.98 -5.38
CA ALA B 1 -1.90 -14.96 -4.77
C ALA B 1 -2.47 -13.57 -5.11
N GLN B 2 -2.72 -12.73 -4.11
CA GLN B 2 -3.05 -11.31 -4.32
C GLN B 2 -1.77 -10.55 -4.69
N THR B 3 -1.73 -9.99 -5.91
CA THR B 3 -0.57 -9.28 -6.48
C THR B 3 -1.04 -8.08 -7.31
N PHE B 4 -0.20 -7.04 -7.38
CA PHE B 4 -0.44 -5.82 -8.14
C PHE B 4 0.61 -5.63 -9.24
N LEU B 5 0.25 -4.87 -10.28
CA LEU B 5 1.18 -4.47 -11.32
C LEU B 5 1.94 -3.21 -10.90
N PHE B 6 3.26 -3.28 -10.94
CA PHE B 6 4.17 -2.15 -10.67
C PHE B 6 5.31 -2.22 -11.69
N GLN B 7 5.68 -1.10 -12.33
CA GLN B 7 6.76 -1.03 -13.33
C GLN B 7 6.75 -2.16 -14.41
N GLY B 8 5.58 -2.74 -14.72
CA GLY B 8 5.40 -3.87 -15.64
C GLY B 8 5.78 -5.26 -15.08
N GLN B 9 5.86 -5.42 -13.75
CA GLN B 9 6.28 -6.63 -13.03
C GLN B 9 5.25 -7.00 -11.94
N PRO B 10 4.88 -8.29 -11.78
CA PRO B 10 4.02 -8.74 -10.69
C PRO B 10 4.75 -8.78 -9.34
N VAL B 11 4.04 -8.44 -8.26
CA VAL B 11 4.54 -8.40 -6.87
C VAL B 11 3.41 -8.69 -5.88
N VAL B 12 3.62 -9.68 -5.00
CA VAL B 12 2.65 -10.07 -3.96
C VAL B 12 2.33 -8.88 -3.05
N ASN B 13 1.03 -8.64 -2.82
CA ASN B 13 0.50 -7.42 -2.22
C ASN B 13 0.05 -7.70 -0.77
N ARG B 14 1.00 -7.78 0.17
CA ARG B 14 0.73 -8.18 1.57
C ARG B 14 1.66 -7.47 2.58
N PRO B 15 1.37 -7.52 3.89
CA PRO B 15 2.27 -6.99 4.92
C PRO B 15 3.59 -7.77 4.98
N LEU B 16 4.70 -7.03 5.09
CA LEU B 16 6.05 -7.58 5.19
C LEU B 16 6.25 -8.30 6.53
N SER B 17 6.74 -9.54 6.47
CA SER B 17 7.02 -10.38 7.64
C SER B 17 8.49 -10.28 8.12
N LEU B 18 8.86 -11.05 9.14
CA LEU B 18 10.22 -11.14 9.66
C LEU B 18 11.24 -11.54 8.58
N LYS B 19 10.85 -12.46 7.67
CA LYS B 19 11.61 -12.79 6.45
C LYS B 19 11.96 -11.54 5.64
N ASP B 20 10.99 -10.66 5.41
CA ASP B 20 11.19 -9.45 4.62
C ASP B 20 12.14 -8.46 5.32
N GLN B 21 12.01 -8.29 6.64
CA GLN B 21 12.89 -7.45 7.46
C GLN B 21 14.37 -7.90 7.35
N GLN B 22 14.63 -9.20 7.42
CA GLN B 22 15.96 -9.80 7.27
C GLN B 22 16.49 -9.74 5.83
N THR B 23 15.71 -10.25 4.86
CA THR B 23 16.09 -10.22 3.42
C THR B 23 16.32 -8.79 2.95
N PHE B 24 15.52 -7.81 3.38
CA PHE B 24 15.74 -6.40 3.09
C PHE B 24 17.14 -5.95 3.52
N ALA B 25 17.46 -6.01 4.81
CA ALA B 25 18.74 -5.54 5.33
C ALA B 25 19.95 -6.23 4.68
N ARG B 26 19.80 -7.53 4.35
CA ARG B 26 20.78 -8.37 3.66
C ARG B 26 20.94 -8.06 2.17
N SER B 27 19.90 -7.56 1.49
CA SER B 27 19.88 -7.33 0.04
C SER B 27 20.10 -5.87 -0.37
N VAL B 28 19.59 -4.88 0.39
CA VAL B 28 19.87 -3.45 0.10
C VAL B 28 21.31 -3.08 0.46
N GLY B 29 21.88 -3.65 1.53
CA GLY B 29 23.20 -3.31 2.07
C GLY B 29 23.39 -1.80 2.28
N LEU B 30 24.07 -1.12 1.37
CA LEU B 30 24.23 0.35 1.37
C LEU B 30 22.94 1.12 1.07
N LYS B 31 22.04 0.58 0.22
CA LYS B 31 20.76 1.19 -0.17
C LYS B 31 19.74 1.32 0.97
N TRP B 32 20.05 0.80 2.17
CA TRP B 32 19.21 0.93 3.37
C TRP B 32 18.82 2.38 3.68
N ARG B 33 19.82 3.29 3.65
CA ARG B 33 19.68 4.74 3.78
C ARG B 33 18.72 5.29 2.73
N LYS B 34 18.98 4.96 1.46
CA LYS B 34 18.22 5.47 0.30
C LYS B 34 16.76 5.04 0.32
N VAL B 35 16.46 3.76 0.54
CA VAL B 35 15.07 3.28 0.66
C VAL B 35 14.37 4.00 1.80
N GLY B 36 15.00 4.09 2.98
CA GLY B 36 14.48 4.85 4.10
C GLY B 36 14.07 6.27 3.69
N ARG B 37 14.99 7.05 3.10
CA ARG B 37 14.74 8.42 2.64
C ARG B 37 13.65 8.50 1.56
N SER B 38 13.61 7.57 0.60
CA SER B 38 12.55 7.50 -0.41
C SER B 38 11.17 7.17 0.19
N LEU B 39 11.12 6.33 1.22
CA LEU B 39 9.90 5.96 1.95
C LEU B 39 9.31 7.13 2.75
N GLN B 40 10.12 8.14 3.10
CA GLN B 40 9.65 9.38 3.73
C GLN B 40 8.71 10.18 2.81
N ARG B 41 9.06 10.34 1.52
CA ARG B 41 8.19 10.97 0.52
C ARG B 41 6.89 10.18 0.30
N GLY B 42 6.99 8.85 0.22
CA GLY B 42 5.85 7.96 -0.06
C GLY B 42 4.92 7.68 1.13
N CYS B 43 5.43 7.77 2.36
CA CYS B 43 4.72 7.45 3.59
C CYS B 43 5.03 8.48 4.70
N ARG B 44 4.14 9.48 4.85
CA ARG B 44 4.30 10.59 5.81
C ARG B 44 4.45 10.15 7.27
N ALA B 45 3.97 8.97 7.63
CA ALA B 45 4.19 8.31 8.94
C ALA B 45 5.68 8.06 9.29
N LEU B 46 6.58 8.18 8.31
CA LEU B 46 8.00 7.85 8.40
C LEU B 46 8.92 9.06 8.03
N ARG B 47 8.31 10.21 7.74
CA ARG B 47 8.94 11.48 7.31
C ARG B 47 9.64 12.25 8.43
N ASP B 48 9.35 11.92 9.68
CA ASP B 48 10.12 12.35 10.86
C ASP B 48 11.61 11.95 10.78
N PRO B 49 12.52 12.54 11.59
CA PRO B 49 13.94 12.17 11.65
C PRO B 49 14.21 10.77 12.28
N ALA B 50 13.31 9.81 12.07
CA ALA B 50 13.43 8.42 12.49
C ALA B 50 14.79 7.84 12.08
N LEU B 51 15.16 7.93 10.79
CA LEU B 51 16.46 7.50 10.23
C LEU B 51 17.67 8.00 11.02
N ASP B 52 17.63 9.24 11.50
CA ASP B 52 18.72 9.88 12.25
C ASP B 52 18.97 9.16 13.59
N SER B 53 17.89 8.84 14.32
CA SER B 53 17.95 8.02 15.54
C SER B 53 18.17 6.54 15.26
N LEU B 54 17.50 5.95 14.24
CA LEU B 54 17.67 4.55 13.84
C LEU B 54 19.14 4.22 13.52
N ALA B 55 19.81 5.07 12.76
CA ALA B 55 21.23 4.91 12.44
C ALA B 55 22.11 4.78 13.69
N TYR B 56 21.85 5.58 14.73
CA TYR B 56 22.62 5.61 15.97
C TYR B 56 22.21 4.53 16.99
N GLU B 57 20.91 4.29 17.15
CA GLU B 57 20.34 3.25 18.03
C GLU B 57 20.72 1.82 17.59
N TYR B 58 20.92 1.62 16.29
CA TYR B 58 21.22 0.32 15.68
C TYR B 58 22.64 0.23 15.11
N GLU B 59 23.46 1.28 15.28
CA GLU B 59 24.89 1.32 14.92
C GLU B 59 25.72 0.19 15.58
N ARG B 60 25.24 -0.31 16.73
CA ARG B 60 25.82 -1.42 17.51
C ARG B 60 25.99 -2.70 16.68
N GLU B 61 24.99 -3.05 15.87
CA GLU B 61 25.03 -4.23 14.97
C GLU B 61 25.41 -3.84 13.53
N GLY B 62 25.12 -2.61 13.12
CA GLY B 62 25.41 -2.09 11.78
C GLY B 62 24.21 -2.15 10.84
N LEU B 63 24.49 -2.12 9.53
CA LEU B 63 23.53 -2.08 8.42
C LEU B 63 22.37 -3.10 8.59
N TYR B 64 22.68 -4.29 9.13
CA TYR B 64 21.69 -5.32 9.46
C TYR B 64 20.59 -4.84 10.43
N GLU B 65 20.90 -4.54 11.70
CA GLU B 65 19.87 -4.09 12.66
C GLU B 65 19.28 -2.72 12.27
N GLN B 66 20.09 -1.85 11.66
CA GLN B 66 19.67 -0.54 11.14
C GLN B 66 18.46 -0.64 10.20
N ALA B 67 18.49 -1.61 9.28
CA ALA B 67 17.46 -1.81 8.25
C ALA B 67 16.39 -2.83 8.64
N PHE B 68 16.73 -3.81 9.48
CA PHE B 68 15.81 -4.81 10.03
C PHE B 68 14.59 -4.17 10.71
N GLN B 69 14.82 -3.21 11.61
CA GLN B 69 13.74 -2.56 12.37
C GLN B 69 13.18 -1.30 11.68
N LEU B 70 13.88 -0.74 10.69
CA LEU B 70 13.33 0.27 9.76
C LEU B 70 12.10 -0.26 9.00
N LEU B 71 12.15 -1.52 8.59
CA LEU B 71 11.02 -2.22 7.96
C LEU B 71 9.85 -2.48 8.91
N ARG B 72 10.14 -2.74 10.20
CA ARG B 72 9.13 -2.82 11.26
C ARG B 72 8.46 -1.47 11.55
N ARG B 73 9.18 -0.36 11.36
CA ARG B 73 8.67 1.01 11.58
C ARG B 73 7.43 1.34 10.73
N PHE B 74 7.35 0.82 9.50
CA PHE B 74 6.14 0.91 8.67
C PHE B 74 5.01 -0.01 9.18
N VAL B 75 5.32 -1.26 9.50
CA VAL B 75 4.37 -2.26 10.03
C VAL B 75 3.76 -1.81 11.37
N GLN B 76 4.51 -1.07 12.19
CA GLN B 76 4.04 -0.44 13.43
C GLN B 76 2.88 0.56 13.19
N ALA B 77 2.92 1.33 12.10
CA ALA B 77 1.89 2.33 11.80
C ALA B 77 0.51 1.68 11.53
N GLU B 78 0.47 0.47 10.95
CA GLU B 78 -0.80 -0.24 10.69
C GLU B 78 -0.65 -1.77 10.71
N GLY B 79 0.20 -2.34 9.85
CA GLY B 79 0.58 -3.77 9.80
C GLY B 79 -0.50 -4.76 9.35
N ARG B 80 -1.78 -4.49 9.64
CA ARG B 80 -2.94 -5.22 9.08
C ARG B 80 -3.24 -4.79 7.65
N ARG B 81 -3.11 -3.48 7.37
CA ARG B 81 -3.49 -2.83 6.10
C ARG B 81 -2.32 -2.20 5.33
N ALA B 82 -1.21 -1.94 6.03
CA ALA B 82 0.08 -1.64 5.41
C ALA B 82 0.58 -2.85 4.61
N THR B 83 1.00 -2.64 3.37
CA THR B 83 1.56 -3.70 2.49
C THR B 83 2.72 -3.16 1.65
N LEU B 84 3.46 -4.09 1.02
CA LEU B 84 4.61 -3.79 0.16
C LEU B 84 4.35 -2.66 -0.86
N GLN B 85 3.12 -2.48 -1.35
CA GLN B 85 2.67 -1.32 -2.15
C GLN B 85 3.35 0.02 -1.78
N ARG B 86 3.34 0.41 -0.50
CA ARG B 86 4.01 1.65 -0.01
C ARG B 86 5.54 1.56 -0.05
N LEU B 87 6.11 0.41 0.32
CA LEU B 87 7.55 0.12 0.25
C LEU B 87 8.07 0.18 -1.21
N VAL B 88 7.30 -0.34 -2.18
CA VAL B 88 7.69 -0.32 -3.59
C VAL B 88 7.83 1.10 -4.15
N GLU B 89 7.00 2.07 -3.73
CA GLU B 89 7.21 3.48 -4.11
C GLU B 89 8.57 4.03 -3.66
N ALA B 90 9.10 3.56 -2.53
CA ALA B 90 10.43 3.94 -2.06
C ALA B 90 11.55 3.33 -2.93
N LEU B 91 11.38 2.08 -3.36
CA LEU B 91 12.31 1.40 -4.26
C LEU B 91 12.24 1.96 -5.70
N GLU B 92 11.06 2.38 -6.16
CA GLU B 92 10.87 3.05 -7.46
C GLU B 92 11.70 4.35 -7.61
N GLU B 93 11.91 5.12 -6.54
CA GLU B 93 12.75 6.32 -6.58
C GLU B 93 14.23 6.04 -6.85
N ASN B 94 14.73 4.86 -6.47
CA ASN B 94 16.11 4.43 -6.68
C ASN B 94 16.25 3.36 -7.79
N GLU B 95 15.19 3.14 -8.58
CA GLU B 95 15.17 2.16 -9.67
C GLU B 95 15.46 0.71 -9.21
N LEU B 96 15.11 0.39 -7.95
CA LEU B 96 15.26 -0.93 -7.31
C LEU B 96 14.18 -1.93 -7.72
N THR B 97 13.79 -1.94 -8.99
CA THR B 97 12.69 -2.76 -9.54
C THR B 97 12.86 -4.25 -9.26
N SER B 98 14.07 -4.78 -9.48
CA SER B 98 14.44 -6.18 -9.21
C SER B 98 14.46 -6.50 -7.71
N LEU B 99 14.85 -5.53 -6.88
CA LEU B 99 14.90 -5.69 -5.42
C LEU B 99 13.48 -5.75 -4.84
N ALA B 100 12.54 -4.96 -5.33
CA ALA B 100 11.15 -4.94 -4.85
C ALA B 100 10.45 -6.30 -5.01
N GLU B 101 10.76 -7.07 -6.07
CA GLU B 101 10.31 -8.45 -6.23
C GLU B 101 11.19 -9.47 -5.47
N ASP B 102 12.53 -9.34 -5.49
CA ASP B 102 13.43 -10.20 -4.71
C ASP B 102 13.15 -10.16 -3.19
N LEU B 103 12.68 -9.03 -2.65
CA LEU B 103 12.35 -8.83 -1.23
C LEU B 103 11.40 -9.89 -0.67
N LEU B 104 10.30 -10.16 -1.39
CA LEU B 104 9.28 -11.13 -0.99
C LEU B 104 9.74 -12.59 -1.23
N GLY B 105 10.90 -12.78 -1.86
CA GLY B 105 11.47 -14.07 -2.22
C GLY B 105 11.20 -14.52 -3.66
N LEU B 106 10.71 -13.64 -4.54
CA LEU B 106 10.41 -13.96 -5.96
C LEU B 106 11.66 -14.32 -6.80
N THR B 107 12.86 -14.26 -6.23
CA THR B 107 14.13 -14.77 -6.82
C THR B 107 14.11 -16.29 -7.13
N ASP B 108 13.22 -17.06 -6.48
CA ASP B 108 13.08 -18.52 -6.67
C ASP B 108 12.33 -18.93 -7.96
N PRO B 109 12.53 -20.18 -8.47
CA PRO B 109 11.84 -20.73 -9.65
C PRO B 109 10.37 -21.13 -9.42
N ASN B 110 9.69 -20.54 -8.42
CA ASN B 110 8.31 -20.80 -7.99
C ASN B 110 7.88 -22.29 -7.85
N GLY B 111 8.85 -23.19 -7.58
CA GLY B 111 8.64 -24.64 -7.50
C GLY B 111 9.45 -25.40 -8.57
N GLY B 112 10.78 -25.46 -8.40
CA GLY B 112 11.72 -25.95 -9.42
C GLY B 112 13.00 -26.60 -8.87
N LEU B 113 12.94 -27.22 -7.69
CA LEU B 113 14.02 -27.93 -6.98
C LEU B 113 15.32 -27.11 -6.81
N ALA B 114 15.39 -26.33 -5.71
CA ALA B 114 16.52 -25.48 -5.33
C ALA B 114 16.84 -25.52 -3.81
N LYS A 1 -27.43 10.64 -8.89
CA LYS A 1 -26.53 9.64 -8.28
C LYS A 1 -26.24 8.44 -9.20
N GLY A 2 -27.27 7.73 -9.64
CA GLY A 2 -27.16 6.48 -10.41
C GLY A 2 -27.14 5.21 -9.55
N ASP A 3 -27.01 4.07 -10.19
CA ASP A 3 -26.93 2.72 -9.58
C ASP A 3 -26.19 1.73 -10.51
N GLY A 4 -25.71 0.61 -9.96
CA GLY A 4 -25.03 -0.45 -10.71
C GLY A 4 -23.85 -1.07 -9.96
N GLY A 5 -24.11 -2.11 -9.17
CA GLY A 5 -23.12 -2.77 -8.29
C GLY A 5 -22.86 -1.95 -7.02
N LEU A 6 -23.15 -2.51 -5.85
CA LEU A 6 -22.78 -1.89 -4.56
C LEU A 6 -21.32 -2.22 -4.20
N TYR A 7 -20.54 -1.21 -3.85
CA TYR A 7 -19.17 -1.38 -3.33
C TYR A 7 -19.17 -2.21 -2.03
N SER A 8 -20.17 -2.01 -1.18
CA SER A 8 -20.46 -2.83 0.01
C SER A 8 -20.84 -4.30 -0.29
N SER A 9 -21.15 -4.66 -1.54
CA SER A 9 -21.38 -6.04 -1.97
C SER A 9 -20.08 -6.83 -2.23
N LEU A 10 -18.94 -6.14 -2.45
CA LEU A 10 -17.63 -6.76 -2.66
C LEU A 10 -17.08 -7.43 -1.38
N PRO A 11 -16.25 -8.49 -1.51
CA PRO A 11 -15.64 -9.17 -0.37
C PRO A 11 -14.58 -8.31 0.34
N PRO A 12 -14.21 -8.62 1.60
CA PRO A 12 -13.26 -7.83 2.38
C PRO A 12 -11.87 -7.72 1.74
N ALA A 13 -11.38 -8.78 1.09
CA ALA A 13 -10.10 -8.79 0.38
C ALA A 13 -10.04 -7.83 -0.83
N LYS A 14 -11.16 -7.65 -1.55
CA LYS A 14 -11.27 -6.67 -2.65
C LYS A 14 -11.20 -5.23 -2.16
N ARG A 15 -11.76 -4.92 -0.99
CA ARG A 15 -11.65 -3.59 -0.36
C ARG A 15 -10.21 -3.30 0.08
N GLU A 16 -9.56 -4.30 0.68
CA GLU A 16 -8.12 -4.29 0.93
C GLU A 16 -7.30 -4.02 -0.33
N GLU A 17 -7.65 -4.62 -1.48
CA GLU A 17 -7.02 -4.31 -2.76
C GLU A 17 -7.04 -2.81 -3.09
N VAL A 18 -8.20 -2.14 -2.98
CA VAL A 18 -8.30 -0.68 -3.16
C VAL A 18 -7.44 0.09 -2.15
N GLU A 19 -7.56 -0.28 -0.88
CA GLU A 19 -6.87 0.35 0.27
C GLU A 19 -5.34 0.19 0.24
N LYS A 20 -4.84 -0.78 -0.55
CA LYS A 20 -3.42 -1.05 -0.78
C LYS A 20 -2.94 -0.42 -2.09
N LEU A 21 -3.68 -0.54 -3.20
CA LEU A 21 -3.24 -0.10 -4.52
C LEU A 21 -2.97 1.42 -4.60
N LEU A 22 -3.74 2.24 -3.88
CA LEU A 22 -3.52 3.69 -3.76
C LEU A 22 -2.49 4.08 -2.69
N ASN A 23 -2.12 3.14 -1.83
CA ASN A 23 -1.31 3.39 -0.63
C ASN A 23 0.12 3.84 -0.99
N GLY A 24 0.70 3.18 -1.99
CA GLY A 24 1.92 3.56 -2.70
C GLY A 24 1.60 4.30 -4.01
N SER A 25 0.93 5.44 -3.91
CA SER A 25 0.68 6.38 -5.02
C SER A 25 0.79 7.82 -4.55
N ALA A 26 0.48 8.79 -5.41
CA ALA A 26 0.29 10.19 -5.03
C ALA A 26 -0.74 10.35 -3.88
N GLY A 27 -0.69 11.52 -3.20
CA GLY A 27 -1.58 11.89 -2.08
C GLY A 27 -2.98 11.29 -2.16
N ASP A 28 -3.30 10.43 -1.18
CA ASP A 28 -4.42 9.48 -1.21
C ASP A 28 -5.72 10.07 -1.80
N THR A 29 -6.38 9.34 -2.70
CA THR A 29 -7.59 9.79 -3.41
C THR A 29 -8.74 10.19 -2.50
N TRP A 30 -8.76 9.70 -1.25
CA TRP A 30 -9.71 10.08 -0.20
C TRP A 30 -9.87 11.60 -0.03
N ARG A 31 -8.80 12.40 -0.17
CA ARG A 31 -8.83 13.88 -0.08
C ARG A 31 -9.67 14.51 -1.17
N HIS A 32 -9.50 14.03 -2.40
CA HIS A 32 -10.25 14.48 -3.57
C HIS A 32 -11.69 13.93 -3.57
N LEU A 33 -11.86 12.64 -3.24
CA LEU A 33 -13.17 11.99 -3.11
C LEU A 33 -14.05 12.59 -2.02
N ALA A 34 -13.52 12.88 -0.83
CA ALA A 34 -14.27 13.51 0.26
C ALA A 34 -14.90 14.85 -0.16
N GLY A 35 -14.11 15.70 -0.84
CA GLY A 35 -14.58 16.97 -1.38
C GLY A 35 -15.72 16.82 -2.39
N GLU A 36 -15.63 15.85 -3.32
CA GLU A 36 -16.68 15.57 -4.30
C GLU A 36 -17.94 14.92 -3.71
N LEU A 37 -17.79 14.00 -2.74
CA LEU A 37 -18.88 13.39 -1.99
C LEU A 37 -19.62 14.38 -1.06
N GLY A 38 -19.05 15.57 -0.85
CA GLY A 38 -19.58 16.59 0.06
C GLY A 38 -19.37 16.26 1.54
N TYR A 39 -18.42 15.38 1.86
CA TYR A 39 -18.04 15.01 3.22
C TYR A 39 -17.52 16.22 4.01
N GLN A 40 -18.01 16.41 5.23
CA GLN A 40 -17.64 17.53 6.11
C GLN A 40 -16.14 17.54 6.46
N PRO A 41 -15.51 18.72 6.64
CA PRO A 41 -14.07 18.82 6.90
C PRO A 41 -13.68 18.18 8.24
N GLU A 42 -14.54 18.29 9.26
CA GLU A 42 -14.33 17.66 10.57
C GLU A 42 -14.40 16.12 10.52
N HIS A 43 -15.20 15.54 9.62
CA HIS A 43 -15.21 14.08 9.38
C HIS A 43 -13.91 13.59 8.74
N ILE A 44 -13.38 14.35 7.76
CA ILE A 44 -12.06 14.05 7.18
C ILE A 44 -11.00 14.07 8.29
N ASP A 45 -11.01 15.09 9.16
CA ASP A 45 -10.04 15.21 10.26
C ASP A 45 -10.19 14.15 11.37
N SER A 46 -11.35 13.53 11.61
CA SER A 46 -11.46 12.40 12.55
C SER A 46 -11.01 11.06 11.97
N PHE A 47 -11.12 10.87 10.65
CA PHE A 47 -10.58 9.70 9.94
C PHE A 47 -9.03 9.63 9.91
N THR A 48 -8.31 10.73 10.19
CA THR A 48 -6.83 10.74 10.33
C THR A 48 -6.32 10.04 11.61
N HIS A 49 -7.22 9.55 12.47
CA HIS A 49 -6.89 8.69 13.62
C HIS A 49 -6.01 7.48 13.24
N GLU A 50 -6.07 7.03 11.97
CA GLU A 50 -5.33 5.88 11.45
C GLU A 50 -4.37 6.28 10.29
N ALA A 51 -3.22 5.61 10.18
CA ALA A 51 -2.16 5.86 9.19
C ALA A 51 -2.55 5.54 7.72
N CYS A 52 -3.74 4.96 7.52
CA CYS A 52 -4.35 4.69 6.21
C CYS A 52 -5.74 5.35 6.13
N PRO A 53 -5.83 6.69 6.09
CA PRO A 53 -7.11 7.41 6.22
C PRO A 53 -8.10 7.13 5.07
N VAL A 54 -7.58 6.73 3.90
CA VAL A 54 -8.36 6.20 2.78
C VAL A 54 -9.28 5.05 3.17
N ARG A 55 -8.80 4.09 3.97
CA ARG A 55 -9.60 2.94 4.41
C ARG A 55 -10.80 3.38 5.26
N ALA A 56 -10.61 4.45 6.03
CA ALA A 56 -11.65 5.02 6.89
C ALA A 56 -12.74 5.69 6.07
N LEU A 57 -12.38 6.42 5.00
CA LEU A 57 -13.38 6.98 4.08
C LEU A 57 -14.16 5.88 3.35
N LEU A 58 -13.48 4.90 2.73
CA LEU A 58 -14.11 3.79 2.01
C LEU A 58 -15.02 2.96 2.94
N ALA A 59 -14.57 2.69 4.17
CA ALA A 59 -15.35 1.97 5.18
C ALA A 59 -16.60 2.75 5.64
N SER A 60 -16.47 4.04 5.95
CA SER A 60 -17.62 4.83 6.39
C SER A 60 -18.58 5.15 5.24
N TRP A 61 -18.09 5.30 4.01
CA TRP A 61 -18.94 5.45 2.82
C TRP A 61 -19.79 4.19 2.58
N ALA A 62 -19.22 2.99 2.77
CA ALA A 62 -19.95 1.72 2.70
C ALA A 62 -21.06 1.54 3.77
N THR A 63 -21.19 2.44 4.76
CA THR A 63 -22.29 2.44 5.73
C THR A 63 -23.67 2.78 5.13
N GLN A 64 -23.70 3.30 3.89
CA GLN A 64 -24.90 3.79 3.20
C GLN A 64 -25.04 3.22 1.78
N ASP A 65 -26.28 3.09 1.29
CA ASP A 65 -26.59 2.63 -0.07
C ASP A 65 -26.10 3.59 -1.17
N SER A 66 -25.65 4.80 -0.82
CA SER A 66 -24.92 5.71 -1.71
C SER A 66 -23.59 5.12 -2.21
N ALA A 67 -23.06 4.10 -1.54
CA ALA A 67 -21.84 3.38 -1.90
C ALA A 67 -21.91 2.49 -3.16
N THR A 68 -22.55 2.96 -4.23
CA THR A 68 -22.59 2.23 -5.51
C THR A 68 -21.30 2.46 -6.29
N LEU A 69 -20.82 1.47 -7.05
CA LEU A 69 -19.67 1.62 -7.95
C LEU A 69 -19.93 2.78 -8.92
N ASP A 70 -21.13 2.84 -9.50
CA ASP A 70 -21.54 3.90 -10.42
C ASP A 70 -21.39 5.33 -9.82
N ALA A 71 -21.74 5.50 -8.54
CA ALA A 71 -21.54 6.75 -7.80
C ALA A 71 -20.07 7.03 -7.46
N LEU A 72 -19.28 6.00 -7.11
CA LEU A 72 -17.84 6.14 -6.81
C LEU A 72 -17.07 6.58 -8.07
N LEU A 73 -17.35 5.93 -9.20
CA LEU A 73 -16.82 6.26 -10.52
C LEU A 73 -17.18 7.70 -10.92
N ALA A 74 -18.44 8.11 -10.74
CA ALA A 74 -18.88 9.47 -11.04
C ALA A 74 -18.06 10.54 -10.28
N ALA A 75 -17.75 10.30 -9.00
CA ALA A 75 -16.90 11.18 -8.21
C ALA A 75 -15.42 11.15 -8.66
N LEU A 76 -14.84 9.96 -8.90
CA LEU A 76 -13.48 9.78 -9.45
C LEU A 76 -13.27 10.50 -10.79
N ARG A 77 -14.30 10.53 -11.66
CA ARG A 77 -14.28 11.23 -12.96
C ARG A 77 -14.20 12.76 -12.80
N ARG A 78 -14.90 13.35 -11.82
CA ARG A 78 -14.88 14.81 -11.56
C ARG A 78 -13.53 15.32 -11.05
N ILE A 79 -12.79 14.48 -10.30
CA ILE A 79 -11.45 14.79 -9.76
C ILE A 79 -10.31 14.36 -10.70
N GLN A 80 -10.61 13.94 -11.94
CA GLN A 80 -9.65 13.45 -12.94
C GLN A 80 -8.75 12.31 -12.41
N ARG A 81 -9.36 11.32 -11.75
CA ARG A 81 -8.71 10.11 -11.17
C ARG A 81 -9.15 8.81 -11.86
N ALA A 82 -9.50 8.88 -13.14
CA ALA A 82 -9.69 7.73 -14.03
C ALA A 82 -8.49 6.75 -14.07
N ASP A 83 -7.30 7.20 -13.69
CA ASP A 83 -6.10 6.37 -13.53
C ASP A 83 -6.30 5.22 -12.51
N LEU A 84 -6.87 5.54 -11.33
CA LEU A 84 -7.22 4.54 -10.31
C LEU A 84 -8.41 3.66 -10.75
N VAL A 85 -9.40 4.23 -11.46
CA VAL A 85 -10.53 3.48 -12.02
C VAL A 85 -10.04 2.33 -12.90
N GLU A 86 -9.13 2.60 -13.83
CA GLU A 86 -8.56 1.59 -14.72
C GLU A 86 -7.75 0.53 -13.94
N SER A 87 -6.93 0.94 -12.97
CA SER A 87 -6.20 0.01 -12.09
C SER A 87 -7.13 -0.94 -11.34
N LEU A 88 -8.23 -0.44 -10.77
CA LEU A 88 -9.22 -1.27 -10.06
C LEU A 88 -9.98 -2.22 -11.00
N CYS A 89 -10.38 -1.76 -12.18
CA CYS A 89 -10.98 -2.64 -13.20
C CYS A 89 -10.05 -3.79 -13.64
N SER A 90 -8.72 -3.55 -13.69
CA SER A 90 -7.73 -4.59 -13.99
C SER A 90 -7.35 -5.46 -12.78
N GLU A 91 -7.59 -5.03 -11.54
CA GLU A 91 -7.29 -5.81 -10.32
C GLU A 91 -8.52 -6.50 -9.70
N SER A 92 -9.63 -6.59 -10.45
CA SER A 92 -10.83 -7.32 -10.06
C SER A 92 -10.66 -8.85 -9.99
N THR A 93 -9.51 -9.38 -10.44
CA THR A 93 -9.17 -10.82 -10.56
C THR A 93 -8.61 -11.46 -9.28
N ALA A 94 -8.71 -10.80 -8.13
CA ALA A 94 -8.36 -11.35 -6.81
C ALA A 94 -9.38 -12.40 -6.27
N THR A 95 -9.19 -12.85 -5.02
CA THR A 95 -10.01 -13.88 -4.34
C THR A 95 -10.25 -13.51 -2.86
N SER A 96 -11.11 -14.25 -2.16
CA SER A 96 -11.42 -14.12 -0.72
C SER A 96 -10.18 -14.26 0.20
N PRO A 97 -10.24 -13.76 1.46
CA PRO A 97 -9.16 -13.87 2.44
C PRO A 97 -9.05 -15.28 3.05
N VAL A 98 -8.18 -15.43 4.07
CA VAL A 98 -7.87 -16.69 4.77
C VAL A 98 -8.04 -16.51 6.29
N ALA B 1 -2.90 -15.64 -5.65
CA ALA B 1 -2.06 -14.59 -5.05
C ALA B 1 -2.65 -13.20 -5.35
N GLN B 2 -2.88 -12.39 -4.32
CA GLN B 2 -3.16 -10.96 -4.47
C GLN B 2 -1.84 -10.22 -4.76
N THR B 3 -1.75 -9.64 -5.96
CA THR B 3 -0.56 -8.95 -6.49
C THR B 3 -1.00 -7.71 -7.28
N PHE B 4 -0.12 -6.72 -7.45
CA PHE B 4 -0.38 -5.50 -8.21
C PHE B 4 0.70 -5.27 -9.29
N LEU B 5 0.33 -4.56 -10.35
CA LEU B 5 1.30 -4.07 -11.33
C LEU B 5 2.09 -2.88 -10.76
N PHE B 6 3.41 -3.03 -10.75
CA PHE B 6 4.37 -1.98 -10.42
C PHE B 6 5.45 -1.98 -11.51
N GLN B 7 5.77 -0.84 -12.14
CA GLN B 7 6.76 -0.73 -13.22
C GLN B 7 6.67 -1.83 -14.32
N GLY B 8 5.47 -2.38 -14.58
CA GLY B 8 5.26 -3.47 -15.53
C GLY B 8 5.61 -4.89 -15.02
N GLN B 9 5.68 -5.08 -13.70
CA GLN B 9 6.12 -6.29 -13.00
C GLN B 9 5.15 -6.68 -11.87
N PRO B 10 4.79 -7.96 -11.71
CA PRO B 10 3.96 -8.44 -10.61
C PRO B 10 4.73 -8.53 -9.27
N VAL B 11 4.04 -8.23 -8.17
CA VAL B 11 4.56 -8.27 -6.79
C VAL B 11 3.42 -8.54 -5.79
N VAL B 12 3.57 -9.57 -4.95
CA VAL B 12 2.56 -9.96 -3.94
C VAL B 12 2.26 -8.78 -2.98
N ASN B 13 0.99 -8.44 -2.85
CA ASN B 13 0.52 -7.24 -2.17
C ASN B 13 0.08 -7.57 -0.74
N ARG B 14 1.04 -7.71 0.19
CA ARG B 14 0.78 -8.14 1.58
C ARG B 14 1.74 -7.46 2.59
N PRO B 15 1.49 -7.54 3.91
CA PRO B 15 2.43 -7.04 4.92
C PRO B 15 3.73 -7.84 4.96
N LEU B 16 4.85 -7.12 5.01
CA LEU B 16 6.19 -7.70 5.06
C LEU B 16 6.42 -8.43 6.40
N SER B 17 6.88 -9.68 6.32
CA SER B 17 7.21 -10.51 7.48
C SER B 17 8.67 -10.39 7.92
N LEU B 18 9.05 -11.14 8.96
CA LEU B 18 10.43 -11.22 9.47
C LEU B 18 11.45 -11.58 8.36
N LYS B 19 11.08 -12.47 7.44
CA LYS B 19 11.83 -12.79 6.20
C LYS B 19 12.15 -11.53 5.40
N ASP B 20 11.15 -10.69 5.15
CA ASP B 20 11.30 -9.50 4.31
C ASP B 20 12.21 -8.48 5.00
N GLN B 21 12.08 -8.31 6.32
CA GLN B 21 12.90 -7.42 7.13
C GLN B 21 14.39 -7.82 7.11
N GLN B 22 14.68 -9.12 7.26
CA GLN B 22 16.04 -9.67 7.18
C GLN B 22 16.61 -9.60 5.75
N THR B 23 15.87 -10.11 4.75
CA THR B 23 16.29 -10.09 3.34
C THR B 23 16.49 -8.67 2.84
N PHE B 24 15.65 -7.70 3.23
CA PHE B 24 15.87 -6.28 2.95
C PHE B 24 17.25 -5.81 3.38
N ALA B 25 17.57 -5.91 4.66
CA ALA B 25 18.84 -5.44 5.23
C ALA B 25 20.05 -6.11 4.55
N ARG B 26 19.90 -7.37 4.15
CA ARG B 26 20.89 -8.18 3.43
C ARG B 26 21.02 -7.89 1.93
N SER B 27 19.97 -7.36 1.29
CA SER B 27 19.87 -7.16 -0.16
C SER B 27 20.08 -5.71 -0.60
N VAL B 28 19.51 -4.72 0.12
CA VAL B 28 19.81 -3.30 -0.19
C VAL B 28 21.19 -2.88 0.29
N GLY B 29 21.71 -3.48 1.36
CA GLY B 29 22.97 -3.10 2.01
C GLY B 29 23.08 -1.59 2.25
N LEU B 30 23.88 -0.88 1.46
CA LEU B 30 24.01 0.58 1.50
C LEU B 30 22.71 1.35 1.14
N LYS B 31 21.90 0.83 0.20
CA LYS B 31 20.64 1.46 -0.24
C LYS B 31 19.55 1.53 0.83
N TRP B 32 19.72 0.91 1.99
CA TRP B 32 18.80 1.06 3.14
C TRP B 32 18.53 2.53 3.50
N ARG B 33 19.59 3.35 3.45
CA ARG B 33 19.56 4.79 3.73
C ARG B 33 18.71 5.55 2.73
N LYS B 34 18.76 5.18 1.44
CA LYS B 34 17.88 5.72 0.41
C LYS B 34 16.45 5.25 0.61
N VAL B 35 16.20 3.94 0.75
CA VAL B 35 14.86 3.38 0.90
C VAL B 35 14.11 4.02 2.07
N GLY B 36 14.76 4.19 3.22
CA GLY B 36 14.17 4.90 4.36
C GLY B 36 13.70 6.33 4.02
N ARG B 37 14.50 7.09 3.25
CA ARG B 37 14.19 8.46 2.79
C ARG B 37 13.12 8.47 1.68
N SER B 38 13.19 7.55 0.74
CA SER B 38 12.25 7.43 -0.37
C SER B 38 10.86 6.97 0.07
N LEU B 39 10.77 6.17 1.14
CA LEU B 39 9.52 5.77 1.77
C LEU B 39 8.78 6.96 2.41
N GLN B 40 9.47 8.03 2.79
CA GLN B 40 8.88 9.27 3.36
C GLN B 40 7.92 9.97 2.39
N ARG B 41 8.23 9.93 1.09
CA ARG B 41 7.39 10.45 -0.01
C ARG B 41 6.07 9.69 -0.21
N GLY B 42 6.02 8.40 0.14
CA GLY B 42 4.82 7.55 0.04
C GLY B 42 4.12 7.28 1.38
N CYS B 43 4.82 7.48 2.50
CA CYS B 43 4.35 7.22 3.85
C CYS B 43 4.88 8.29 4.82
N ARG B 44 4.13 9.40 4.96
CA ARG B 44 4.47 10.53 5.86
C ARG B 44 4.65 10.12 7.33
N ALA B 45 4.10 8.99 7.76
CA ALA B 45 4.33 8.40 9.08
C ALA B 45 5.81 8.16 9.43
N LEU B 46 6.68 8.13 8.42
CA LEU B 46 8.12 7.84 8.52
C LEU B 46 8.98 9.03 8.05
N ARG B 47 8.37 10.18 7.68
CA ARG B 47 9.08 11.39 7.20
C ARG B 47 9.95 12.08 8.26
N ASP B 48 9.66 11.83 9.52
CA ASP B 48 10.43 12.29 10.68
C ASP B 48 11.92 11.88 10.57
N PRO B 49 12.82 12.50 11.34
CA PRO B 49 14.24 12.09 11.45
C PRO B 49 14.44 10.73 12.16
N ALA B 50 13.51 9.79 11.99
CA ALA B 50 13.58 8.42 12.47
C ALA B 50 14.90 7.78 12.05
N LEU B 51 15.27 7.83 10.76
CA LEU B 51 16.56 7.37 10.22
C LEU B 51 17.78 7.83 11.03
N ASP B 52 17.77 9.07 11.52
CA ASP B 52 18.88 9.67 12.26
C ASP B 52 19.10 8.99 13.62
N SER B 53 18.01 8.68 14.33
CA SER B 53 18.04 7.88 15.56
C SER B 53 18.17 6.38 15.30
N LEU B 54 17.52 5.82 14.28
CA LEU B 54 17.64 4.42 13.87
C LEU B 54 19.10 4.06 13.55
N ALA B 55 19.80 4.89 12.78
CA ALA B 55 21.20 4.68 12.44
C ALA B 55 22.09 4.58 13.69
N TYR B 56 21.83 5.37 14.73
CA TYR B 56 22.61 5.42 15.96
C TYR B 56 22.20 4.36 17.00
N GLU B 57 20.90 4.06 17.14
CA GLU B 57 20.34 3.04 18.02
C GLU B 57 20.69 1.62 17.56
N TYR B 58 20.78 1.41 16.24
CA TYR B 58 21.05 0.12 15.62
C TYR B 58 22.48 0.01 15.04
N GLU B 59 23.32 1.03 15.27
CA GLU B 59 24.75 1.06 14.89
C GLU B 59 25.58 -0.09 15.50
N ARG B 60 25.08 -0.70 16.58
CA ARG B 60 25.65 -1.86 17.28
C ARG B 60 25.80 -3.10 16.39
N GLU B 61 24.77 -3.41 15.59
CA GLU B 61 24.80 -4.47 14.58
C GLU B 61 25.14 -3.94 13.18
N GLY B 62 24.95 -2.65 12.94
CA GLY B 62 25.22 -2.00 11.66
C GLY B 62 24.02 -2.06 10.71
N LEU B 63 24.28 -2.00 9.40
CA LEU B 63 23.30 -2.01 8.31
C LEU B 63 22.20 -3.08 8.50
N TYR B 64 22.57 -4.23 9.06
CA TYR B 64 21.68 -5.36 9.32
C TYR B 64 20.51 -4.99 10.26
N GLU B 65 20.76 -4.63 11.53
CA GLU B 65 19.70 -4.21 12.46
C GLU B 65 19.08 -2.86 12.08
N GLN B 66 19.89 -1.94 11.52
CA GLN B 66 19.45 -0.65 11.02
C GLN B 66 18.26 -0.75 10.07
N ALA B 67 18.39 -1.59 9.05
CA ALA B 67 17.39 -1.81 8.02
C ALA B 67 16.30 -2.82 8.43
N PHE B 68 16.63 -3.81 9.27
CA PHE B 68 15.68 -4.78 9.83
C PHE B 68 14.50 -4.14 10.57
N GLN B 69 14.76 -3.26 11.53
CA GLN B 69 13.70 -2.62 12.33
C GLN B 69 13.13 -1.34 11.68
N LEU B 70 13.82 -0.76 10.69
CA LEU B 70 13.25 0.28 9.80
C LEU B 70 11.99 -0.21 9.07
N LEU B 71 11.99 -1.45 8.60
CA LEU B 71 10.84 -2.09 7.96
C LEU B 71 9.67 -2.28 8.95
N ARG B 72 9.97 -2.65 10.21
CA ARG B 72 8.97 -2.74 11.29
C ARG B 72 8.35 -1.40 11.65
N ARG B 73 9.07 -0.29 11.46
CA ARG B 73 8.61 1.10 11.71
C ARG B 73 7.34 1.45 10.91
N PHE B 74 7.20 0.94 9.69
CA PHE B 74 5.97 1.02 8.89
C PHE B 74 4.85 0.09 9.41
N VAL B 75 5.19 -1.16 9.71
CA VAL B 75 4.25 -2.18 10.23
C VAL B 75 3.65 -1.76 11.58
N GLN B 76 4.39 -1.05 12.42
CA GLN B 76 3.91 -0.44 13.67
C GLN B 76 2.76 0.56 13.45
N ALA B 77 2.78 1.35 12.38
CA ALA B 77 1.74 2.33 12.07
C ALA B 77 0.38 1.70 11.72
N GLU B 78 0.39 0.49 11.13
CA GLU B 78 -0.84 -0.20 10.69
C GLU B 78 -0.72 -1.73 10.71
N GLY B 79 0.21 -2.29 9.94
CA GLY B 79 0.62 -3.71 9.91
C GLY B 79 -0.41 -4.70 9.34
N ARG B 80 -1.70 -4.54 9.63
CA ARG B 80 -2.79 -5.28 8.98
C ARG B 80 -3.05 -4.81 7.55
N ARG B 81 -3.02 -3.48 7.33
CA ARG B 81 -3.32 -2.81 6.05
C ARG B 81 -2.12 -2.21 5.34
N ALA B 82 -1.02 -2.00 6.06
CA ALA B 82 0.29 -1.71 5.48
C ALA B 82 0.77 -2.92 4.66
N THR B 83 1.24 -2.69 3.45
CA THR B 83 1.76 -3.75 2.56
C THR B 83 2.95 -3.24 1.72
N LEU B 84 3.62 -4.15 1.03
CA LEU B 84 4.75 -3.85 0.12
C LEU B 84 4.47 -2.70 -0.85
N GLN B 85 3.22 -2.47 -1.25
CA GLN B 85 2.77 -1.30 -2.04
C GLN B 85 3.47 0.03 -1.66
N ARG B 86 3.51 0.41 -0.38
CA ARG B 86 4.24 1.62 0.09
C ARG B 86 5.77 1.47 0.01
N LEU B 87 6.31 0.31 0.38
CA LEU B 87 7.73 -0.02 0.27
C LEU B 87 8.25 0.06 -1.19
N VAL B 88 7.49 -0.41 -2.17
CA VAL B 88 7.90 -0.40 -3.59
C VAL B 88 8.12 1.04 -4.10
N GLU B 89 7.29 2.00 -3.68
CA GLU B 89 7.45 3.42 -4.00
C GLU B 89 8.80 3.98 -3.49
N ALA B 90 9.34 3.41 -2.41
CA ALA B 90 10.66 3.75 -1.91
C ALA B 90 11.80 3.19 -2.79
N LEU B 91 11.63 1.98 -3.30
CA LEU B 91 12.59 1.33 -4.20
C LEU B 91 12.58 1.96 -5.61
N GLU B 92 11.41 2.40 -6.09
CA GLU B 92 11.26 3.11 -7.36
C GLU B 92 12.14 4.38 -7.48
N GLU B 93 12.42 5.07 -6.37
CA GLU B 93 13.30 6.26 -6.37
C GLU B 93 14.77 5.96 -6.70
N ASN B 94 15.28 4.76 -6.36
CA ASN B 94 16.63 4.33 -6.72
C ASN B 94 16.64 3.26 -7.84
N GLU B 95 15.55 3.16 -8.59
CA GLU B 95 15.36 2.20 -9.70
C GLU B 95 15.59 0.73 -9.27
N LEU B 96 15.23 0.39 -8.02
CA LEU B 96 15.41 -0.93 -7.43
C LEU B 96 14.32 -1.95 -7.85
N THR B 97 13.98 -1.96 -9.15
CA THR B 97 12.93 -2.83 -9.72
C THR B 97 13.17 -4.31 -9.40
N SER B 98 14.39 -4.81 -9.65
CA SER B 98 14.79 -6.19 -9.36
C SER B 98 14.85 -6.50 -7.86
N LEU B 99 15.08 -5.50 -7.01
CA LEU B 99 15.10 -5.66 -5.56
C LEU B 99 13.68 -5.73 -4.98
N ALA B 100 12.72 -4.99 -5.54
CA ALA B 100 11.34 -4.96 -5.08
C ALA B 100 10.64 -6.33 -5.21
N GLU B 101 10.90 -7.08 -6.28
CA GLU B 101 10.46 -8.48 -6.39
C GLU B 101 11.33 -9.44 -5.56
N ASP B 102 12.66 -9.33 -5.59
CA ASP B 102 13.57 -10.21 -4.84
C ASP B 102 13.35 -10.13 -3.32
N LEU B 103 12.85 -8.99 -2.81
CA LEU B 103 12.49 -8.78 -1.40
C LEU B 103 11.50 -9.83 -0.85
N LEU B 104 10.43 -10.10 -1.61
CA LEU B 104 9.41 -11.09 -1.24
C LEU B 104 9.92 -12.53 -1.47
N GLY B 105 11.10 -12.70 -2.06
CA GLY B 105 11.71 -13.99 -2.38
C GLY B 105 11.35 -14.49 -3.79
N LEU B 106 10.89 -13.63 -4.71
CA LEU B 106 10.60 -14.01 -6.11
C LEU B 106 11.81 -14.55 -6.89
N THR B 107 13.03 -14.44 -6.36
CA THR B 107 14.26 -15.08 -6.88
C THR B 107 14.23 -16.63 -6.86
N ASP B 108 13.31 -17.26 -6.13
CA ASP B 108 13.17 -18.72 -6.04
C ASP B 108 12.37 -19.33 -7.23
N PRO B 109 12.53 -20.64 -7.52
CA PRO B 109 11.82 -21.37 -8.57
C PRO B 109 10.33 -21.68 -8.26
N ASN B 110 9.70 -20.94 -7.34
CA ASN B 110 8.31 -21.10 -6.86
C ASN B 110 7.90 -22.56 -6.52
N GLY B 111 8.84 -23.36 -5.99
CA GLY B 111 8.68 -24.81 -5.81
C GLY B 111 9.81 -25.46 -5.00
N GLY B 112 10.17 -24.91 -3.84
CA GLY B 112 11.28 -25.37 -3.00
C GLY B 112 10.84 -26.11 -1.73
N LEU B 113 10.38 -25.36 -0.72
CA LEU B 113 9.88 -25.88 0.56
C LEU B 113 8.74 -25.00 1.13
N ALA B 114 8.22 -25.32 2.32
CA ALA B 114 7.21 -24.56 3.05
C ALA B 114 7.58 -23.07 3.26
N LYS A 1 -25.61 7.00 -12.85
CA LYS A 1 -24.65 6.29 -13.75
C LYS A 1 -25.17 4.93 -14.30
N GLY A 2 -24.31 4.16 -14.96
CA GLY A 2 -24.65 2.96 -15.76
C GLY A 2 -23.80 1.72 -15.43
N ASP A 3 -24.04 1.13 -14.26
CA ASP A 3 -23.37 -0.06 -13.72
C ASP A 3 -24.34 -0.89 -12.83
N GLY A 4 -23.84 -1.70 -11.89
CA GLY A 4 -24.67 -2.37 -10.87
C GLY A 4 -23.88 -3.13 -9.81
N GLY A 5 -24.33 -3.03 -8.55
CA GLY A 5 -23.75 -3.70 -7.37
C GLY A 5 -23.56 -2.75 -6.18
N LEU A 6 -23.27 -3.31 -5.01
CA LEU A 6 -22.96 -2.60 -3.76
C LEU A 6 -21.51 -2.90 -3.36
N TYR A 7 -20.70 -1.87 -3.13
CA TYR A 7 -19.33 -1.99 -2.63
C TYR A 7 -19.31 -2.69 -1.25
N SER A 8 -20.34 -2.46 -0.43
CA SER A 8 -20.59 -3.15 0.85
C SER A 8 -20.85 -4.66 0.73
N SER A 9 -21.31 -5.12 -0.44
CA SER A 9 -21.63 -6.53 -0.72
C SER A 9 -20.38 -7.37 -1.06
N LEU A 10 -19.30 -6.73 -1.52
CA LEU A 10 -18.01 -7.38 -1.81
C LEU A 10 -17.34 -7.97 -0.54
N PRO A 11 -16.55 -9.06 -0.66
CA PRO A 11 -15.87 -9.68 0.46
C PRO A 11 -14.73 -8.80 1.03
N PRO A 12 -14.27 -9.05 2.28
CA PRO A 12 -13.25 -8.22 2.92
C PRO A 12 -11.91 -8.22 2.16
N ALA A 13 -11.53 -9.34 1.54
CA ALA A 13 -10.34 -9.46 0.69
C ALA A 13 -10.37 -8.50 -0.51
N LYS A 14 -11.51 -8.39 -1.20
CA LYS A 14 -11.69 -7.46 -2.35
C LYS A 14 -11.58 -5.98 -1.94
N ARG A 15 -12.02 -5.62 -0.73
CA ARG A 15 -11.84 -4.25 -0.22
C ARG A 15 -10.36 -3.94 0.06
N GLU A 16 -9.65 -4.91 0.63
CA GLU A 16 -8.19 -4.87 0.77
C GLU A 16 -7.51 -4.64 -0.59
N GLU A 17 -7.91 -5.32 -1.67
CA GLU A 17 -7.36 -5.06 -3.03
C GLU A 17 -7.41 -3.58 -3.43
N VAL A 18 -8.51 -2.86 -3.15
CA VAL A 18 -8.62 -1.42 -3.41
C VAL A 18 -7.65 -0.62 -2.53
N GLU A 19 -7.67 -0.92 -1.23
CA GLU A 19 -6.87 -0.27 -0.17
C GLU A 19 -5.35 -0.48 -0.37
N LYS A 20 -4.97 -1.56 -1.06
CA LYS A 20 -3.60 -1.89 -1.51
C LYS A 20 -3.25 -1.19 -2.81
N LEU A 21 -4.11 -1.25 -3.84
CA LEU A 21 -3.80 -0.76 -5.19
C LEU A 21 -3.35 0.71 -5.20
N LEU A 22 -4.11 1.56 -4.51
CA LEU A 22 -3.85 3.01 -4.41
C LEU A 22 -2.74 3.37 -3.40
N ASN A 23 -2.39 2.45 -2.49
CA ASN A 23 -1.38 2.66 -1.45
C ASN A 23 0.00 2.98 -2.05
N GLY A 24 0.33 2.34 -3.19
CA GLY A 24 1.51 2.59 -4.02
C GLY A 24 1.15 3.35 -5.30
N SER A 25 0.59 4.55 -5.13
CA SER A 25 0.21 5.50 -6.19
C SER A 25 0.43 6.96 -5.73
N ALA A 26 0.08 7.93 -6.58
CA ALA A 26 -0.06 9.34 -6.19
C ALA A 26 -1.01 9.53 -4.98
N GLY A 27 -0.93 10.70 -4.32
CA GLY A 27 -1.73 11.13 -3.16
C GLY A 27 -3.15 10.53 -3.13
N ASP A 28 -3.43 9.76 -2.08
CA ASP A 28 -4.53 8.79 -1.98
C ASP A 28 -5.86 9.33 -2.52
N THR A 29 -6.58 8.53 -3.33
CA THR A 29 -7.85 8.92 -3.98
C THR A 29 -8.96 9.34 -3.02
N TRP A 30 -8.88 8.91 -1.75
CA TRP A 30 -9.80 9.31 -0.67
C TRP A 30 -9.98 10.83 -0.56
N ARG A 31 -8.94 11.65 -0.81
CA ARG A 31 -8.98 13.13 -0.75
C ARG A 31 -9.88 13.71 -1.84
N HIS A 32 -9.73 13.18 -3.05
CA HIS A 32 -10.51 13.57 -4.21
C HIS A 32 -11.96 13.05 -4.09
N LEU A 33 -12.13 11.79 -3.71
CA LEU A 33 -13.44 11.15 -3.49
C LEU A 33 -14.24 11.85 -2.36
N ALA A 34 -13.64 12.19 -1.22
CA ALA A 34 -14.32 12.86 -0.12
C ALA A 34 -14.96 14.20 -0.58
N GLY A 35 -14.23 15.00 -1.36
CA GLY A 35 -14.73 16.25 -1.93
C GLY A 35 -15.93 16.06 -2.86
N GLU A 36 -15.91 15.04 -3.74
CA GLU A 36 -17.04 14.74 -4.64
C GLU A 36 -18.25 14.09 -3.95
N LEU A 37 -18.01 13.21 -2.97
CA LEU A 37 -19.05 12.61 -2.11
C LEU A 37 -19.74 13.64 -1.18
N GLY A 38 -19.18 14.85 -1.05
CA GLY A 38 -19.66 15.89 -0.14
C GLY A 38 -19.35 15.58 1.34
N TYR A 39 -18.33 14.76 1.62
CA TYR A 39 -17.86 14.47 2.98
C TYR A 39 -17.26 15.74 3.64
N GLN A 40 -17.72 16.03 4.85
CA GLN A 40 -17.28 17.19 5.65
C GLN A 40 -15.77 17.13 5.97
N PRO A 41 -15.07 18.28 6.09
CA PRO A 41 -13.63 18.32 6.31
C PRO A 41 -13.21 17.69 7.64
N GLU A 42 -14.03 17.82 8.68
CA GLU A 42 -13.78 17.22 9.99
C GLU A 42 -13.93 15.69 10.03
N HIS A 43 -14.74 15.09 9.15
CA HIS A 43 -14.78 13.64 8.96
C HIS A 43 -13.47 13.13 8.33
N ILE A 44 -13.00 13.80 7.26
CA ILE A 44 -11.71 13.50 6.61
C ILE A 44 -10.58 13.54 7.67
N ASP A 45 -10.51 14.62 8.45
CA ASP A 45 -9.51 14.76 9.53
C ASP A 45 -9.68 13.77 10.70
N SER A 46 -10.88 13.23 10.96
CA SER A 46 -11.08 12.14 11.93
C SER A 46 -10.54 10.79 11.40
N PHE A 47 -10.72 10.50 10.12
CA PHE A 47 -10.23 9.26 9.48
C PHE A 47 -8.70 9.16 9.41
N THR A 48 -7.93 10.26 9.59
CA THR A 48 -6.45 10.21 9.69
C THR A 48 -5.93 9.56 10.98
N HIS A 49 -6.81 9.15 11.91
CA HIS A 49 -6.48 8.31 13.07
C HIS A 49 -5.67 7.04 12.69
N GLU A 50 -5.90 6.53 11.48
CA GLU A 50 -5.29 5.30 10.97
C GLU A 50 -4.32 5.61 9.81
N ALA A 51 -3.18 4.89 9.75
CA ALA A 51 -2.13 5.13 8.77
C ALA A 51 -2.53 4.85 7.29
N CYS A 52 -3.68 4.21 7.06
CA CYS A 52 -4.31 4.02 5.74
C CYS A 52 -5.63 4.81 5.69
N PRO A 53 -5.62 6.16 5.60
CA PRO A 53 -6.83 6.97 5.71
C PRO A 53 -7.89 6.64 4.62
N VAL A 54 -7.43 6.18 3.45
CA VAL A 54 -8.27 5.58 2.40
C VAL A 54 -9.11 4.38 2.86
N ARG A 55 -8.52 3.46 3.64
CA ARG A 55 -9.25 2.28 4.17
C ARG A 55 -10.40 2.71 5.06
N ALA A 56 -10.20 3.77 5.84
CA ALA A 56 -11.21 4.33 6.73
C ALA A 56 -12.34 4.99 5.95
N LEU A 57 -12.05 5.75 4.87
CA LEU A 57 -13.11 6.33 4.01
C LEU A 57 -13.92 5.21 3.33
N LEU A 58 -13.27 4.27 2.66
CA LEU A 58 -13.93 3.18 1.94
C LEU A 58 -14.79 2.31 2.88
N ALA A 59 -14.28 2.00 4.08
CA ALA A 59 -15.00 1.23 5.10
C ALA A 59 -16.19 2.00 5.69
N SER A 60 -16.05 3.29 6.04
CA SER A 60 -17.19 4.09 6.52
C SER A 60 -18.20 4.41 5.43
N TRP A 61 -17.78 4.51 4.17
CA TRP A 61 -18.71 4.69 3.05
C TRP A 61 -19.69 3.49 2.96
N ALA A 62 -19.20 2.26 3.14
CA ALA A 62 -20.00 1.05 3.21
C ALA A 62 -21.02 1.00 4.38
N THR A 63 -21.04 1.96 5.31
CA THR A 63 -22.07 2.07 6.37
C THR A 63 -23.48 2.44 5.84
N GLN A 64 -23.59 2.87 4.58
CA GLN A 64 -24.81 3.38 3.96
C GLN A 64 -25.04 2.76 2.57
N ASP A 65 -26.32 2.65 2.18
CA ASP A 65 -26.74 2.12 0.87
C ASP A 65 -26.27 2.98 -0.33
N SER A 66 -25.85 4.23 -0.09
CA SER A 66 -25.19 5.09 -1.07
C SER A 66 -23.88 4.50 -1.63
N ALA A 67 -23.30 3.49 -0.96
CA ALA A 67 -22.09 2.77 -1.35
C ALA A 67 -22.23 1.88 -2.60
N THR A 68 -23.12 2.21 -3.55
CA THR A 68 -23.23 1.44 -4.80
C THR A 68 -21.96 1.61 -5.64
N LEU A 69 -21.56 0.57 -6.38
CA LEU A 69 -20.44 0.67 -7.32
C LEU A 69 -20.73 1.79 -8.35
N ASP A 70 -21.99 1.86 -8.79
CA ASP A 70 -22.53 2.88 -9.70
C ASP A 70 -22.25 4.33 -9.24
N ALA A 71 -22.48 4.63 -7.96
CA ALA A 71 -22.18 5.92 -7.34
C ALA A 71 -20.67 6.17 -7.16
N LEU A 72 -19.88 5.14 -6.85
CA LEU A 72 -18.42 5.24 -6.68
C LEU A 72 -17.76 5.63 -8.02
N LEU A 73 -18.18 4.98 -9.11
CA LEU A 73 -17.74 5.28 -10.48
C LEU A 73 -18.07 6.71 -10.89
N ALA A 74 -19.27 7.20 -10.59
CA ALA A 74 -19.68 8.58 -10.88
C ALA A 74 -18.72 9.59 -10.23
N ALA A 75 -18.40 9.42 -8.94
CA ALA A 75 -17.45 10.27 -8.23
C ALA A 75 -16.02 10.14 -8.80
N LEU A 76 -15.52 8.92 -9.05
CA LEU A 76 -14.21 8.64 -9.68
C LEU A 76 -14.04 9.33 -11.06
N ARG A 77 -15.10 9.39 -11.87
CA ARG A 77 -15.08 10.08 -13.17
C ARG A 77 -14.94 11.59 -13.03
N ARG A 78 -15.68 12.22 -12.10
CA ARG A 78 -15.65 13.68 -11.85
C ARG A 78 -14.28 14.19 -11.42
N ILE A 79 -13.49 13.36 -10.73
CA ILE A 79 -12.11 13.65 -10.30
C ILE A 79 -11.04 13.16 -11.30
N GLN A 80 -11.44 12.69 -12.49
CA GLN A 80 -10.55 12.16 -13.54
C GLN A 80 -9.63 11.00 -13.05
N ARG A 81 -10.23 10.05 -12.32
CA ARG A 81 -9.57 8.84 -11.76
C ARG A 81 -10.09 7.53 -12.37
N ALA A 82 -10.51 7.58 -13.64
CA ALA A 82 -10.82 6.41 -14.46
C ALA A 82 -9.66 5.39 -14.57
N ASP A 83 -8.41 5.80 -14.28
CA ASP A 83 -7.25 4.92 -14.09
C ASP A 83 -7.50 3.83 -13.03
N LEU A 84 -7.97 4.21 -11.83
CA LEU A 84 -8.32 3.26 -10.76
C LEU A 84 -9.56 2.42 -11.12
N VAL A 85 -10.54 2.99 -11.84
CA VAL A 85 -11.71 2.25 -12.35
C VAL A 85 -11.27 1.05 -13.20
N GLU A 86 -10.42 1.29 -14.20
CA GLU A 86 -9.91 0.24 -15.10
C GLU A 86 -9.10 -0.83 -14.34
N SER A 87 -8.24 -0.41 -13.39
CA SER A 87 -7.48 -1.34 -12.56
C SER A 87 -8.39 -2.22 -11.70
N LEU A 88 -9.41 -1.67 -11.02
CA LEU A 88 -10.35 -2.44 -10.20
C LEU A 88 -11.20 -3.42 -11.02
N CYS A 89 -11.63 -3.01 -12.23
CA CYS A 89 -12.38 -3.87 -13.16
C CYS A 89 -11.55 -5.09 -13.62
N SER A 90 -10.21 -4.98 -13.63
CA SER A 90 -9.27 -6.05 -14.00
C SER A 90 -8.64 -6.79 -12.81
N GLU A 91 -8.68 -6.23 -11.59
CA GLU A 91 -8.27 -6.90 -10.35
C GLU A 91 -9.22 -8.03 -9.92
N SER A 92 -10.49 -7.97 -10.33
CA SER A 92 -11.54 -8.98 -10.07
C SER A 92 -11.38 -10.28 -10.91
N THR A 93 -10.13 -10.78 -11.01
CA THR A 93 -9.69 -11.92 -11.84
C THR A 93 -8.80 -12.86 -11.01
N ALA A 94 -9.26 -13.15 -9.78
CA ALA A 94 -8.67 -14.17 -8.90
C ALA A 94 -9.33 -15.55 -9.13
N THR A 95 -8.96 -16.53 -8.30
CA THR A 95 -9.44 -17.93 -8.32
C THR A 95 -10.00 -18.32 -6.93
N SER A 96 -10.37 -19.60 -6.75
CA SER A 96 -10.86 -20.18 -5.49
C SER A 96 -9.92 -19.91 -4.28
N PRO A 97 -10.44 -19.93 -3.03
CA PRO A 97 -9.62 -19.74 -1.84
C PRO A 97 -8.65 -20.92 -1.62
N VAL A 98 -7.41 -20.61 -1.20
CA VAL A 98 -6.33 -21.57 -0.89
C VAL A 98 -6.58 -22.31 0.43
N ALA B 1 -3.54 -15.80 -4.87
CA ALA B 1 -2.58 -14.85 -4.34
C ALA B 1 -2.92 -13.43 -4.81
N GLN B 2 -3.06 -12.49 -3.88
CA GLN B 2 -3.25 -11.08 -4.23
C GLN B 2 -1.91 -10.51 -4.72
N THR B 3 -1.93 -9.93 -5.91
CA THR B 3 -0.76 -9.40 -6.64
C THR B 3 -1.13 -8.07 -7.29
N PHE B 4 -0.12 -7.24 -7.59
CA PHE B 4 -0.30 -5.96 -8.28
C PHE B 4 0.74 -5.78 -9.37
N LEU B 5 0.42 -4.88 -10.31
CA LEU B 5 1.35 -4.41 -11.33
C LEU B 5 2.10 -3.18 -10.84
N PHE B 6 3.43 -3.24 -10.90
CA PHE B 6 4.34 -2.15 -10.58
C PHE B 6 5.43 -2.12 -11.66
N GLN B 7 5.68 -0.97 -12.30
CA GLN B 7 6.66 -0.81 -13.38
C GLN B 7 6.63 -1.92 -14.48
N GLY B 8 5.45 -2.50 -14.76
CA GLY B 8 5.26 -3.59 -15.73
C GLY B 8 5.70 -4.98 -15.23
N GLN B 9 5.79 -5.19 -13.91
CA GLN B 9 6.28 -6.40 -13.26
C GLN B 9 5.29 -6.87 -12.16
N PRO B 10 5.00 -8.19 -12.06
CA PRO B 10 4.17 -8.76 -10.99
C PRO B 10 4.91 -8.83 -9.65
N VAL B 11 4.17 -8.59 -8.57
CA VAL B 11 4.63 -8.66 -7.17
C VAL B 11 3.45 -9.03 -6.28
N VAL B 12 3.69 -9.90 -5.28
CA VAL B 12 2.69 -10.26 -4.25
C VAL B 12 2.37 -9.05 -3.38
N ASN B 13 1.09 -8.79 -3.15
CA ASN B 13 0.57 -7.65 -2.41
C ASN B 13 0.22 -8.08 -0.98
N ARG B 14 1.16 -8.01 -0.03
CA ARG B 14 0.91 -8.40 1.37
C ARG B 14 1.82 -7.66 2.38
N PRO B 15 1.54 -7.70 3.70
CA PRO B 15 2.42 -7.15 4.74
C PRO B 15 3.75 -7.91 4.84
N LEU B 16 4.84 -7.16 5.00
CA LEU B 16 6.21 -7.69 5.09
C LEU B 16 6.45 -8.43 6.42
N SER B 17 6.90 -9.70 6.32
CA SER B 17 7.21 -10.57 7.46
C SER B 17 8.67 -10.43 7.93
N LEU B 18 9.06 -11.23 8.93
CA LEU B 18 10.43 -11.34 9.47
C LEU B 18 11.45 -11.70 8.36
N LYS B 19 11.07 -12.60 7.44
CA LYS B 19 11.82 -12.91 6.21
C LYS B 19 12.13 -11.64 5.41
N ASP B 20 11.11 -10.82 5.18
CA ASP B 20 11.24 -9.60 4.38
C ASP B 20 12.15 -8.59 5.09
N GLN B 21 11.97 -8.42 6.41
CA GLN B 21 12.77 -7.53 7.25
C GLN B 21 14.27 -7.92 7.24
N GLN B 22 14.60 -9.21 7.40
CA GLN B 22 15.99 -9.70 7.32
C GLN B 22 16.56 -9.62 5.89
N THR B 23 15.85 -10.17 4.91
CA THR B 23 16.29 -10.17 3.51
C THR B 23 16.47 -8.75 2.99
N PHE B 24 15.62 -7.80 3.36
CA PHE B 24 15.82 -6.38 3.06
C PHE B 24 17.21 -5.92 3.49
N ALA B 25 17.51 -6.01 4.78
CA ALA B 25 18.79 -5.57 5.34
C ALA B 25 20.00 -6.20 4.65
N ARG B 26 19.88 -7.49 4.33
CA ARG B 26 20.90 -8.31 3.66
C ARG B 26 21.04 -8.04 2.15
N SER B 27 20.01 -7.47 1.49
CA SER B 27 19.96 -7.25 0.05
C SER B 27 20.17 -5.79 -0.37
N VAL B 28 19.66 -4.80 0.37
CA VAL B 28 19.94 -3.38 0.07
C VAL B 28 21.38 -3.00 0.42
N GLY B 29 21.96 -3.56 1.50
CA GLY B 29 23.27 -3.19 2.02
C GLY B 29 23.42 -1.67 2.19
N LEU B 30 24.19 -1.01 1.31
CA LEU B 30 24.33 0.45 1.25
C LEU B 30 23.01 1.20 0.96
N LYS B 31 22.11 0.63 0.16
CA LYS B 31 20.82 1.22 -0.23
C LYS B 31 19.79 1.34 0.90
N TRP B 32 20.08 0.85 2.11
CA TRP B 32 19.22 1.00 3.29
C TRP B 32 18.82 2.46 3.55
N ARG B 33 19.79 3.37 3.44
CA ARG B 33 19.64 4.82 3.66
C ARG B 33 18.74 5.44 2.60
N LYS B 34 18.96 5.05 1.34
CA LYS B 34 18.22 5.51 0.17
C LYS B 34 16.74 5.08 0.20
N VAL B 35 16.45 3.82 0.49
CA VAL B 35 15.06 3.34 0.69
C VAL B 35 14.39 4.10 1.83
N GLY B 36 15.07 4.24 2.98
CA GLY B 36 14.60 5.07 4.09
C GLY B 36 14.20 6.47 3.63
N ARG B 37 15.10 7.21 2.96
CA ARG B 37 14.85 8.57 2.45
C ARG B 37 13.70 8.65 1.45
N SER B 38 13.55 7.69 0.55
CA SER B 38 12.42 7.64 -0.39
C SER B 38 11.10 7.32 0.31
N LEU B 39 11.11 6.44 1.32
CA LEU B 39 9.95 6.10 2.15
C LEU B 39 9.50 7.28 3.02
N GLN B 40 10.42 8.15 3.46
CA GLN B 40 10.12 9.39 4.18
C GLN B 40 9.19 10.31 3.37
N ARG B 41 9.47 10.55 2.08
CA ARG B 41 8.54 11.30 1.20
C ARG B 41 7.26 10.48 0.92
N GLY B 42 7.40 9.18 0.65
CA GLY B 42 6.33 8.27 0.25
C GLY B 42 5.19 8.13 1.29
N CYS B 43 5.52 8.16 2.59
CA CYS B 43 4.56 8.06 3.70
C CYS B 43 4.93 9.00 4.85
N ARG B 44 4.02 9.92 5.19
CA ARG B 44 4.17 10.88 6.31
C ARG B 44 4.35 10.21 7.68
N ALA B 45 3.83 8.99 7.86
CA ALA B 45 4.08 8.15 9.03
C ALA B 45 5.57 7.81 9.27
N LEU B 46 6.44 8.02 8.26
CA LEU B 46 7.88 7.74 8.27
C LEU B 46 8.73 8.97 7.87
N ARG B 47 8.13 10.16 7.71
CA ARG B 47 8.82 11.40 7.29
C ARG B 47 9.58 12.13 8.41
N ASP B 48 9.35 11.73 9.65
CA ASP B 48 10.00 12.22 10.86
C ASP B 48 11.55 12.08 10.77
N PRO B 49 12.37 12.71 11.65
CA PRO B 49 13.80 12.42 11.77
C PRO B 49 14.12 11.02 12.37
N ALA B 50 13.23 10.04 12.17
CA ALA B 50 13.37 8.65 12.60
C ALA B 50 14.72 8.06 12.18
N LEU B 51 15.11 8.19 10.90
CA LEU B 51 16.39 7.69 10.37
C LEU B 51 17.61 8.15 11.20
N ASP B 52 17.57 9.36 11.75
CA ASP B 52 18.66 9.95 12.54
C ASP B 52 18.88 9.20 13.86
N SER B 53 17.79 8.82 14.54
CA SER B 53 17.84 7.95 15.73
C SER B 53 18.01 6.47 15.37
N LEU B 54 17.38 5.95 14.32
CA LEU B 54 17.55 4.57 13.84
C LEU B 54 19.02 4.24 13.57
N ALA B 55 19.73 5.13 12.87
CA ALA B 55 21.15 4.95 12.57
C ALA B 55 22.00 4.73 13.84
N TYR B 56 21.70 5.45 14.92
CA TYR B 56 22.46 5.46 16.17
C TYR B 56 22.00 4.38 17.17
N GLU B 57 20.70 4.14 17.29
CA GLU B 57 20.10 3.08 18.11
C GLU B 57 20.48 1.67 17.61
N TYR B 58 20.67 1.51 16.30
CA TYR B 58 20.98 0.23 15.64
C TYR B 58 22.43 0.14 15.12
N GLU B 59 23.25 1.16 15.39
CA GLU B 59 24.69 1.22 15.05
C GLU B 59 25.50 0.05 15.66
N ARG B 60 25.00 -0.54 16.75
CA ARG B 60 25.56 -1.68 17.48
C ARG B 60 25.75 -2.92 16.60
N GLU B 61 24.76 -3.23 15.76
CA GLU B 61 24.80 -4.32 14.77
C GLU B 61 25.12 -3.82 13.35
N GLY B 62 25.01 -2.50 13.12
CA GLY B 62 25.30 -1.86 11.85
C GLY B 62 24.12 -1.96 10.87
N LEU B 63 24.44 -1.92 9.57
CA LEU B 63 23.52 -1.97 8.42
C LEU B 63 22.40 -3.01 8.60
N TYR B 64 22.73 -4.17 9.19
CA TYR B 64 21.85 -5.30 9.43
C TYR B 64 20.66 -4.94 10.35
N GLU B 65 20.89 -4.56 11.60
CA GLU B 65 19.80 -4.13 12.51
C GLU B 65 19.18 -2.80 12.05
N GLN B 66 19.99 -1.88 11.52
CA GLN B 66 19.55 -0.58 10.99
C GLN B 66 18.40 -0.73 9.99
N ALA B 67 18.60 -1.57 8.97
CA ALA B 67 17.64 -1.82 7.91
C ALA B 67 16.52 -2.81 8.33
N PHE B 68 16.82 -3.76 9.22
CA PHE B 68 15.86 -4.77 9.72
C PHE B 68 14.67 -4.14 10.45
N GLN B 69 14.92 -3.24 11.41
CA GLN B 69 13.84 -2.61 12.20
C GLN B 69 13.30 -1.32 11.55
N LEU B 70 14.00 -0.74 10.57
CA LEU B 70 13.46 0.28 9.64
C LEU B 70 12.23 -0.23 8.88
N LEU B 71 12.26 -1.49 8.43
CA LEU B 71 11.12 -2.16 7.79
C LEU B 71 9.96 -2.40 8.75
N ARG B 72 10.24 -2.75 10.00
CA ARG B 72 9.22 -2.86 11.07
C ARG B 72 8.53 -1.54 11.39
N ARG B 73 9.21 -0.41 11.19
CA ARG B 73 8.66 0.95 11.44
C ARG B 73 7.41 1.26 10.61
N PHE B 74 7.33 0.79 9.37
CA PHE B 74 6.12 0.91 8.54
C PHE B 74 5.03 -0.08 8.98
N VAL B 75 5.41 -1.32 9.33
CA VAL B 75 4.47 -2.35 9.85
C VAL B 75 3.85 -1.90 11.19
N GLN B 76 4.58 -1.18 12.04
CA GLN B 76 4.06 -0.56 13.28
C GLN B 76 2.89 0.40 13.01
N ALA B 77 2.92 1.15 11.91
CA ALA B 77 1.88 2.13 11.57
C ALA B 77 0.52 1.49 11.25
N GLU B 78 0.48 0.23 10.78
CA GLU B 78 -0.78 -0.49 10.52
C GLU B 78 -0.62 -2.03 10.60
N GLY B 79 0.24 -2.62 9.78
CA GLY B 79 0.63 -4.04 9.79
C GLY B 79 -0.43 -5.05 9.31
N ARG B 80 -1.71 -4.88 9.67
CA ARG B 80 -2.85 -5.62 9.09
C ARG B 80 -3.11 -5.24 7.62
N ARG B 81 -2.95 -3.95 7.31
CA ARG B 81 -3.34 -3.29 6.03
C ARG B 81 -2.19 -2.53 5.33
N ALA B 82 -1.05 -2.35 6.02
CA ALA B 82 0.21 -2.02 5.37
C ALA B 82 0.62 -3.15 4.41
N THR B 83 1.11 -2.82 3.21
CA THR B 83 1.65 -3.81 2.26
C THR B 83 2.83 -3.25 1.49
N LEU B 84 3.60 -4.14 0.84
CA LEU B 84 4.77 -3.80 0.04
C LEU B 84 4.53 -2.62 -0.92
N GLN B 85 3.33 -2.43 -1.48
CA GLN B 85 2.93 -1.26 -2.29
C GLN B 85 3.61 0.07 -1.90
N ARG B 86 3.53 0.45 -0.62
CA ARG B 86 4.12 1.69 -0.10
C ARG B 86 5.66 1.68 -0.03
N LEU B 87 6.26 0.51 0.26
CA LEU B 87 7.71 0.26 0.18
C LEU B 87 8.19 0.27 -1.29
N VAL B 88 7.45 -0.30 -2.24
CA VAL B 88 7.80 -0.28 -3.68
C VAL B 88 7.86 1.15 -4.24
N GLU B 89 6.95 2.03 -3.81
CA GLU B 89 6.97 3.46 -4.15
C GLU B 89 8.26 4.16 -3.67
N ALA B 90 8.88 3.68 -2.59
CA ALA B 90 10.20 4.15 -2.14
C ALA B 90 11.33 3.55 -3.01
N LEU B 91 11.29 2.26 -3.34
CA LEU B 91 12.29 1.58 -4.20
C LEU B 91 12.29 2.12 -5.65
N GLU B 92 11.13 2.50 -6.17
CA GLU B 92 10.94 3.09 -7.50
C GLU B 92 11.76 4.37 -7.72
N GLU B 93 11.91 5.23 -6.70
CA GLU B 93 12.73 6.45 -6.79
C GLU B 93 14.23 6.16 -7.02
N ASN B 94 14.68 4.94 -6.69
CA ASN B 94 16.06 4.50 -6.86
C ASN B 94 16.19 3.38 -7.92
N GLU B 95 15.16 3.17 -8.73
CA GLU B 95 15.11 2.16 -9.80
C GLU B 95 15.36 0.72 -9.29
N LEU B 96 15.07 0.44 -8.00
CA LEU B 96 15.24 -0.88 -7.34
C LEU B 96 14.15 -1.90 -7.75
N THR B 97 13.75 -1.91 -9.02
CA THR B 97 12.73 -2.80 -9.60
C THR B 97 13.04 -4.28 -9.33
N SER B 98 14.29 -4.70 -9.50
CA SER B 98 14.75 -6.07 -9.24
C SER B 98 14.83 -6.40 -7.75
N LEU B 99 14.98 -5.40 -6.87
CA LEU B 99 15.03 -5.60 -5.42
C LEU B 99 13.62 -5.73 -4.84
N ALA B 100 12.65 -4.93 -5.28
CA ALA B 100 11.26 -4.98 -4.81
C ALA B 100 10.60 -6.36 -5.00
N GLU B 101 10.95 -7.08 -6.08
CA GLU B 101 10.53 -8.48 -6.29
C GLU B 101 11.40 -9.49 -5.52
N ASP B 102 12.72 -9.34 -5.49
CA ASP B 102 13.63 -10.18 -4.67
C ASP B 102 13.27 -10.18 -3.17
N LEU B 103 12.76 -9.05 -2.64
CA LEU B 103 12.36 -8.85 -1.25
C LEU B 103 11.37 -9.90 -0.74
N LEU B 104 10.29 -10.15 -1.50
CA LEU B 104 9.28 -11.15 -1.15
C LEU B 104 9.76 -12.60 -1.41
N GLY B 105 10.97 -12.76 -1.98
CA GLY B 105 11.52 -14.05 -2.41
C GLY B 105 11.11 -14.46 -3.81
N LEU B 106 10.65 -13.54 -4.69
CA LEU B 106 10.21 -13.86 -6.06
C LEU B 106 11.35 -14.47 -6.93
N THR B 107 12.61 -14.28 -6.52
CA THR B 107 13.81 -14.92 -7.08
C THR B 107 13.81 -16.47 -6.96
N ASP B 108 13.06 -17.06 -6.00
CA ASP B 108 12.92 -18.52 -5.86
C ASP B 108 12.06 -19.17 -6.99
N PRO B 109 12.17 -20.50 -7.21
CA PRO B 109 11.35 -21.25 -8.18
C PRO B 109 9.87 -21.47 -7.76
N ASN B 110 9.43 -20.87 -6.64
CA ASN B 110 8.05 -20.94 -6.13
C ASN B 110 7.69 -19.67 -5.33
N GLY B 111 8.56 -19.26 -4.39
CA GLY B 111 8.35 -18.12 -3.48
C GLY B 111 7.58 -18.55 -2.22
N GLY B 112 8.28 -18.60 -1.08
CA GLY B 112 7.77 -19.09 0.21
C GLY B 112 8.48 -18.44 1.39
N LEU B 113 9.01 -19.25 2.33
CA LEU B 113 9.72 -18.77 3.52
C LEU B 113 10.79 -19.76 4.00
N ALA B 114 11.81 -19.25 4.71
CA ALA B 114 12.89 -20.02 5.35
C ALA B 114 13.40 -19.33 6.64
N LYS A 1 -29.27 4.01 -14.70
CA LYS A 1 -29.83 3.37 -13.49
C LYS A 1 -29.37 1.91 -13.34
N GLY A 2 -29.62 1.33 -12.16
CA GLY A 2 -29.35 -0.08 -11.82
C GLY A 2 -28.64 -0.23 -10.47
N ASP A 3 -28.58 -1.46 -9.94
CA ASP A 3 -27.87 -1.77 -8.69
C ASP A 3 -26.34 -1.73 -8.86
N GLY A 4 -25.81 -2.37 -9.92
CA GLY A 4 -24.38 -2.52 -10.16
C GLY A 4 -23.61 -3.38 -9.14
N GLY A 5 -24.30 -3.97 -8.15
CA GLY A 5 -23.72 -4.60 -6.96
C GLY A 5 -23.40 -3.57 -5.86
N LEU A 6 -23.36 -4.01 -4.60
CA LEU A 6 -22.86 -3.20 -3.48
C LEU A 6 -21.41 -3.54 -3.15
N TYR A 7 -20.59 -2.51 -2.92
CA TYR A 7 -19.22 -2.65 -2.41
C TYR A 7 -19.20 -3.36 -1.04
N SER A 8 -20.22 -3.13 -0.20
CA SER A 8 -20.45 -3.83 1.08
C SER A 8 -20.73 -5.34 0.93
N SER A 9 -21.19 -5.78 -0.24
CA SER A 9 -21.46 -7.20 -0.55
C SER A 9 -20.20 -7.99 -0.91
N LEU A 10 -19.13 -7.31 -1.37
CA LEU A 10 -17.84 -7.93 -1.70
C LEU A 10 -17.12 -8.51 -0.45
N PRO A 11 -16.31 -9.58 -0.62
CA PRO A 11 -15.56 -10.21 0.48
C PRO A 11 -14.44 -9.30 1.02
N PRO A 12 -13.93 -9.56 2.24
CA PRO A 12 -12.91 -8.71 2.87
C PRO A 12 -11.60 -8.64 2.07
N ALA A 13 -11.21 -9.75 1.42
CA ALA A 13 -10.03 -9.81 0.54
C ALA A 13 -10.13 -8.86 -0.67
N LYS A 14 -11.31 -8.71 -1.28
CA LYS A 14 -11.54 -7.79 -2.40
C LYS A 14 -11.44 -6.32 -1.99
N ARG A 15 -11.86 -5.98 -0.77
CA ARG A 15 -11.70 -4.61 -0.23
C ARG A 15 -10.24 -4.29 0.03
N GLU A 16 -9.51 -5.25 0.59
CA GLU A 16 -8.05 -5.18 0.72
C GLU A 16 -7.38 -4.92 -0.65
N GLU A 17 -7.76 -5.61 -1.72
CA GLU A 17 -7.25 -5.35 -3.08
C GLU A 17 -7.31 -3.85 -3.46
N VAL A 18 -8.43 -3.17 -3.19
CA VAL A 18 -8.56 -1.71 -3.43
C VAL A 18 -7.65 -0.89 -2.52
N GLU A 19 -7.68 -1.18 -1.22
CA GLU A 19 -6.90 -0.53 -0.16
C GLU A 19 -5.38 -0.65 -0.36
N LYS A 20 -4.94 -1.69 -1.08
CA LYS A 20 -3.56 -1.96 -1.49
C LYS A 20 -3.22 -1.30 -2.82
N LEU A 21 -4.09 -1.39 -3.83
CA LEU A 21 -3.81 -0.93 -5.19
C LEU A 21 -3.43 0.57 -5.23
N LEU A 22 -4.17 1.39 -4.50
CA LEU A 22 -3.93 2.84 -4.38
C LEU A 22 -2.82 3.20 -3.38
N ASN A 23 -2.42 2.27 -2.51
CA ASN A 23 -1.47 2.48 -1.40
C ASN A 23 -0.08 2.88 -1.92
N GLY A 24 0.31 2.28 -3.06
CA GLY A 24 1.48 2.64 -3.85
C GLY A 24 1.11 3.37 -5.14
N SER A 25 0.44 4.52 -5.00
CA SER A 25 0.08 5.44 -6.09
C SER A 25 0.21 6.91 -5.65
N ALA A 26 -0.22 7.85 -6.51
CA ALA A 26 -0.40 9.27 -6.14
C ALA A 26 -1.32 9.44 -4.91
N GLY A 27 -1.27 10.63 -4.30
CA GLY A 27 -2.07 11.05 -3.12
C GLY A 27 -3.46 10.41 -3.06
N ASP A 28 -3.68 9.62 -2.01
CA ASP A 28 -4.75 8.60 -1.90
C ASP A 28 -6.11 9.10 -2.43
N THR A 29 -6.80 8.28 -3.24
CA THR A 29 -8.07 8.65 -3.89
C THR A 29 -9.18 9.05 -2.92
N TRP A 30 -9.08 8.64 -1.66
CA TRP A 30 -9.98 9.02 -0.57
C TRP A 30 -10.18 10.55 -0.45
N ARG A 31 -9.16 11.38 -0.71
CA ARG A 31 -9.27 12.86 -0.68
C ARG A 31 -10.23 13.37 -1.74
N HIS A 32 -10.06 12.88 -2.96
CA HIS A 32 -10.87 13.25 -4.12
C HIS A 32 -12.30 12.67 -3.99
N LEU A 33 -12.42 11.38 -3.62
CA LEU A 33 -13.70 10.71 -3.38
C LEU A 33 -14.50 11.37 -2.24
N ALA A 34 -13.89 11.73 -1.11
CA ALA A 34 -14.59 12.39 -0.01
C ALA A 34 -15.29 13.69 -0.46
N GLY A 35 -14.58 14.53 -1.23
CA GLY A 35 -15.13 15.76 -1.78
C GLY A 35 -16.33 15.53 -2.72
N GLU A 36 -16.26 14.52 -3.59
CA GLU A 36 -17.38 14.18 -4.50
C GLU A 36 -18.56 13.48 -3.80
N LEU A 37 -18.30 12.62 -2.81
CA LEU A 37 -19.33 11.99 -1.96
C LEU A 37 -20.04 12.99 -1.03
N GLY A 38 -19.54 14.23 -0.92
CA GLY A 38 -20.06 15.25 -0.01
C GLY A 38 -19.74 14.97 1.46
N TYR A 39 -18.69 14.19 1.75
CA TYR A 39 -18.22 13.94 3.12
C TYR A 39 -17.69 15.23 3.76
N GLN A 40 -18.14 15.51 4.99
CA GLN A 40 -17.74 16.68 5.78
C GLN A 40 -16.22 16.69 6.08
N PRO A 41 -15.59 17.88 6.20
CA PRO A 41 -14.14 17.99 6.40
C PRO A 41 -13.68 17.37 7.72
N GLU A 42 -14.48 17.50 8.78
CA GLU A 42 -14.19 16.92 10.09
C GLU A 42 -14.20 15.37 10.09
N HIS A 43 -15.04 14.73 9.27
CA HIS A 43 -15.05 13.28 9.11
C HIS A 43 -13.75 12.79 8.44
N ILE A 44 -13.31 13.47 7.38
CA ILE A 44 -12.02 13.20 6.72
C ILE A 44 -10.88 13.31 7.74
N ASP A 45 -10.82 14.39 8.53
CA ASP A 45 -9.81 14.56 9.59
C ASP A 45 -9.93 13.54 10.75
N SER A 46 -11.11 12.99 11.03
CA SER A 46 -11.27 11.89 12.01
C SER A 46 -10.72 10.56 11.50
N PHE A 47 -10.87 10.27 10.21
CA PHE A 47 -10.34 9.05 9.58
C PHE A 47 -8.80 9.00 9.47
N THR A 48 -8.08 10.11 9.67
CA THR A 48 -6.60 10.12 9.74
C THR A 48 -6.03 9.49 11.02
N HIS A 49 -6.88 9.04 11.96
CA HIS A 49 -6.49 8.24 13.14
C HIS A 49 -5.63 7.02 12.78
N GLU A 50 -5.79 6.49 11.57
CA GLU A 50 -5.12 5.29 11.05
C GLU A 50 -4.30 5.61 9.78
N ALA A 51 -3.11 5.01 9.64
CA ALA A 51 -2.12 5.37 8.61
C ALA A 51 -2.52 5.06 7.15
N CYS A 52 -3.54 4.23 6.93
CA CYS A 52 -4.24 4.06 5.66
C CYS A 52 -5.60 4.78 5.74
N PRO A 53 -5.68 6.11 5.64
CA PRO A 53 -6.95 6.84 5.78
C PRO A 53 -7.99 6.44 4.72
N VAL A 54 -7.52 5.98 3.55
CA VAL A 54 -8.33 5.35 2.51
C VAL A 54 -9.14 4.14 3.00
N ARG A 55 -8.54 3.23 3.79
CA ARG A 55 -9.22 2.05 4.33
C ARG A 55 -10.39 2.43 5.23
N ALA A 56 -10.23 3.52 5.98
CA ALA A 56 -11.27 4.06 6.84
C ALA A 56 -12.42 4.68 6.04
N LEU A 57 -12.14 5.42 4.96
CA LEU A 57 -13.19 5.95 4.09
C LEU A 57 -13.98 4.83 3.39
N LEU A 58 -13.28 3.85 2.78
CA LEU A 58 -13.93 2.71 2.12
C LEU A 58 -14.80 1.91 3.10
N ALA A 59 -14.30 1.66 4.32
CA ALA A 59 -15.05 0.97 5.38
C ALA A 59 -16.28 1.75 5.87
N SER A 60 -16.14 3.05 6.15
CA SER A 60 -17.28 3.89 6.59
C SER A 60 -18.28 4.15 5.47
N TRP A 61 -17.84 4.25 4.21
CA TRP A 61 -18.77 4.35 3.08
C TRP A 61 -19.64 3.10 2.96
N ALA A 62 -19.05 1.91 3.12
CA ALA A 62 -19.75 0.63 3.17
C ALA A 62 -20.75 0.47 4.35
N THR A 63 -20.80 1.40 5.32
CA THR A 63 -21.81 1.39 6.41
C THR A 63 -23.24 1.67 5.92
N GLN A 64 -23.40 2.18 4.69
CA GLN A 64 -24.67 2.62 4.10
C GLN A 64 -24.91 2.01 2.72
N ASP A 65 -26.18 1.83 2.33
CA ASP A 65 -26.58 1.27 1.04
C ASP A 65 -26.14 2.12 -0.18
N SER A 66 -25.81 3.40 0.05
CA SER A 66 -25.19 4.29 -0.94
C SER A 66 -23.86 3.77 -1.50
N ALA A 67 -23.23 2.80 -0.84
CA ALA A 67 -22.00 2.15 -1.28
C ALA A 67 -22.13 1.23 -2.53
N THR A 68 -23.03 1.54 -3.47
CA THR A 68 -23.15 0.77 -4.71
C THR A 68 -21.93 0.98 -5.61
N LEU A 69 -21.55 -0.04 -6.39
CA LEU A 69 -20.44 0.08 -7.34
C LEU A 69 -20.73 1.21 -8.35
N ASP A 70 -21.97 1.27 -8.86
CA ASP A 70 -22.43 2.35 -9.77
C ASP A 70 -22.23 3.76 -9.18
N ALA A 71 -22.51 3.98 -7.89
CA ALA A 71 -22.27 5.25 -7.21
C ALA A 71 -20.77 5.54 -7.02
N LEU A 72 -19.94 4.53 -6.73
CA LEU A 72 -18.49 4.68 -6.57
C LEU A 72 -17.84 5.09 -7.91
N LEU A 73 -18.21 4.39 -8.99
CA LEU A 73 -17.80 4.68 -10.35
C LEU A 73 -18.17 6.11 -10.75
N ALA A 74 -19.41 6.54 -10.51
CA ALA A 74 -19.88 7.89 -10.82
C ALA A 74 -19.01 8.97 -10.14
N ALA A 75 -18.64 8.79 -8.88
CA ALA A 75 -17.73 9.69 -8.17
C ALA A 75 -16.30 9.65 -8.73
N LEU A 76 -15.72 8.46 -8.97
CA LEU A 76 -14.40 8.27 -9.60
C LEU A 76 -14.30 8.95 -10.97
N ARG A 77 -15.37 8.94 -11.78
CA ARG A 77 -15.40 9.60 -13.09
C ARG A 77 -15.37 11.14 -12.99
N ARG A 78 -16.05 11.73 -11.99
CA ARG A 78 -16.05 13.19 -11.75
C ARG A 78 -14.69 13.74 -11.34
N ILE A 79 -13.88 12.95 -10.61
CA ILE A 79 -12.52 13.31 -10.18
C ILE A 79 -11.43 12.87 -11.17
N GLN A 80 -11.81 12.42 -12.37
CA GLN A 80 -10.89 11.92 -13.42
C GLN A 80 -9.94 10.81 -12.92
N ARG A 81 -10.49 9.82 -12.19
CA ARG A 81 -9.78 8.66 -11.63
C ARG A 81 -10.20 7.32 -12.27
N ALA A 82 -10.58 7.37 -13.55
CA ALA A 82 -10.86 6.19 -14.37
C ALA A 82 -9.68 5.19 -14.47
N ASP A 83 -8.44 5.62 -14.17
CA ASP A 83 -7.28 4.74 -14.03
C ASP A 83 -7.47 3.68 -12.91
N LEU A 84 -7.93 4.07 -11.72
CA LEU A 84 -8.27 3.13 -10.65
C LEU A 84 -9.47 2.26 -10.99
N VAL A 85 -10.49 2.82 -11.65
CA VAL A 85 -11.67 2.06 -12.14
C VAL A 85 -11.23 0.89 -13.02
N GLU A 86 -10.39 1.15 -14.03
CA GLU A 86 -9.91 0.10 -14.93
C GLU A 86 -9.00 -0.91 -14.21
N SER A 87 -8.10 -0.47 -13.34
CA SER A 87 -7.26 -1.38 -12.54
C SER A 87 -8.10 -2.30 -11.64
N LEU A 88 -9.19 -1.82 -11.04
CA LEU A 88 -10.10 -2.64 -10.23
C LEU A 88 -10.85 -3.70 -11.05
N CYS A 89 -11.39 -3.35 -12.23
CA CYS A 89 -12.05 -4.35 -13.08
C CYS A 89 -11.06 -5.36 -13.69
N SER A 90 -9.81 -4.94 -13.97
CA SER A 90 -8.73 -5.82 -14.44
C SER A 90 -8.16 -6.76 -13.37
N GLU A 91 -8.11 -6.34 -12.10
CA GLU A 91 -7.71 -7.21 -10.97
C GLU A 91 -8.86 -8.10 -10.44
N SER A 92 -10.05 -8.05 -11.04
CA SER A 92 -11.21 -8.88 -10.68
C SER A 92 -11.13 -10.34 -11.20
N THR A 93 -9.94 -10.81 -11.60
CA THR A 93 -9.69 -12.18 -12.11
C THR A 93 -10.20 -13.27 -11.15
N ALA A 94 -10.95 -14.23 -11.68
CA ALA A 94 -11.50 -15.37 -10.92
C ALA A 94 -10.61 -16.62 -11.06
N THR A 95 -10.56 -17.43 -9.99
CA THR A 95 -9.75 -18.67 -9.90
C THR A 95 -10.36 -19.65 -8.87
N SER A 96 -9.66 -20.75 -8.56
CA SER A 96 -10.00 -21.69 -7.48
C SER A 96 -10.28 -21.02 -6.10
N PRO A 97 -11.02 -21.70 -5.20
CA PRO A 97 -11.42 -21.18 -3.88
C PRO A 97 -10.25 -21.17 -2.87
N VAL A 98 -9.35 -20.18 -3.01
CA VAL A 98 -8.11 -19.95 -2.20
C VAL A 98 -7.16 -21.15 -2.22
N ALA B 1 -3.48 -15.93 -5.08
CA ALA B 1 -2.42 -15.05 -4.55
C ALA B 1 -2.58 -13.57 -4.92
N GLN B 2 -3.09 -12.76 -3.98
CA GLN B 2 -3.16 -11.30 -4.10
C GLN B 2 -1.85 -10.68 -4.62
N THR B 3 -1.89 -10.09 -5.81
CA THR B 3 -0.75 -9.48 -6.51
C THR B 3 -1.12 -8.11 -7.05
N PHE B 4 -0.11 -7.34 -7.45
CA PHE B 4 -0.27 -6.03 -8.09
C PHE B 4 0.74 -5.84 -9.22
N LEU B 5 0.41 -4.94 -10.14
CA LEU B 5 1.33 -4.45 -11.16
C LEU B 5 2.08 -3.21 -10.64
N PHE B 6 3.39 -3.24 -10.79
CA PHE B 6 4.30 -2.14 -10.48
C PHE B 6 5.38 -2.11 -11.57
N GLN B 7 5.65 -0.95 -12.18
CA GLN B 7 6.61 -0.80 -13.30
C GLN B 7 6.52 -1.87 -14.42
N GLY B 8 5.33 -2.43 -14.67
CA GLY B 8 5.10 -3.52 -15.63
C GLY B 8 5.58 -4.91 -15.19
N GLN B 9 5.73 -5.13 -13.87
CA GLN B 9 6.25 -6.35 -13.24
C GLN B 9 5.29 -6.86 -12.14
N PRO B 10 5.04 -8.18 -12.06
CA PRO B 10 4.20 -8.78 -11.02
C PRO B 10 4.94 -8.84 -9.67
N VAL B 11 4.20 -8.60 -8.58
CA VAL B 11 4.65 -8.64 -7.18
C VAL B 11 3.48 -9.02 -6.26
N VAL B 12 3.74 -9.85 -5.24
CA VAL B 12 2.73 -10.27 -4.26
C VAL B 12 2.41 -9.12 -3.30
N ASN B 13 1.12 -8.91 -3.04
CA ASN B 13 0.61 -7.78 -2.27
C ASN B 13 0.29 -8.21 -0.81
N ARG B 14 1.24 -8.15 0.12
CA ARG B 14 1.00 -8.55 1.53
C ARG B 14 1.89 -7.79 2.53
N PRO B 15 1.59 -7.82 3.85
CA PRO B 15 2.48 -7.28 4.89
C PRO B 15 3.79 -8.06 4.98
N LEU B 16 4.90 -7.33 5.08
CA LEU B 16 6.25 -7.90 5.16
C LEU B 16 6.43 -8.71 6.44
N SER B 17 6.84 -9.97 6.30
CA SER B 17 7.13 -10.90 7.39
C SER B 17 8.59 -10.81 7.87
N LEU B 18 8.94 -11.57 8.91
CA LEU B 18 10.31 -11.67 9.45
C LEU B 18 11.37 -11.93 8.35
N LYS B 19 11.06 -12.83 7.41
CA LYS B 19 11.87 -13.08 6.19
C LYS B 19 12.14 -11.79 5.42
N ASP B 20 11.12 -10.98 5.17
CA ASP B 20 11.27 -9.73 4.42
C ASP B 20 12.15 -8.73 5.18
N GLN B 21 12.03 -8.63 6.52
CA GLN B 21 12.85 -7.71 7.31
C GLN B 21 14.34 -8.10 7.30
N GLN B 22 14.65 -9.40 7.39
CA GLN B 22 16.03 -9.92 7.29
C GLN B 22 16.58 -9.79 5.86
N THR B 23 15.85 -10.29 4.86
CA THR B 23 16.24 -10.19 3.44
C THR B 23 16.41 -8.75 2.99
N PHE B 24 15.54 -7.82 3.43
CA PHE B 24 15.69 -6.40 3.15
C PHE B 24 17.07 -5.89 3.57
N ALA B 25 17.40 -5.96 4.86
CA ALA B 25 18.66 -5.46 5.39
C ALA B 25 19.89 -6.09 4.73
N ARG B 26 19.78 -7.37 4.37
CA ARG B 26 20.81 -8.16 3.67
C ARG B 26 20.95 -7.82 2.17
N SER B 27 19.90 -7.30 1.54
CA SER B 27 19.83 -7.04 0.08
C SER B 27 20.00 -5.56 -0.29
N VAL B 28 19.41 -4.62 0.46
CA VAL B 28 19.64 -3.18 0.21
C VAL B 28 21.07 -2.74 0.58
N GLY B 29 21.66 -3.35 1.61
CA GLY B 29 22.97 -3.01 2.16
C GLY B 29 23.14 -1.50 2.41
N LEU B 30 23.82 -0.79 1.50
CA LEU B 30 23.98 0.66 1.53
C LEU B 30 22.69 1.46 1.24
N LYS B 31 21.80 0.94 0.38
CA LYS B 31 20.49 1.56 0.06
C LYS B 31 19.50 1.57 1.22
N TRP B 32 19.83 1.00 2.38
CA TRP B 32 18.98 1.04 3.57
C TRP B 32 18.54 2.47 3.96
N ARG B 33 19.51 3.39 3.97
CA ARG B 33 19.33 4.83 4.17
C ARG B 33 18.45 5.44 3.08
N LYS B 34 18.75 5.12 1.82
CA LYS B 34 18.03 5.63 0.65
C LYS B 34 16.56 5.22 0.62
N VAL B 35 16.25 3.94 0.85
CA VAL B 35 14.86 3.45 0.94
C VAL B 35 14.10 4.16 2.05
N GLY B 36 14.70 4.27 3.25
CA GLY B 36 14.14 5.01 4.37
C GLY B 36 13.71 6.43 3.98
N ARG B 37 14.58 7.16 3.25
CA ARG B 37 14.33 8.53 2.74
C ARG B 37 13.29 8.58 1.62
N SER B 38 13.35 7.67 0.66
CA SER B 38 12.40 7.62 -0.46
C SER B 38 10.99 7.23 -0.03
N LEU B 39 10.84 6.46 1.07
CA LEU B 39 9.56 6.14 1.68
C LEU B 39 8.90 7.34 2.38
N GLN B 40 9.65 8.40 2.69
CA GLN B 40 9.13 9.66 3.25
C GLN B 40 8.26 10.43 2.23
N ARG B 41 8.65 10.42 0.94
CA ARG B 41 7.83 10.98 -0.16
C ARG B 41 6.48 10.27 -0.28
N GLY B 42 6.44 8.95 -0.08
CA GLY B 42 5.21 8.14 -0.22
C GLY B 42 4.36 8.08 1.05
N CYS B 43 4.97 8.08 2.23
CA CYS B 43 4.31 7.89 3.53
C CYS B 43 4.90 8.84 4.59
N ARG B 44 4.21 9.97 4.82
CA ARG B 44 4.63 11.04 5.76
C ARG B 44 4.77 10.57 7.22
N ALA B 45 4.14 9.46 7.59
CA ALA B 45 4.33 8.76 8.86
C ALA B 45 5.81 8.39 9.18
N LEU B 46 6.67 8.41 8.16
CA LEU B 46 8.08 8.01 8.22
C LEU B 46 9.03 9.18 7.86
N ARG B 47 8.50 10.38 7.59
CA ARG B 47 9.28 11.58 7.20
C ARG B 47 10.16 12.17 8.30
N ASP B 48 9.84 11.87 9.54
CA ASP B 48 10.63 12.25 10.72
C ASP B 48 12.10 11.81 10.62
N PRO B 49 13.02 12.38 11.43
CA PRO B 49 14.43 11.96 11.50
C PRO B 49 14.61 10.58 12.17
N ALA B 50 13.67 9.65 11.95
CA ALA B 50 13.75 8.26 12.36
C ALA B 50 15.09 7.64 11.95
N LEU B 51 15.48 7.75 10.68
CA LEU B 51 16.75 7.20 10.16
C LEU B 51 17.98 7.74 10.89
N ASP B 52 17.95 9.00 11.30
CA ASP B 52 19.05 9.68 11.99
C ASP B 52 19.30 9.09 13.39
N SER B 53 18.22 8.78 14.12
CA SER B 53 18.26 8.06 15.39
C SER B 53 18.51 6.55 15.19
N LEU B 54 17.79 5.89 14.27
CA LEU B 54 17.94 4.48 13.90
C LEU B 54 19.39 4.11 13.55
N ALA B 55 20.09 4.97 12.80
CA ALA B 55 21.50 4.78 12.49
C ALA B 55 22.37 4.63 13.76
N TYR B 56 22.12 5.43 14.80
CA TYR B 56 22.90 5.41 16.04
C TYR B 56 22.39 4.37 17.06
N GLU B 57 21.07 4.21 17.19
CA GLU B 57 20.41 3.23 18.06
C GLU B 57 20.67 1.77 17.64
N TYR B 58 20.91 1.54 16.34
CA TYR B 58 21.17 0.22 15.76
C TYR B 58 22.59 0.10 15.16
N GLU B 59 23.45 1.10 15.37
CA GLU B 59 24.88 1.08 14.98
C GLU B 59 25.67 -0.11 15.57
N ARG B 60 25.17 -0.66 16.69
CA ARG B 60 25.73 -1.81 17.42
C ARG B 60 25.89 -3.05 16.54
N GLU B 61 24.91 -3.34 15.68
CA GLU B 61 24.98 -4.41 14.68
C GLU B 61 25.35 -3.88 13.27
N GLY B 62 25.10 -2.58 13.02
CA GLY B 62 25.34 -1.94 11.73
C GLY B 62 24.12 -1.96 10.81
N LEU B 63 24.37 -1.88 9.50
CA LEU B 63 23.37 -1.86 8.41
C LEU B 63 22.29 -2.94 8.57
N TYR B 64 22.68 -4.10 9.12
CA TYR B 64 21.83 -5.25 9.40
C TYR B 64 20.69 -4.92 10.37
N GLU B 65 20.97 -4.60 11.64
CA GLU B 65 19.93 -4.22 12.61
C GLU B 65 19.25 -2.89 12.26
N GLN B 66 20.03 -1.93 11.71
CA GLN B 66 19.55 -0.63 11.25
C GLN B 66 18.32 -0.74 10.35
N ALA B 67 18.38 -1.61 9.35
CA ALA B 67 17.31 -1.84 8.40
C ALA B 67 16.30 -2.92 8.86
N PHE B 68 16.77 -3.97 9.55
CA PHE B 68 15.93 -5.03 10.09
C PHE B 68 14.80 -4.47 10.97
N GLN B 69 15.12 -3.55 11.88
CA GLN B 69 14.11 -2.96 12.76
C GLN B 69 13.41 -1.72 12.16
N LEU B 70 14.04 -1.02 11.20
CA LEU B 70 13.38 0.02 10.40
C LEU B 70 12.13 -0.49 9.66
N LEU B 71 12.16 -1.74 9.18
CA LEU B 71 10.99 -2.35 8.52
C LEU B 71 9.75 -2.39 9.43
N ARG B 72 9.95 -2.56 10.74
CA ARG B 72 8.88 -2.50 11.76
C ARG B 72 8.25 -1.12 11.88
N ARG B 73 8.95 -0.03 11.52
CA ARG B 73 8.45 1.35 11.60
C ARG B 73 7.23 1.56 10.69
N PHE B 74 7.26 1.00 9.47
CA PHE B 74 6.09 0.98 8.58
C PHE B 74 4.98 0.03 9.08
N VAL B 75 5.33 -1.11 9.68
CA VAL B 75 4.36 -2.04 10.29
C VAL B 75 3.65 -1.43 11.52
N GLN B 76 4.34 -0.61 12.32
CA GLN B 76 3.77 0.15 13.45
C GLN B 76 2.66 1.11 13.00
N ALA B 77 2.76 1.67 11.79
CA ALA B 77 1.75 2.58 11.24
C ALA B 77 0.39 1.90 10.98
N GLU B 78 0.38 0.61 10.59
CA GLU B 78 -0.84 -0.14 10.25
C GLU B 78 -0.70 -1.65 10.53
N GLY B 79 0.26 -2.31 9.88
CA GLY B 79 0.65 -3.71 10.06
C GLY B 79 -0.34 -4.75 9.52
N ARG B 80 -1.62 -4.65 9.89
CA ARG B 80 -2.74 -5.47 9.37
C ARG B 80 -3.03 -5.20 7.89
N ARG B 81 -3.01 -3.91 7.51
CA ARG B 81 -3.32 -3.39 6.16
C ARG B 81 -2.11 -2.74 5.47
N ALA B 82 -0.98 -2.61 6.15
CA ALA B 82 0.30 -2.29 5.51
C ALA B 82 0.66 -3.40 4.52
N THR B 83 1.17 -3.05 3.35
CA THR B 83 1.71 -4.01 2.38
C THR B 83 2.89 -3.43 1.62
N LEU B 84 3.67 -4.30 0.97
CA LEU B 84 4.84 -3.90 0.18
C LEU B 84 4.57 -2.77 -0.82
N GLN B 85 3.35 -2.63 -1.36
CA GLN B 85 2.92 -1.51 -2.22
C GLN B 85 3.55 -0.14 -1.86
N ARG B 86 3.46 0.30 -0.60
CA ARG B 86 4.06 1.57 -0.13
C ARG B 86 5.59 1.55 -0.18
N LEU B 87 6.21 0.44 0.25
CA LEU B 87 7.66 0.21 0.16
C LEU B 87 8.14 0.21 -1.30
N VAL B 88 7.43 -0.42 -2.23
CA VAL B 88 7.79 -0.44 -3.66
C VAL B 88 7.86 0.97 -4.26
N GLU B 89 6.96 1.87 -3.85
CA GLU B 89 6.98 3.28 -4.25
C GLU B 89 8.25 4.03 -3.80
N ALA B 90 8.87 3.62 -2.69
CA ALA B 90 10.19 4.10 -2.27
C ALA B 90 11.33 3.52 -3.14
N LEU B 91 11.26 2.23 -3.47
CA LEU B 91 12.25 1.55 -4.32
C LEU B 91 12.22 2.06 -5.77
N GLU B 92 11.06 2.45 -6.27
CA GLU B 92 10.88 3.09 -7.59
C GLU B 92 11.71 4.37 -7.77
N GLU B 93 11.86 5.20 -6.72
CA GLU B 93 12.72 6.40 -6.76
C GLU B 93 14.21 6.08 -6.90
N ASN B 94 14.63 4.86 -6.53
CA ASN B 94 16.02 4.43 -6.48
C ASN B 94 16.39 3.47 -7.63
N GLU B 95 15.46 3.27 -8.57
CA GLU B 95 15.51 2.26 -9.64
C GLU B 95 15.69 0.81 -9.12
N LEU B 96 15.16 0.51 -7.94
CA LEU B 96 15.25 -0.80 -7.26
C LEU B 96 14.12 -1.76 -7.67
N THR B 97 13.74 -1.77 -8.95
CA THR B 97 12.72 -2.66 -9.52
C THR B 97 13.01 -4.13 -9.21
N SER B 98 14.23 -4.59 -9.48
CA SER B 98 14.68 -5.96 -9.19
C SER B 98 14.76 -6.29 -7.69
N LEU B 99 14.94 -5.28 -6.83
CA LEU B 99 14.96 -5.46 -5.37
C LEU B 99 13.55 -5.60 -4.81
N ALA B 100 12.56 -4.86 -5.34
CA ALA B 100 11.18 -4.90 -4.87
C ALA B 100 10.54 -6.29 -5.04
N GLU B 101 10.82 -7.00 -6.15
CA GLU B 101 10.44 -8.40 -6.32
C GLU B 101 11.34 -9.37 -5.53
N ASP B 102 12.67 -9.20 -5.53
CA ASP B 102 13.58 -10.08 -4.75
C ASP B 102 13.33 -10.03 -3.24
N LEU B 103 12.79 -8.92 -2.71
CA LEU B 103 12.42 -8.75 -1.30
C LEU B 103 11.48 -9.84 -0.78
N LEU B 104 10.39 -10.08 -1.51
CA LEU B 104 9.40 -11.13 -1.16
C LEU B 104 9.95 -12.54 -1.44
N GLY B 105 11.13 -12.65 -2.06
CA GLY B 105 11.79 -13.91 -2.40
C GLY B 105 11.53 -14.38 -3.84
N LEU B 106 11.06 -13.52 -4.75
CA LEU B 106 10.70 -13.89 -6.15
C LEU B 106 11.89 -14.46 -6.97
N THR B 107 13.12 -14.35 -6.46
CA THR B 107 14.31 -15.08 -6.96
C THR B 107 14.18 -16.62 -6.92
N ASP B 108 13.24 -17.18 -6.15
CA ASP B 108 13.00 -18.63 -6.04
C ASP B 108 12.23 -19.26 -7.26
N PRO B 109 12.33 -20.58 -7.48
CA PRO B 109 11.60 -21.31 -8.55
C PRO B 109 10.10 -21.55 -8.26
N ASN B 110 9.46 -20.74 -7.41
CA ASN B 110 8.09 -20.89 -6.92
C ASN B 110 7.76 -22.29 -6.37
N GLY B 111 8.60 -22.79 -5.45
CA GLY B 111 8.42 -24.09 -4.78
C GLY B 111 9.67 -24.59 -4.07
N GLY B 112 9.66 -24.58 -2.73
CA GLY B 112 10.74 -25.09 -1.88
C GLY B 112 10.84 -24.34 -0.55
N LEU B 113 10.44 -24.99 0.55
CA LEU B 113 10.40 -24.46 1.93
C LEU B 113 9.43 -23.26 2.10
N ALA B 114 8.24 -23.54 2.66
CA ALA B 114 7.10 -22.63 2.85
C ALA B 114 6.44 -22.12 1.54
N LYS A 1 -32.30 -2.68 -0.04
CA LYS A 1 -31.93 -1.83 -1.20
C LYS A 1 -31.33 -2.70 -2.32
N GLY A 2 -31.07 -2.09 -3.49
CA GLY A 2 -30.38 -2.72 -4.62
C GLY A 2 -29.96 -1.71 -5.69
N ASP A 3 -28.91 -2.02 -6.45
CA ASP A 3 -28.36 -1.18 -7.51
C ASP A 3 -27.44 -1.97 -8.48
N GLY A 4 -26.81 -1.28 -9.44
CA GLY A 4 -25.88 -1.81 -10.44
C GLY A 4 -24.53 -2.26 -9.86
N GLY A 5 -24.55 -3.30 -9.03
CA GLY A 5 -23.43 -3.78 -8.22
C GLY A 5 -23.29 -2.96 -6.94
N LEU A 6 -23.26 -3.61 -5.79
CA LEU A 6 -22.96 -3.00 -4.49
C LEU A 6 -21.51 -3.30 -4.12
N TYR A 7 -20.71 -2.26 -3.85
CA TYR A 7 -19.34 -2.40 -3.35
C TYR A 7 -19.30 -3.15 -2.01
N SER A 8 -20.31 -2.93 -1.16
CA SER A 8 -20.53 -3.69 0.09
C SER A 8 -20.87 -5.18 -0.12
N SER A 9 -21.23 -5.59 -1.35
CA SER A 9 -21.48 -7.00 -1.70
C SER A 9 -20.19 -7.78 -2.02
N LEU A 10 -19.09 -7.09 -2.34
CA LEU A 10 -17.78 -7.72 -2.59
C LEU A 10 -17.16 -8.30 -1.31
N PRO A 11 -16.30 -9.35 -1.43
CA PRO A 11 -15.63 -9.98 -0.28
C PRO A 11 -14.56 -9.06 0.35
N PRO A 12 -14.15 -9.32 1.61
CA PRO A 12 -13.20 -8.47 2.33
C PRO A 12 -11.83 -8.39 1.62
N ALA A 13 -11.39 -9.47 0.99
CA ALA A 13 -10.15 -9.52 0.19
C ALA A 13 -10.16 -8.55 -1.00
N LYS A 14 -11.29 -8.45 -1.74
CA LYS A 14 -11.45 -7.51 -2.86
C LYS A 14 -11.45 -6.05 -2.41
N ARG A 15 -12.00 -5.75 -1.22
CA ARG A 15 -11.95 -4.41 -0.64
C ARG A 15 -10.52 -4.02 -0.29
N GLU A 16 -9.79 -4.93 0.35
CA GLU A 16 -8.35 -4.81 0.61
C GLU A 16 -7.58 -4.48 -0.68
N GLU A 17 -7.84 -5.18 -1.79
CA GLU A 17 -7.22 -4.89 -3.09
C GLU A 17 -7.27 -3.41 -3.47
N VAL A 18 -8.39 -2.72 -3.23
CA VAL A 18 -8.53 -1.29 -3.47
C VAL A 18 -7.63 -0.45 -2.55
N GLU A 19 -7.61 -0.76 -1.25
CA GLU A 19 -6.78 -0.05 -0.25
C GLU A 19 -5.28 -0.18 -0.52
N LYS A 20 -4.89 -1.29 -1.15
CA LYS A 20 -3.52 -1.57 -1.55
C LYS A 20 -3.18 -0.90 -2.87
N LEU A 21 -4.05 -1.01 -3.88
CA LEU A 21 -3.78 -0.55 -5.25
C LEU A 21 -3.42 0.95 -5.31
N LEU A 22 -4.17 1.78 -4.58
CA LEU A 22 -3.93 3.23 -4.49
C LEU A 22 -2.83 3.62 -3.49
N ASN A 23 -2.42 2.71 -2.59
CA ASN A 23 -1.45 2.97 -1.51
C ASN A 23 -0.06 3.32 -2.08
N GLY A 24 0.28 2.72 -3.22
CA GLY A 24 1.49 2.96 -3.99
C GLY A 24 1.21 3.76 -5.27
N SER A 25 0.48 4.87 -5.14
CA SER A 25 0.14 5.81 -6.23
C SER A 25 0.26 7.27 -5.76
N ALA A 26 -0.10 8.23 -6.62
CA ALA A 26 -0.27 9.64 -6.26
C ALA A 26 -1.25 9.81 -5.08
N GLY A 27 -1.16 10.96 -4.39
CA GLY A 27 -1.97 11.37 -3.23
C GLY A 27 -3.38 10.78 -3.21
N ASP A 28 -3.65 9.98 -2.17
CA ASP A 28 -4.74 9.00 -2.09
C ASP A 28 -6.08 9.53 -2.67
N THR A 29 -6.75 8.73 -3.51
CA THR A 29 -8.02 9.10 -4.17
C THR A 29 -9.13 9.50 -3.20
N TRP A 30 -9.06 9.07 -1.94
CA TRP A 30 -9.96 9.49 -0.85
C TRP A 30 -10.16 11.01 -0.77
N ARG A 31 -9.12 11.82 -1.03
CA ARG A 31 -9.18 13.29 -1.01
C ARG A 31 -10.12 13.86 -2.06
N HIS A 32 -10.05 13.30 -3.26
CA HIS A 32 -10.87 13.67 -4.41
C HIS A 32 -12.28 13.07 -4.31
N LEU A 33 -12.39 11.79 -3.92
CA LEU A 33 -13.65 11.09 -3.68
C LEU A 33 -14.50 11.73 -2.57
N ALA A 34 -13.90 12.13 -1.45
CA ALA A 34 -14.63 12.77 -0.35
C ALA A 34 -15.35 14.06 -0.79
N GLY A 35 -14.65 14.91 -1.54
CA GLY A 35 -15.22 16.13 -2.12
C GLY A 35 -16.38 15.87 -3.09
N GLU A 36 -16.28 14.84 -3.95
CA GLU A 36 -17.37 14.42 -4.85
C GLU A 36 -18.57 13.78 -4.15
N LEU A 37 -18.33 12.92 -3.15
CA LEU A 37 -19.36 12.29 -2.32
C LEU A 37 -20.09 13.30 -1.40
N GLY A 38 -19.57 14.53 -1.27
CA GLY A 38 -20.10 15.56 -0.38
C GLY A 38 -19.80 15.30 1.11
N TYR A 39 -18.79 14.48 1.41
CA TYR A 39 -18.35 14.19 2.77
C TYR A 39 -17.85 15.46 3.48
N GLN A 40 -18.30 15.68 4.72
CA GLN A 40 -17.93 16.85 5.54
C GLN A 40 -16.41 16.92 5.83
N PRO A 41 -15.83 18.13 5.97
CA PRO A 41 -14.39 18.30 6.19
C PRO A 41 -13.91 17.69 7.51
N GLU A 42 -14.72 17.80 8.57
CA GLU A 42 -14.46 17.18 9.88
C GLU A 42 -14.46 15.64 9.84
N HIS A 43 -15.25 15.00 8.95
CA HIS A 43 -15.22 13.55 8.77
C HIS A 43 -13.91 13.10 8.12
N ILE A 44 -13.46 13.80 7.08
CA ILE A 44 -12.15 13.57 6.43
C ILE A 44 -11.03 13.67 7.49
N ASP A 45 -11.01 14.74 8.29
CA ASP A 45 -10.02 14.90 9.36
C ASP A 45 -10.15 13.87 10.51
N SER A 46 -11.33 13.33 10.80
CA SER A 46 -11.49 12.22 11.75
C SER A 46 -10.92 10.90 11.22
N PHE A 47 -11.03 10.63 9.92
CA PHE A 47 -10.48 9.43 9.28
C PHE A 47 -8.94 9.40 9.22
N THR A 48 -8.23 10.53 9.43
CA THR A 48 -6.76 10.56 9.55
C THR A 48 -6.23 9.94 10.87
N HIS A 49 -7.11 9.48 11.78
CA HIS A 49 -6.76 8.69 12.96
C HIS A 49 -5.91 7.45 12.66
N GLU A 50 -5.91 6.99 11.41
CA GLU A 50 -5.22 5.78 10.97
C GLU A 50 -4.30 6.08 9.77
N ALA A 51 -3.14 5.43 9.70
CA ALA A 51 -2.09 5.67 8.70
C ALA A 51 -2.50 5.38 7.24
N CYS A 52 -3.64 4.74 7.02
CA CYS A 52 -4.28 4.53 5.73
C CYS A 52 -5.65 5.24 5.71
N PRO A 53 -5.72 6.56 5.52
CA PRO A 53 -6.99 7.29 5.62
C PRO A 53 -8.00 6.90 4.53
N VAL A 54 -7.53 6.43 3.37
CA VAL A 54 -8.36 5.84 2.31
C VAL A 54 -9.20 4.66 2.79
N ARG A 55 -8.62 3.73 3.56
CA ARG A 55 -9.34 2.55 4.05
C ARG A 55 -10.51 2.94 4.95
N ALA A 56 -10.35 4.02 5.71
CA ALA A 56 -11.39 4.58 6.55
C ALA A 56 -12.52 5.20 5.72
N LEU A 57 -12.22 5.93 4.64
CA LEU A 57 -13.26 6.47 3.75
C LEU A 57 -14.05 5.33 3.08
N LEU A 58 -13.37 4.37 2.42
CA LEU A 58 -14.06 3.28 1.72
C LEU A 58 -14.82 2.36 2.69
N ALA A 59 -14.28 2.07 3.88
CA ALA A 59 -14.99 1.33 4.93
C ALA A 59 -16.22 2.10 5.47
N SER A 60 -16.10 3.39 5.79
CA SER A 60 -17.22 4.18 6.32
C SER A 60 -18.27 4.50 5.25
N TRP A 61 -17.88 4.58 3.97
CA TRP A 61 -18.84 4.65 2.88
C TRP A 61 -19.60 3.33 2.71
N ALA A 62 -18.94 2.18 2.86
CA ALA A 62 -19.56 0.86 2.80
C ALA A 62 -20.58 0.54 3.94
N THR A 63 -20.70 1.38 4.98
CA THR A 63 -21.74 1.22 6.03
C THR A 63 -23.16 1.57 5.56
N GLN A 64 -23.30 2.16 4.37
CA GLN A 64 -24.55 2.61 3.76
C GLN A 64 -24.72 2.04 2.35
N ASP A 65 -25.97 1.80 1.95
CA ASP A 65 -26.32 1.26 0.63
C ASP A 65 -26.00 2.21 -0.54
N SER A 66 -25.65 3.47 -0.24
CA SER A 66 -25.05 4.40 -1.21
C SER A 66 -23.71 3.93 -1.79
N ALA A 67 -23.03 2.96 -1.15
CA ALA A 67 -21.82 2.30 -1.63
C ALA A 67 -22.04 1.38 -2.85
N THR A 68 -22.62 1.91 -3.92
CA THR A 68 -22.85 1.18 -5.18
C THR A 68 -21.67 1.43 -6.13
N LEU A 69 -21.34 0.42 -6.93
CA LEU A 69 -20.32 0.54 -7.98
C LEU A 69 -20.74 1.62 -9.00
N ASP A 70 -22.02 1.70 -9.37
CA ASP A 70 -22.57 2.78 -10.21
C ASP A 70 -22.31 4.20 -9.65
N ALA A 71 -22.50 4.43 -8.34
CA ALA A 71 -22.22 5.72 -7.69
C ALA A 71 -20.71 6.00 -7.52
N LEU A 72 -19.92 4.96 -7.20
CA LEU A 72 -18.46 5.02 -7.09
C LEU A 72 -17.82 5.43 -8.42
N LEU A 73 -18.22 4.78 -9.51
CA LEU A 73 -17.73 5.06 -10.85
C LEU A 73 -18.02 6.51 -11.26
N ALA A 74 -19.24 7.01 -11.03
CA ALA A 74 -19.59 8.39 -11.30
C ALA A 74 -18.64 9.38 -10.60
N ALA A 75 -18.39 9.19 -9.30
CA ALA A 75 -17.47 10.03 -8.53
C ALA A 75 -16.02 9.95 -9.05
N LEU A 76 -15.46 8.75 -9.29
CA LEU A 76 -14.13 8.54 -9.88
C LEU A 76 -13.98 9.17 -11.28
N ARG A 77 -15.02 9.10 -12.11
CA ARG A 77 -15.03 9.73 -13.46
C ARG A 77 -15.00 11.26 -13.36
N ARG A 78 -15.78 11.86 -12.45
CA ARG A 78 -15.82 13.32 -12.21
C ARG A 78 -14.46 13.91 -11.80
N ILE A 79 -13.65 13.15 -11.07
CA ILE A 79 -12.30 13.54 -10.62
C ILE A 79 -11.18 13.12 -11.60
N GLN A 80 -11.54 12.65 -12.81
CA GLN A 80 -10.62 12.17 -13.86
C GLN A 80 -9.68 11.03 -13.38
N ARG A 81 -10.22 10.07 -12.62
CA ARG A 81 -9.53 8.90 -12.06
C ARG A 81 -10.03 7.57 -12.66
N ALA A 82 -10.44 7.59 -13.92
CA ALA A 82 -10.72 6.39 -14.73
C ALA A 82 -9.56 5.37 -14.78
N ASP A 83 -8.33 5.80 -14.47
CA ASP A 83 -7.15 4.93 -14.34
C ASP A 83 -7.33 3.85 -13.24
N LEU A 84 -7.82 4.25 -12.06
CA LEU A 84 -8.17 3.34 -10.96
C LEU A 84 -9.37 2.44 -11.31
N VAL A 85 -10.36 2.98 -12.02
CA VAL A 85 -11.54 2.24 -12.49
C VAL A 85 -11.13 1.02 -13.34
N GLU A 86 -10.28 1.23 -14.35
CA GLU A 86 -9.76 0.16 -15.20
C GLU A 86 -9.01 -0.90 -14.39
N SER A 87 -8.12 -0.47 -13.48
CA SER A 87 -7.36 -1.38 -12.62
C SER A 87 -8.26 -2.24 -11.73
N LEU A 88 -9.30 -1.68 -11.12
CA LEU A 88 -10.27 -2.45 -10.30
C LEU A 88 -11.08 -3.45 -11.12
N CYS A 89 -11.48 -3.10 -12.34
CA CYS A 89 -12.12 -4.02 -13.27
C CYS A 89 -11.20 -5.21 -13.62
N SER A 90 -9.89 -4.96 -13.78
CA SER A 90 -8.87 -5.99 -14.00
C SER A 90 -8.49 -6.82 -12.76
N GLU A 91 -8.81 -6.38 -11.54
CA GLU A 91 -8.67 -7.21 -10.32
C GLU A 91 -9.88 -8.15 -10.08
N SER A 92 -11.01 -7.92 -10.75
CA SER A 92 -12.24 -8.74 -10.64
C SER A 92 -12.30 -9.86 -11.69
N THR A 93 -11.17 -10.55 -11.90
CA THR A 93 -10.99 -11.62 -12.91
C THR A 93 -10.44 -12.91 -12.30
N ALA A 94 -10.59 -14.03 -13.02
CA ALA A 94 -10.09 -15.35 -12.65
C ALA A 94 -8.76 -15.69 -13.36
N THR A 95 -8.18 -16.85 -13.04
CA THR A 95 -6.94 -17.38 -13.64
C THR A 95 -7.23 -18.39 -14.76
N SER A 96 -6.24 -18.62 -15.64
CA SER A 96 -6.29 -19.62 -16.73
C SER A 96 -6.20 -21.06 -16.17
N PRO A 97 -6.67 -22.09 -16.90
CA PRO A 97 -6.49 -23.49 -16.50
C PRO A 97 -5.00 -23.89 -16.53
N VAL A 98 -4.60 -24.79 -15.62
CA VAL A 98 -3.21 -25.30 -15.46
C VAL A 98 -3.19 -26.83 -15.32
N ALA B 1 -2.46 -16.13 -5.79
CA ALA B 1 -1.65 -15.07 -5.15
C ALA B 1 -2.26 -13.71 -5.55
N GLN B 2 -2.66 -12.90 -4.58
CA GLN B 2 -3.00 -11.50 -4.85
C GLN B 2 -1.73 -10.69 -5.14
N THR B 3 -1.64 -10.08 -6.33
CA THR B 3 -0.48 -9.31 -6.80
C THR B 3 -0.96 -8.06 -7.55
N PHE B 4 -0.12 -7.02 -7.56
CA PHE B 4 -0.36 -5.74 -8.25
C PHE B 4 0.68 -5.51 -9.34
N LEU B 5 0.30 -4.76 -10.37
CA LEU B 5 1.25 -4.24 -11.36
C LEU B 5 1.98 -3.02 -10.79
N PHE B 6 3.31 -3.09 -10.81
CA PHE B 6 4.23 -2.01 -10.45
C PHE B 6 5.33 -1.97 -11.52
N GLN B 7 5.58 -0.83 -12.15
CA GLN B 7 6.57 -0.68 -13.24
C GLN B 7 6.54 -1.77 -14.34
N GLY B 8 5.37 -2.35 -14.61
CA GLY B 8 5.18 -3.46 -15.57
C GLY B 8 5.66 -4.84 -15.06
N GLN B 9 5.78 -5.02 -13.74
CA GLN B 9 6.28 -6.22 -13.06
C GLN B 9 5.27 -6.70 -11.99
N PRO B 10 4.99 -8.02 -11.89
CA PRO B 10 4.13 -8.59 -10.86
C PRO B 10 4.84 -8.64 -9.49
N VAL B 11 4.10 -8.32 -8.42
CA VAL B 11 4.57 -8.32 -7.02
C VAL B 11 3.41 -8.63 -6.08
N VAL B 12 3.59 -9.61 -5.18
CA VAL B 12 2.57 -10.04 -4.22
C VAL B 12 2.18 -8.89 -3.28
N ASN B 13 0.88 -8.74 -3.06
CA ASN B 13 0.29 -7.62 -2.33
C ASN B 13 -0.12 -8.04 -0.91
N ARG B 14 0.80 -7.93 0.06
CA ARG B 14 0.55 -8.35 1.45
C ARG B 14 1.43 -7.61 2.47
N PRO B 15 1.12 -7.63 3.78
CA PRO B 15 1.97 -7.10 4.84
C PRO B 15 3.28 -7.88 4.94
N LEU B 16 4.40 -7.16 5.03
CA LEU B 16 5.74 -7.72 5.13
C LEU B 16 5.91 -8.48 6.46
N SER B 17 6.46 -9.69 6.39
CA SER B 17 6.73 -10.58 7.54
C SER B 17 8.17 -10.44 8.04
N LEU B 18 8.53 -11.19 9.09
CA LEU B 18 9.89 -11.24 9.65
C LEU B 18 10.96 -11.58 8.59
N LYS B 19 10.63 -12.47 7.64
CA LYS B 19 11.46 -12.77 6.45
C LYS B 19 11.84 -11.49 5.70
N ASP B 20 10.89 -10.61 5.43
CA ASP B 20 11.13 -9.37 4.67
C ASP B 20 12.08 -8.43 5.42
N GLN B 21 12.02 -8.39 6.76
CA GLN B 21 12.93 -7.59 7.60
C GLN B 21 14.39 -8.03 7.43
N GLN B 22 14.64 -9.35 7.47
CA GLN B 22 15.97 -9.94 7.24
C GLN B 22 16.42 -9.82 5.78
N THR B 23 15.58 -10.24 4.82
CA THR B 23 15.91 -10.16 3.38
C THR B 23 16.18 -8.72 2.95
N PHE B 24 15.40 -7.73 3.43
CA PHE B 24 15.67 -6.31 3.20
C PHE B 24 17.08 -5.94 3.60
N ALA B 25 17.42 -6.10 4.88
CA ALA B 25 18.71 -5.72 5.41
C ALA B 25 19.90 -6.39 4.68
N ARG B 26 19.71 -7.64 4.29
CA ARG B 26 20.65 -8.46 3.51
C ARG B 26 20.75 -8.09 2.02
N SER B 27 19.71 -7.47 1.45
CA SER B 27 19.60 -7.15 0.02
C SER B 27 19.88 -5.69 -0.32
N VAL B 28 19.34 -4.71 0.45
CA VAL B 28 19.68 -3.30 0.24
C VAL B 28 21.09 -2.96 0.72
N GLY B 29 21.57 -3.59 1.80
CA GLY B 29 22.82 -3.21 2.48
C GLY B 29 22.93 -1.70 2.67
N LEU B 30 23.88 -1.06 1.97
CA LEU B 30 24.08 0.40 1.93
C LEU B 30 22.83 1.23 1.55
N LYS B 31 21.94 0.70 0.70
CA LYS B 31 20.70 1.37 0.27
C LYS B 31 19.61 1.45 1.33
N TRP B 32 19.80 0.89 2.53
CA TRP B 32 18.86 1.04 3.65
C TRP B 32 18.54 2.51 3.98
N ARG B 33 19.57 3.37 3.99
CA ARG B 33 19.46 4.84 4.16
C ARG B 33 18.57 5.45 3.09
N LYS B 34 18.84 5.12 1.82
CA LYS B 34 18.07 5.62 0.68
C LYS B 34 16.61 5.15 0.69
N VAL B 35 16.33 3.87 0.92
CA VAL B 35 14.95 3.37 1.06
C VAL B 35 14.21 4.08 2.18
N GLY B 36 14.84 4.21 3.35
CA GLY B 36 14.29 4.99 4.47
C GLY B 36 13.84 6.39 4.05
N ARG B 37 14.71 7.13 3.33
CA ARG B 37 14.46 8.48 2.81
C ARG B 37 13.41 8.53 1.70
N SER B 38 13.45 7.61 0.75
CA SER B 38 12.50 7.52 -0.36
C SER B 38 11.08 7.18 0.13
N LEU B 39 10.96 6.36 1.18
CA LEU B 39 9.69 6.02 1.81
C LEU B 39 9.02 7.24 2.49
N GLN B 40 9.76 8.31 2.79
CA GLN B 40 9.22 9.57 3.32
C GLN B 40 8.36 10.31 2.28
N ARG B 41 8.73 10.27 1.00
CA ARG B 41 7.94 10.83 -0.11
C ARG B 41 6.62 10.06 -0.36
N GLY B 42 6.58 8.77 -0.06
CA GLY B 42 5.38 7.92 -0.22
C GLY B 42 4.52 7.78 1.04
N CYS B 43 5.12 7.90 2.23
CA CYS B 43 4.49 7.67 3.53
C CYS B 43 4.98 8.71 4.57
N ARG B 44 4.19 9.78 4.75
CA ARG B 44 4.48 10.86 5.71
C ARG B 44 4.60 10.40 7.16
N ALA B 45 4.00 9.27 7.52
CA ALA B 45 4.15 8.60 8.82
C ALA B 45 5.61 8.20 9.18
N LEU B 46 6.53 8.28 8.20
CA LEU B 46 7.94 7.90 8.31
C LEU B 46 8.89 9.06 7.91
N ARG B 47 8.35 10.27 7.61
CA ARG B 47 9.13 11.46 7.18
C ARG B 47 10.01 12.08 8.26
N ASP B 48 9.70 11.76 9.51
CA ASP B 48 10.40 12.22 10.72
C ASP B 48 11.91 11.90 10.63
N PRO B 49 12.78 12.55 11.44
CA PRO B 49 14.20 12.19 11.57
C PRO B 49 14.42 10.83 12.27
N ALA B 50 13.48 9.89 12.13
CA ALA B 50 13.60 8.51 12.56
C ALA B 50 14.92 7.90 12.10
N LEU B 51 15.24 8.00 10.81
CA LEU B 51 16.46 7.45 10.19
C LEU B 51 17.76 7.89 10.89
N ASP B 52 17.79 9.14 11.38
CA ASP B 52 18.95 9.71 12.06
C ASP B 52 19.20 9.03 13.42
N SER B 53 18.14 8.78 14.20
CA SER B 53 18.21 7.98 15.42
C SER B 53 18.38 6.49 15.13
N LEU B 54 17.66 5.92 14.16
CA LEU B 54 17.79 4.51 13.76
C LEU B 54 19.23 4.16 13.37
N ALA B 55 19.91 5.02 12.60
CA ALA B 55 21.31 4.81 12.22
C ALA B 55 22.22 4.68 13.45
N TYR B 56 22.06 5.54 14.46
CA TYR B 56 22.85 5.56 15.69
C TYR B 56 22.45 4.42 16.67
N GLU B 57 21.16 4.20 16.90
CA GLU B 57 20.62 3.18 17.81
C GLU B 57 20.97 1.76 17.36
N TYR B 58 21.08 1.54 16.05
CA TYR B 58 21.34 0.23 15.44
C TYR B 58 22.76 0.13 14.84
N GLU B 59 23.59 1.18 14.98
CA GLU B 59 25.00 1.21 14.56
C GLU B 59 25.86 0.10 15.19
N ARG B 60 25.43 -0.42 16.35
CA ARG B 60 26.07 -1.50 17.12
C ARG B 60 26.28 -2.77 16.29
N GLU B 61 25.28 -3.15 15.50
CA GLU B 61 25.33 -4.28 14.56
C GLU B 61 25.68 -3.83 13.13
N GLY B 62 25.27 -2.62 12.75
CA GLY B 62 25.52 -2.04 11.43
C GLY B 62 24.29 -2.13 10.51
N LEU B 63 24.54 -2.10 9.20
CA LEU B 63 23.53 -2.08 8.12
C LEU B 63 22.44 -3.15 8.31
N TYR B 64 22.82 -4.33 8.82
CA TYR B 64 21.89 -5.41 9.16
C TYR B 64 20.80 -5.00 10.16
N GLU B 65 21.14 -4.69 11.42
CA GLU B 65 20.15 -4.27 12.43
C GLU B 65 19.48 -2.93 12.06
N GLN B 66 20.24 -2.01 11.45
CA GLN B 66 19.77 -0.72 10.95
C GLN B 66 18.54 -0.87 10.04
N ALA B 67 18.68 -1.68 8.99
CA ALA B 67 17.61 -1.97 8.05
C ALA B 67 16.54 -2.91 8.63
N PHE B 68 16.92 -3.91 9.41
CA PHE B 68 16.03 -4.91 10.01
C PHE B 68 14.88 -4.30 10.81
N GLN B 69 15.17 -3.43 11.78
CA GLN B 69 14.14 -2.77 12.58
C GLN B 69 13.52 -1.54 11.88
N LEU B 70 14.20 -0.91 10.92
CA LEU B 70 13.57 0.08 10.02
C LEU B 70 12.39 -0.53 9.24
N LEU B 71 12.53 -1.77 8.79
CA LEU B 71 11.49 -2.45 8.02
C LEU B 71 10.20 -2.67 8.83
N ARG B 72 10.32 -2.81 10.16
CA ARG B 72 9.20 -2.84 11.12
C ARG B 72 8.49 -1.49 11.29
N ARG B 73 9.15 -0.37 11.00
CA ARG B 73 8.59 1.00 11.16
C ARG B 73 7.36 1.22 10.28
N PHE B 74 7.37 0.68 9.05
CA PHE B 74 6.19 0.66 8.18
C PHE B 74 5.06 -0.25 8.75
N VAL B 75 5.41 -1.43 9.27
CA VAL B 75 4.45 -2.36 9.90
C VAL B 75 3.83 -1.75 11.17
N GLN B 76 4.58 -0.96 11.94
CA GLN B 76 4.09 -0.21 13.11
C GLN B 76 2.98 0.81 12.77
N ALA B 77 2.96 1.35 11.56
CA ALA B 77 1.90 2.27 11.11
C ALA B 77 0.53 1.57 10.97
N GLU B 78 0.49 0.29 10.58
CA GLU B 78 -0.76 -0.46 10.36
C GLU B 78 -0.62 -1.98 10.58
N GLY B 79 0.28 -2.63 9.83
CA GLY B 79 0.65 -4.05 9.92
C GLY B 79 -0.42 -5.07 9.47
N ARG B 80 -1.69 -4.82 9.77
CA ARG B 80 -2.86 -5.57 9.24
C ARG B 80 -3.19 -5.20 7.79
N ARG B 81 -3.18 -3.91 7.49
CA ARG B 81 -3.60 -3.30 6.21
C ARG B 81 -2.48 -2.57 5.46
N ALA B 82 -1.31 -2.43 6.09
CA ALA B 82 -0.06 -2.09 5.40
C ALA B 82 0.30 -3.21 4.41
N THR B 83 0.88 -2.83 3.27
CA THR B 83 1.33 -3.78 2.23
C THR B 83 2.54 -3.23 1.48
N LEU B 84 3.31 -4.14 0.88
CA LEU B 84 4.52 -3.81 0.12
C LEU B 84 4.33 -2.65 -0.86
N GLN B 85 3.16 -2.47 -1.47
CA GLN B 85 2.79 -1.28 -2.25
C GLN B 85 3.45 0.05 -1.81
N ARG B 86 3.37 0.40 -0.52
CA ARG B 86 4.00 1.62 0.01
C ARG B 86 5.53 1.58 0.03
N LEU B 87 6.11 0.44 0.42
CA LEU B 87 7.55 0.17 0.37
C LEU B 87 8.07 0.20 -1.09
N VAL B 88 7.35 -0.39 -2.05
CA VAL B 88 7.77 -0.44 -3.47
C VAL B 88 7.95 0.96 -4.05
N GLU B 89 7.06 1.89 -3.71
CA GLU B 89 7.17 3.32 -4.07
C GLU B 89 8.46 3.99 -3.56
N ALA B 90 9.03 3.53 -2.43
CA ALA B 90 10.34 3.97 -1.97
C ALA B 90 11.48 3.42 -2.86
N LEU B 91 11.39 2.16 -3.26
CA LEU B 91 12.38 1.51 -4.13
C LEU B 91 12.36 2.08 -5.55
N GLU B 92 11.21 2.56 -6.06
CA GLU B 92 11.10 3.26 -7.34
C GLU B 92 11.99 4.50 -7.45
N GLU B 93 12.12 5.28 -6.37
CA GLU B 93 12.96 6.50 -6.34
C GLU B 93 14.46 6.22 -6.53
N ASN B 94 14.93 5.03 -6.11
CA ASN B 94 16.32 4.58 -6.31
C ASN B 94 16.45 3.54 -7.44
N GLU B 95 15.40 3.34 -8.23
CA GLU B 95 15.38 2.41 -9.37
C GLU B 95 15.64 0.94 -8.97
N LEU B 96 15.27 0.58 -7.73
CA LEU B 96 15.40 -0.73 -7.09
C LEU B 96 14.28 -1.72 -7.50
N THR B 97 13.87 -1.69 -8.78
CA THR B 97 12.79 -2.52 -9.33
C THR B 97 13.01 -4.01 -9.05
N SER B 98 14.21 -4.52 -9.33
CA SER B 98 14.61 -5.91 -9.08
C SER B 98 14.69 -6.26 -7.59
N LEU B 99 14.90 -5.27 -6.71
CA LEU B 99 14.95 -5.47 -5.26
C LEU B 99 13.54 -5.55 -4.66
N ALA B 100 12.57 -4.80 -5.20
CA ALA B 100 11.19 -4.80 -4.71
C ALA B 100 10.49 -6.16 -4.87
N GLU B 101 10.75 -6.86 -5.98
CA GLU B 101 10.32 -8.26 -6.15
C GLU B 101 11.18 -9.25 -5.34
N ASP B 102 12.52 -9.15 -5.39
CA ASP B 102 13.43 -10.01 -4.61
C ASP B 102 13.16 -9.97 -3.09
N LEU B 103 12.66 -8.84 -2.57
CA LEU B 103 12.30 -8.62 -1.17
C LEU B 103 11.32 -9.67 -0.62
N LEU B 104 10.23 -9.92 -1.37
CA LEU B 104 9.23 -10.92 -1.01
C LEU B 104 9.74 -12.37 -1.21
N GLY B 105 10.94 -12.53 -1.78
CA GLY B 105 11.53 -13.83 -2.13
C GLY B 105 11.15 -14.32 -3.54
N LEU B 106 10.78 -13.45 -4.48
CA LEU B 106 10.49 -13.84 -5.88
C LEU B 106 11.71 -14.41 -6.65
N THR B 107 12.92 -14.32 -6.08
CA THR B 107 14.15 -14.96 -6.59
C THR B 107 14.12 -16.51 -6.57
N ASP B 108 13.08 -17.11 -5.99
CA ASP B 108 12.92 -18.57 -5.82
C ASP B 108 12.08 -19.24 -6.94
N PRO B 109 12.22 -20.57 -7.15
CA PRO B 109 11.48 -21.34 -8.15
C PRO B 109 10.01 -21.65 -7.77
N ASN B 110 9.39 -20.85 -6.89
CA ASN B 110 8.01 -21.00 -6.41
C ASN B 110 7.70 -22.40 -5.84
N GLY B 111 8.46 -22.82 -4.81
CA GLY B 111 8.24 -24.08 -4.09
C GLY B 111 9.10 -25.23 -4.61
N GLY B 112 10.39 -25.23 -4.24
CA GLY B 112 11.35 -26.28 -4.62
C GLY B 112 12.79 -25.94 -4.19
N LEU B 113 13.32 -26.71 -3.23
CA LEU B 113 14.66 -26.54 -2.63
C LEU B 113 14.85 -25.15 -1.97
N ALA B 114 14.58 -25.10 -0.66
CA ALA B 114 14.47 -23.89 0.19
C ALA B 114 13.32 -22.92 -0.21
N LYS A 1 -29.52 9.90 -6.36
CA LYS A 1 -28.74 8.88 -7.09
C LYS A 1 -29.02 7.47 -6.56
N GLY A 2 -28.61 6.44 -7.30
CA GLY A 2 -28.68 5.03 -6.92
C GLY A 2 -28.71 4.08 -8.14
N ASP A 3 -28.12 2.89 -8.01
CA ASP A 3 -28.09 1.86 -9.06
C ASP A 3 -27.69 0.49 -8.50
N GLY A 4 -27.61 -0.54 -9.35
CA GLY A 4 -27.10 -1.87 -9.01
C GLY A 4 -25.59 -1.90 -8.70
N GLY A 5 -25.14 -2.97 -8.04
CA GLY A 5 -23.75 -3.15 -7.62
C GLY A 5 -23.36 -2.26 -6.43
N LEU A 6 -23.48 -2.77 -5.19
CA LEU A 6 -23.04 -2.07 -3.99
C LEU A 6 -21.56 -2.38 -3.67
N TYR A 7 -20.76 -1.35 -3.44
CA TYR A 7 -19.37 -1.50 -2.95
C TYR A 7 -19.33 -2.22 -1.60
N SER A 8 -20.32 -1.97 -0.74
CA SER A 8 -20.49 -2.67 0.55
C SER A 8 -20.87 -4.16 0.41
N SER A 9 -21.32 -4.61 -0.77
CA SER A 9 -21.61 -6.05 -1.03
C SER A 9 -20.35 -6.89 -1.29
N LEU A 10 -19.24 -6.26 -1.71
CA LEU A 10 -17.97 -6.91 -1.98
C LEU A 10 -17.30 -7.50 -0.71
N PRO A 11 -16.50 -8.56 -0.84
CA PRO A 11 -15.81 -9.19 0.29
C PRO A 11 -14.69 -8.30 0.87
N PRO A 12 -14.26 -8.53 2.13
CA PRO A 12 -13.24 -7.70 2.79
C PRO A 12 -11.89 -7.72 2.06
N ALA A 13 -11.51 -8.85 1.47
CA ALA A 13 -10.30 -9.00 0.67
C ALA A 13 -10.28 -8.10 -0.58
N LYS A 14 -11.43 -7.91 -1.24
CA LYS A 14 -11.58 -6.99 -2.39
C LYS A 14 -11.49 -5.52 -1.99
N ARG A 15 -12.03 -5.14 -0.81
CA ARG A 15 -11.91 -3.76 -0.31
C ARG A 15 -10.45 -3.43 -0.01
N GLU A 16 -9.75 -4.34 0.68
CA GLU A 16 -8.30 -4.26 0.90
C GLU A 16 -7.53 -4.01 -0.41
N GLU A 17 -7.87 -4.74 -1.48
CA GLU A 17 -7.27 -4.59 -2.81
C GLU A 17 -7.29 -3.13 -3.30
N VAL A 18 -8.37 -2.38 -3.04
CA VAL A 18 -8.44 -0.93 -3.33
C VAL A 18 -7.49 -0.11 -2.46
N GLU A 19 -7.47 -0.36 -1.14
CA GLU A 19 -6.62 0.39 -0.19
C GLU A 19 -5.13 0.20 -0.44
N LYS A 20 -4.77 -0.95 -1.03
CA LYS A 20 -3.41 -1.29 -1.42
C LYS A 20 -3.07 -0.70 -2.79
N LEU A 21 -3.96 -0.83 -3.79
CA LEU A 21 -3.69 -0.39 -5.17
C LEU A 21 -3.28 1.08 -5.25
N LEU A 22 -4.00 1.96 -4.55
CA LEU A 22 -3.73 3.40 -4.51
C LEU A 22 -2.59 3.81 -3.55
N ASN A 23 -2.22 2.92 -2.61
CA ASN A 23 -1.19 3.17 -1.59
C ASN A 23 0.20 3.41 -2.21
N GLY A 24 0.44 2.80 -3.38
CA GLY A 24 1.66 2.93 -4.20
C GLY A 24 1.40 3.72 -5.48
N SER A 25 0.70 4.85 -5.38
CA SER A 25 0.38 5.76 -6.49
C SER A 25 0.57 7.23 -6.08
N ALA A 26 0.22 8.17 -6.96
CA ALA A 26 0.10 9.60 -6.65
C ALA A 26 -0.83 9.87 -5.45
N GLY A 27 -0.70 11.07 -4.84
CA GLY A 27 -1.47 11.56 -3.69
C GLY A 27 -2.89 11.00 -3.61
N ASP A 28 -3.17 10.26 -2.54
CA ASP A 28 -4.29 9.32 -2.40
C ASP A 28 -5.62 9.87 -2.96
N THR A 29 -6.35 9.08 -3.75
CA THR A 29 -7.61 9.47 -4.40
C THR A 29 -8.69 9.96 -3.43
N TRP A 30 -8.61 9.57 -2.15
CA TRP A 30 -9.48 10.02 -1.07
C TRP A 30 -9.62 11.55 -0.98
N ARG A 31 -8.57 12.33 -1.26
CA ARG A 31 -8.62 13.81 -1.27
C ARG A 31 -9.59 14.34 -2.31
N HIS A 32 -9.50 13.78 -3.51
CA HIS A 32 -10.32 14.13 -4.66
C HIS A 32 -11.76 13.59 -4.49
N LEU A 33 -11.90 12.33 -4.08
CA LEU A 33 -13.20 11.69 -3.83
C LEU A 33 -13.99 12.37 -2.71
N ALA A 34 -13.37 12.73 -1.58
CA ALA A 34 -14.04 13.41 -0.48
C ALA A 34 -14.67 14.74 -0.93
N GLY A 35 -13.93 15.53 -1.71
CA GLY A 35 -14.42 16.78 -2.30
C GLY A 35 -15.63 16.58 -3.22
N GLU A 36 -15.61 15.55 -4.08
CA GLU A 36 -16.74 15.23 -4.96
C GLU A 36 -17.96 14.63 -4.23
N LEU A 37 -17.76 13.78 -3.23
CA LEU A 37 -18.82 13.23 -2.38
C LEU A 37 -19.47 14.30 -1.48
N GLY A 38 -18.89 15.50 -1.40
CA GLY A 38 -19.33 16.59 -0.51
C GLY A 38 -19.05 16.32 0.96
N TYR A 39 -18.05 15.47 1.27
CA TYR A 39 -17.62 15.20 2.64
C TYR A 39 -17.02 16.45 3.29
N GLN A 40 -17.40 16.70 4.54
CA GLN A 40 -16.96 17.86 5.33
C GLN A 40 -15.44 17.85 5.59
N PRO A 41 -14.77 19.01 5.67
CA PRO A 41 -13.32 19.09 5.82
C PRO A 41 -12.84 18.50 7.16
N GLU A 42 -13.59 18.69 8.25
CA GLU A 42 -13.28 18.10 9.55
C GLU A 42 -13.39 16.57 9.58
N HIS A 43 -14.26 15.99 8.74
CA HIS A 43 -14.37 14.54 8.58
C HIS A 43 -13.11 13.96 7.93
N ILE A 44 -12.62 14.60 6.87
CA ILE A 44 -11.35 14.24 6.20
C ILE A 44 -10.20 14.26 7.22
N ASP A 45 -10.06 15.33 8.02
CA ASP A 45 -9.05 15.40 9.07
C ASP A 45 -9.25 14.39 10.23
N SER A 46 -10.49 13.96 10.54
CA SER A 46 -10.74 12.89 11.52
C SER A 46 -10.30 11.51 11.01
N PHE A 47 -10.47 11.24 9.71
CA PHE A 47 -10.06 9.98 9.06
C PHE A 47 -8.53 9.76 9.02
N THR A 48 -7.70 10.79 9.23
CA THR A 48 -6.22 10.65 9.35
C THR A 48 -5.76 9.97 10.64
N HIS A 49 -6.67 9.62 11.56
CA HIS A 49 -6.39 8.82 12.76
C HIS A 49 -5.65 7.51 12.45
N GLU A 50 -5.98 6.89 11.31
CA GLU A 50 -5.40 5.63 10.82
C GLU A 50 -4.26 5.91 9.81
N ALA A 51 -3.24 5.05 9.75
CA ALA A 51 -2.09 5.22 8.84
C ALA A 51 -2.44 5.12 7.35
N CYS A 52 -3.65 4.65 7.02
CA CYS A 52 -4.24 4.65 5.69
C CYS A 52 -5.49 5.55 5.70
N PRO A 53 -5.37 6.87 5.45
CA PRO A 53 -6.52 7.78 5.52
C PRO A 53 -7.57 7.47 4.44
N VAL A 54 -7.14 6.97 3.28
CA VAL A 54 -8.01 6.47 2.21
C VAL A 54 -8.97 5.37 2.64
N ARG A 55 -8.48 4.36 3.38
CA ARG A 55 -9.31 3.22 3.82
C ARG A 55 -10.43 3.66 4.75
N ALA A 56 -10.17 4.69 5.55
CA ALA A 56 -11.15 5.29 6.44
C ALA A 56 -12.27 6.02 5.67
N LEU A 57 -11.96 6.68 4.54
CA LEU A 57 -13.00 7.24 3.67
C LEU A 57 -13.89 6.14 3.09
N LEU A 58 -13.30 5.11 2.45
CA LEU A 58 -14.10 4.04 1.82
C LEU A 58 -14.91 3.23 2.85
N ALA A 59 -14.34 2.98 4.04
CA ALA A 59 -15.04 2.35 5.15
C ALA A 59 -16.23 3.17 5.67
N SER A 60 -16.04 4.48 5.93
CA SER A 60 -17.15 5.35 6.37
C SER A 60 -18.16 5.64 5.26
N TRP A 61 -17.77 5.54 3.99
CA TRP A 61 -18.71 5.60 2.87
C TRP A 61 -19.55 4.30 2.79
N ALA A 62 -18.94 3.13 2.99
CA ALA A 62 -19.63 1.83 3.01
C ALA A 62 -20.70 1.65 4.10
N THR A 63 -20.79 2.55 5.10
CA THR A 63 -21.84 2.53 6.15
C THR A 63 -23.24 2.93 5.64
N GLN A 64 -23.34 3.48 4.43
CA GLN A 64 -24.58 3.98 3.81
C GLN A 64 -24.82 3.36 2.42
N ASP A 65 -26.09 3.21 2.04
CA ASP A 65 -26.49 2.63 0.74
C ASP A 65 -26.07 3.49 -0.47
N SER A 66 -25.68 4.75 -0.25
CA SER A 66 -25.01 5.59 -1.26
C SER A 66 -23.69 5.00 -1.78
N ALA A 67 -23.08 4.03 -1.08
CA ALA A 67 -21.90 3.29 -1.50
C ALA A 67 -22.12 2.32 -2.68
N THR A 68 -22.81 2.75 -3.75
CA THR A 68 -22.94 1.96 -4.98
C THR A 68 -21.69 2.14 -5.86
N LEU A 69 -21.31 1.12 -6.62
CA LEU A 69 -20.25 1.23 -7.62
C LEU A 69 -20.56 2.36 -8.60
N ASP A 70 -21.80 2.44 -9.10
CA ASP A 70 -22.23 3.47 -10.04
C ASP A 70 -22.00 4.90 -9.50
N ALA A 71 -22.29 5.14 -8.22
CA ALA A 71 -22.01 6.42 -7.55
C ALA A 71 -20.51 6.67 -7.32
N LEU A 72 -19.73 5.63 -7.00
CA LEU A 72 -18.27 5.74 -6.81
C LEU A 72 -17.57 6.09 -8.14
N LEU A 73 -17.94 5.38 -9.19
CA LEU A 73 -17.50 5.60 -10.57
C LEU A 73 -17.85 7.02 -11.04
N ALA A 74 -19.09 7.47 -10.81
CA ALA A 74 -19.52 8.83 -11.14
C ALA A 74 -18.64 9.91 -10.49
N ALA A 75 -18.26 9.73 -9.21
CA ALA A 75 -17.34 10.63 -8.52
C ALA A 75 -15.90 10.56 -9.08
N LEU A 76 -15.36 9.35 -9.30
CA LEU A 76 -14.04 9.13 -9.93
C LEU A 76 -13.92 9.76 -11.34
N ARG A 77 -15.00 9.73 -12.13
CA ARG A 77 -15.07 10.36 -13.46
C ARG A 77 -14.95 11.89 -13.40
N ARG A 78 -15.59 12.55 -12.42
CA ARG A 78 -15.55 14.01 -12.25
C ARG A 78 -14.16 14.56 -11.89
N ILE A 79 -13.36 13.76 -11.18
CA ILE A 79 -11.97 14.09 -10.77
C ILE A 79 -10.91 13.57 -11.77
N GLN A 80 -11.34 13.06 -12.94
CA GLN A 80 -10.46 12.49 -13.98
C GLN A 80 -9.54 11.36 -13.46
N ARG A 81 -10.10 10.46 -12.64
CA ARG A 81 -9.42 9.29 -12.03
C ARG A 81 -9.92 7.94 -12.58
N ALA A 82 -10.35 7.94 -13.85
CA ALA A 82 -10.65 6.73 -14.63
C ALA A 82 -9.47 5.72 -14.69
N ASP A 83 -8.24 6.16 -14.40
CA ASP A 83 -7.06 5.30 -14.29
C ASP A 83 -7.21 4.24 -13.18
N LEU A 84 -7.67 4.64 -11.97
CA LEU A 84 -7.99 3.70 -10.89
C LEU A 84 -9.22 2.85 -11.20
N VAL A 85 -10.24 3.40 -11.88
CA VAL A 85 -11.43 2.65 -12.32
C VAL A 85 -11.04 1.44 -13.17
N GLU A 86 -10.24 1.66 -14.22
CA GLU A 86 -9.78 0.58 -15.10
C GLU A 86 -8.95 -0.47 -14.35
N SER A 87 -8.05 -0.04 -13.46
CA SER A 87 -7.29 -0.94 -12.60
C SER A 87 -8.20 -1.82 -11.73
N LEU A 88 -9.19 -1.25 -11.03
CA LEU A 88 -10.14 -2.03 -10.20
C LEU A 88 -10.97 -3.03 -11.01
N CYS A 89 -11.41 -2.66 -12.22
CA CYS A 89 -12.11 -3.57 -13.13
C CYS A 89 -11.22 -4.77 -13.57
N SER A 90 -9.90 -4.60 -13.61
CA SER A 90 -8.94 -5.68 -13.92
C SER A 90 -8.42 -6.43 -12.70
N GLU A 91 -8.43 -5.82 -11.50
CA GLU A 91 -7.98 -6.45 -10.25
C GLU A 91 -9.00 -7.46 -9.69
N SER A 92 -10.28 -7.38 -10.10
CA SER A 92 -11.34 -8.27 -9.63
C SER A 92 -11.11 -9.75 -9.98
N THR A 93 -10.94 -10.05 -11.28
CA THR A 93 -10.64 -11.40 -11.83
C THR A 93 -11.54 -12.53 -11.27
N ALA A 94 -11.11 -13.79 -11.37
CA ALA A 94 -11.65 -14.93 -10.63
C ALA A 94 -10.90 -15.17 -9.31
N THR A 95 -11.48 -15.98 -8.42
CA THR A 95 -10.94 -16.31 -7.08
C THR A 95 -11.37 -17.74 -6.67
N SER A 96 -11.15 -18.13 -5.40
CA SER A 96 -11.57 -19.42 -4.84
C SER A 96 -10.92 -20.65 -5.52
N PRO A 97 -9.58 -20.78 -5.51
CA PRO A 97 -8.86 -21.87 -6.18
C PRO A 97 -9.23 -23.24 -5.57
N VAL A 98 -9.47 -24.22 -6.44
CA VAL A 98 -9.73 -25.63 -6.09
C VAL A 98 -8.58 -26.30 -5.35
N ALA B 1 -3.03 -15.76 -5.28
CA ALA B 1 -2.17 -14.75 -4.68
C ALA B 1 -2.70 -13.37 -5.09
N GLN B 2 -3.06 -12.52 -4.12
CA GLN B 2 -3.37 -11.12 -4.41
C GLN B 2 -2.08 -10.39 -4.80
N THR B 3 -2.01 -9.84 -6.01
CA THR B 3 -0.81 -9.17 -6.57
C THR B 3 -1.22 -7.91 -7.34
N PHE B 4 -0.31 -6.93 -7.42
CA PHE B 4 -0.49 -5.67 -8.13
C PHE B 4 0.52 -5.52 -9.26
N LEU B 5 0.15 -4.77 -10.30
CA LEU B 5 1.11 -4.31 -11.30
C LEU B 5 1.90 -3.10 -10.76
N PHE B 6 3.21 -3.22 -10.82
CA PHE B 6 4.17 -2.15 -10.52
C PHE B 6 5.26 -2.21 -11.60
N GLN B 7 5.58 -1.09 -12.25
CA GLN B 7 6.60 -1.01 -13.32
C GLN B 7 6.51 -2.13 -14.40
N GLY B 8 5.30 -2.66 -14.65
CA GLY B 8 5.07 -3.76 -15.59
C GLY B 8 5.43 -5.17 -15.07
N GLN B 9 5.60 -5.34 -13.76
CA GLN B 9 6.02 -6.55 -13.06
C GLN B 9 4.98 -6.95 -11.98
N PRO B 10 4.61 -8.24 -11.85
CA PRO B 10 3.74 -8.71 -10.76
C PRO B 10 4.50 -8.78 -9.43
N VAL B 11 3.80 -8.43 -8.33
CA VAL B 11 4.31 -8.42 -6.95
C VAL B 11 3.17 -8.68 -5.96
N VAL B 12 3.35 -9.67 -5.07
CA VAL B 12 2.37 -10.04 -4.03
C VAL B 12 2.06 -8.84 -3.13
N ASN B 13 0.76 -8.58 -2.91
CA ASN B 13 0.24 -7.41 -2.22
C ASN B 13 -0.10 -7.76 -0.77
N ARG B 14 0.87 -7.67 0.14
CA ARG B 14 0.70 -8.06 1.56
C ARG B 14 1.69 -7.36 2.49
N PRO B 15 1.45 -7.38 3.83
CA PRO B 15 2.42 -6.89 4.81
C PRO B 15 3.70 -7.73 4.83
N LEU B 16 4.84 -7.06 4.99
CA LEU B 16 6.16 -7.69 5.00
C LEU B 16 6.41 -8.44 6.33
N SER B 17 6.86 -9.68 6.22
CA SER B 17 7.15 -10.57 7.36
C SER B 17 8.58 -10.41 7.90
N LEU B 18 8.94 -11.18 8.92
CA LEU B 18 10.31 -11.28 9.46
C LEU B 18 11.35 -11.63 8.38
N LYS B 19 11.01 -12.55 7.47
CA LYS B 19 11.79 -12.86 6.26
C LYS B 19 12.16 -11.61 5.46
N ASP B 20 11.21 -10.71 5.24
CA ASP B 20 11.42 -9.51 4.43
C ASP B 20 12.38 -8.53 5.12
N GLN B 21 12.29 -8.38 6.44
CA GLN B 21 13.19 -7.54 7.24
C GLN B 21 14.66 -8.00 7.13
N GLN B 22 14.89 -9.31 7.22
CA GLN B 22 16.22 -9.93 7.04
C GLN B 22 16.70 -9.85 5.59
N THR B 23 15.90 -10.29 4.61
CA THR B 23 16.26 -10.24 3.19
C THR B 23 16.52 -8.80 2.72
N PHE B 24 15.72 -7.83 3.16
CA PHE B 24 15.96 -6.40 2.90
C PHE B 24 17.36 -5.99 3.35
N ALA B 25 17.63 -6.10 4.64
CA ALA B 25 18.90 -5.70 5.24
C ALA B 25 20.13 -6.33 4.55
N ARG B 26 20.01 -7.60 4.18
CA ARG B 26 21.01 -8.41 3.48
C ARG B 26 21.16 -8.08 1.98
N SER B 27 20.15 -7.45 1.38
CA SER B 27 20.04 -7.23 -0.08
C SER B 27 20.25 -5.77 -0.50
N VAL B 28 19.68 -4.80 0.22
CA VAL B 28 20.00 -3.37 -0.01
C VAL B 28 21.40 -3.01 0.46
N GLY B 29 21.90 -3.61 1.55
CA GLY B 29 23.17 -3.26 2.20
C GLY B 29 23.31 -1.75 2.42
N LEU B 30 24.14 -1.09 1.61
CA LEU B 30 24.31 0.38 1.61
C LEU B 30 23.03 1.17 1.28
N LYS B 31 22.15 0.64 0.42
CA LYS B 31 20.89 1.30 0.01
C LYS B 31 19.81 1.35 1.09
N TRP B 32 20.03 0.77 2.27
CA TRP B 32 19.12 0.90 3.41
C TRP B 32 18.77 2.36 3.73
N ARG B 33 19.78 3.23 3.70
CA ARG B 33 19.64 4.66 3.99
C ARG B 33 18.75 5.33 2.94
N LYS B 34 19.03 5.05 1.66
CA LYS B 34 18.27 5.56 0.51
C LYS B 34 16.81 5.10 0.53
N VAL B 35 16.54 3.82 0.76
CA VAL B 35 15.16 3.31 0.86
C VAL B 35 14.41 3.98 2.01
N GLY B 36 15.04 4.15 3.18
CA GLY B 36 14.48 4.96 4.26
C GLY B 36 14.09 6.37 3.80
N ARG B 37 15.03 7.09 3.18
CA ARG B 37 14.79 8.46 2.68
C ARG B 37 13.75 8.56 1.56
N SER B 38 13.58 7.50 0.75
CA SER B 38 12.55 7.46 -0.28
C SER B 38 11.17 7.09 0.30
N LEU B 39 11.12 6.20 1.28
CA LEU B 39 9.87 5.79 1.95
C LEU B 39 9.29 6.91 2.82
N GLN B 40 10.15 7.69 3.49
CA GLN B 40 9.74 8.88 4.25
C GLN B 40 8.96 9.90 3.39
N ARG B 41 9.26 9.96 2.09
CA ARG B 41 8.68 10.90 1.11
C ARG B 41 7.24 10.53 0.74
N GLY B 42 6.96 9.25 0.53
CA GLY B 42 5.65 8.72 0.11
C GLY B 42 4.75 8.32 1.29
N CYS B 43 5.34 7.87 2.40
CA CYS B 43 4.64 7.44 3.61
C CYS B 43 4.88 8.44 4.75
N ARG B 44 3.95 9.39 4.92
CA ARG B 44 4.05 10.48 5.91
C ARG B 44 4.23 9.99 7.36
N ALA B 45 3.81 8.77 7.67
CA ALA B 45 4.08 8.08 8.95
C ALA B 45 5.58 7.90 9.29
N LEU B 46 6.48 8.13 8.32
CA LEU B 46 7.92 7.92 8.41
C LEU B 46 8.72 9.19 8.04
N ARG B 47 8.05 10.29 7.70
CA ARG B 47 8.61 11.60 7.26
C ARG B 47 9.40 12.35 8.33
N ASP B 48 9.21 11.98 9.59
CA ASP B 48 9.98 12.46 10.74
C ASP B 48 11.49 12.15 10.58
N PRO B 49 12.40 12.77 11.35
CA PRO B 49 13.83 12.40 11.39
C PRO B 49 14.09 11.05 12.08
N ALA B 50 13.14 10.10 11.99
CA ALA B 50 13.24 8.74 12.49
C ALA B 50 14.55 8.08 12.02
N LEU B 51 14.85 8.15 10.72
CA LEU B 51 16.05 7.56 10.11
C LEU B 51 17.36 7.99 10.79
N ASP B 52 17.43 9.23 11.26
CA ASP B 52 18.59 9.81 11.92
C ASP B 52 18.86 9.17 13.29
N SER B 53 17.78 8.91 14.06
CA SER B 53 17.84 8.14 15.30
C SER B 53 17.99 6.64 15.05
N LEU B 54 17.28 6.06 14.07
CA LEU B 54 17.39 4.65 13.67
C LEU B 54 18.84 4.26 13.36
N ALA B 55 19.56 5.09 12.59
CA ALA B 55 20.97 4.87 12.28
C ALA B 55 21.84 4.71 13.55
N TYR B 56 21.61 5.54 14.57
CA TYR B 56 22.40 5.57 15.80
C TYR B 56 21.95 4.54 16.85
N GLU B 57 20.64 4.31 16.98
CA GLU B 57 20.05 3.29 17.88
C GLU B 57 20.37 1.87 17.42
N TYR B 58 20.51 1.64 16.11
CA TYR B 58 20.78 0.34 15.51
C TYR B 58 22.22 0.20 14.98
N GLU B 59 23.07 1.21 15.21
CA GLU B 59 24.50 1.22 14.87
C GLU B 59 25.30 0.09 15.56
N ARG B 60 24.75 -0.45 16.66
CA ARG B 60 25.33 -1.54 17.47
C ARG B 60 25.62 -2.80 16.66
N GLU B 61 24.69 -3.21 15.78
CA GLU B 61 24.87 -4.33 14.86
C GLU B 61 25.29 -3.87 13.45
N GLY B 62 24.92 -2.65 13.06
CA GLY B 62 25.26 -2.06 11.76
C GLY B 62 24.10 -2.10 10.76
N LEU B 63 24.42 -2.08 9.46
CA LEU B 63 23.48 -2.08 8.33
C LEU B 63 22.37 -3.12 8.48
N TYR B 64 22.69 -4.30 9.04
CA TYR B 64 21.74 -5.38 9.33
C TYR B 64 20.60 -4.94 10.25
N GLU B 65 20.87 -4.63 11.53
CA GLU B 65 19.84 -4.20 12.49
C GLU B 65 19.17 -2.88 12.06
N GLN B 66 19.95 -1.97 11.47
CA GLN B 66 19.47 -0.69 10.93
C GLN B 66 18.31 -0.87 9.97
N ALA B 67 18.53 -1.67 8.92
CA ALA B 67 17.55 -1.95 7.88
C ALA B 67 16.42 -2.91 8.35
N PHE B 68 16.75 -3.89 9.19
CA PHE B 68 15.82 -4.88 9.74
C PHE B 68 14.65 -4.23 10.51
N GLN B 69 14.97 -3.37 11.49
CA GLN B 69 13.95 -2.71 12.32
C GLN B 69 13.32 -1.49 11.61
N LEU B 70 14.01 -0.87 10.65
CA LEU B 70 13.42 0.13 9.73
C LEU B 70 12.22 -0.43 8.95
N LEU B 71 12.29 -1.68 8.52
CA LEU B 71 11.19 -2.37 7.84
C LEU B 71 9.98 -2.64 8.74
N ARG B 72 10.22 -2.86 10.05
CA ARG B 72 9.16 -2.98 11.07
C ARG B 72 8.52 -1.62 11.41
N ARG B 73 9.23 -0.51 11.21
CA ARG B 73 8.76 0.87 11.49
C ARG B 73 7.47 1.23 10.73
N PHE B 74 7.31 0.72 9.50
CA PHE B 74 6.07 0.82 8.72
C PHE B 74 4.96 -0.11 9.26
N VAL B 75 5.31 -1.36 9.59
CA VAL B 75 4.38 -2.35 10.18
C VAL B 75 3.83 -1.90 11.54
N GLN B 76 4.62 -1.17 12.34
CA GLN B 76 4.20 -0.55 13.59
C GLN B 76 3.05 0.44 13.40
N ALA B 77 3.05 1.22 12.32
CA ALA B 77 2.00 2.19 12.02
C ALA B 77 0.62 1.53 11.77
N GLU B 78 0.59 0.34 11.15
CA GLU B 78 -0.68 -0.37 10.90
C GLU B 78 -0.55 -1.91 10.86
N GLY B 79 0.32 -2.44 9.99
CA GLY B 79 0.62 -3.88 9.86
C GLY B 79 -0.47 -4.77 9.27
N ARG B 80 -1.76 -4.55 9.61
CA ARG B 80 -2.90 -5.23 8.97
C ARG B 80 -3.17 -4.76 7.54
N ARG B 81 -3.14 -3.43 7.33
CA ARG B 81 -3.39 -2.74 6.03
C ARG B 81 -2.13 -2.19 5.37
N ALA B 82 -1.03 -2.11 6.10
CA ALA B 82 0.29 -1.85 5.54
C ALA B 82 0.68 -2.95 4.55
N THR B 83 1.23 -2.59 3.39
CA THR B 83 1.66 -3.54 2.35
C THR B 83 2.87 -3.04 1.57
N LEU B 84 3.54 -3.97 0.89
CA LEU B 84 4.69 -3.69 0.02
C LEU B 84 4.47 -2.51 -0.93
N GLN B 85 3.26 -2.27 -1.43
CA GLN B 85 2.90 -1.09 -2.25
C GLN B 85 3.58 0.22 -1.82
N ARG B 86 3.59 0.56 -0.52
CA ARG B 86 4.28 1.75 -0.01
C ARG B 86 5.82 1.64 -0.09
N LEU B 87 6.38 0.49 0.27
CA LEU B 87 7.81 0.18 0.13
C LEU B 87 8.27 0.23 -1.33
N VAL B 88 7.50 -0.31 -2.28
CA VAL B 88 7.83 -0.30 -3.71
C VAL B 88 8.04 1.13 -4.23
N GLU B 89 7.18 2.07 -3.84
CA GLU B 89 7.31 3.49 -4.20
C GLU B 89 8.58 4.14 -3.64
N ALA B 90 9.14 3.64 -2.54
CA ALA B 90 10.46 4.03 -2.07
C ALA B 90 11.57 3.48 -2.97
N LEU B 91 11.50 2.21 -3.32
CA LEU B 91 12.48 1.54 -4.18
C LEU B 91 12.47 2.10 -5.61
N GLU B 92 11.32 2.55 -6.12
CA GLU B 92 11.19 3.17 -7.44
C GLU B 92 12.05 4.45 -7.60
N GLU B 93 12.26 5.22 -6.52
CA GLU B 93 13.12 6.42 -6.54
C GLU B 93 14.61 6.09 -6.77
N ASN B 94 15.08 4.91 -6.35
CA ASN B 94 16.47 4.45 -6.55
C ASN B 94 16.59 3.42 -7.69
N GLU B 95 15.56 3.26 -8.53
CA GLU B 95 15.52 2.27 -9.63
C GLU B 95 15.66 0.81 -9.13
N LEU B 96 15.28 0.54 -7.88
CA LEU B 96 15.36 -0.78 -7.24
C LEU B 96 14.19 -1.71 -7.63
N THR B 97 13.84 -1.73 -8.91
CA THR B 97 12.74 -2.52 -9.50
C THR B 97 12.90 -4.02 -9.24
N SER B 98 14.09 -4.57 -9.51
CA SER B 98 14.42 -5.97 -9.21
C SER B 98 14.40 -6.27 -7.71
N LEU B 99 14.85 -5.32 -6.88
CA LEU B 99 14.85 -5.45 -5.41
C LEU B 99 13.42 -5.55 -4.84
N ALA B 100 12.48 -4.75 -5.35
CA ALA B 100 11.10 -4.72 -4.85
C ALA B 100 10.38 -6.07 -4.99
N GLU B 101 10.64 -6.82 -6.07
CA GLU B 101 10.12 -8.17 -6.24
C GLU B 101 11.01 -9.24 -5.57
N ASP B 102 12.35 -9.16 -5.67
CA ASP B 102 13.28 -10.08 -4.99
C ASP B 102 13.11 -10.07 -3.45
N LEU B 103 12.69 -8.95 -2.87
CA LEU B 103 12.41 -8.80 -1.43
C LEU B 103 11.48 -9.89 -0.87
N LEU B 104 10.45 -10.24 -1.66
CA LEU B 104 9.43 -11.22 -1.29
C LEU B 104 9.94 -12.67 -1.42
N GLY B 105 11.19 -12.85 -1.87
CA GLY B 105 11.82 -14.13 -2.20
C GLY B 105 11.51 -14.62 -3.61
N LEU B 106 10.96 -13.77 -4.50
CA LEU B 106 10.58 -14.15 -5.88
C LEU B 106 11.75 -14.64 -6.75
N THR B 107 13.00 -14.49 -6.31
CA THR B 107 14.19 -15.10 -6.91
C THR B 107 14.23 -16.64 -6.84
N ASP B 108 13.33 -17.28 -6.08
CA ASP B 108 13.23 -18.74 -5.94
C ASP B 108 12.47 -19.44 -7.10
N PRO B 109 12.63 -20.76 -7.30
CA PRO B 109 11.89 -21.55 -8.30
C PRO B 109 10.43 -21.89 -7.91
N ASN B 110 9.80 -21.10 -7.04
CA ASN B 110 8.47 -21.34 -6.44
C ASN B 110 8.31 -22.76 -5.86
N GLY B 111 9.20 -23.16 -4.95
CA GLY B 111 9.15 -24.45 -4.26
C GLY B 111 10.29 -24.68 -3.26
N GLY B 112 10.14 -25.71 -2.42
CA GLY B 112 11.06 -26.06 -1.33
C GLY B 112 10.46 -25.69 0.03
N LEU B 113 11.05 -24.69 0.70
CA LEU B 113 10.73 -24.18 2.05
C LEU B 113 10.80 -25.26 3.15
N ALA B 114 11.88 -25.21 3.95
CA ALA B 114 12.28 -26.22 4.94
C ALA B 114 12.31 -27.66 4.38
N LYS A 1 -30.44 5.14 -10.11
CA LYS A 1 -29.32 4.99 -11.09
C LYS A 1 -29.77 4.18 -12.32
N GLY A 2 -28.89 4.01 -13.31
CA GLY A 2 -29.15 3.33 -14.59
C GLY A 2 -28.39 2.01 -14.80
N ASP A 3 -27.76 1.48 -13.75
CA ASP A 3 -26.94 0.25 -13.74
C ASP A 3 -27.09 -0.49 -12.39
N GLY A 4 -26.27 -1.53 -12.15
CA GLY A 4 -26.23 -2.28 -10.89
C GLY A 4 -24.83 -2.78 -10.51
N GLY A 5 -24.65 -3.08 -9.22
CA GLY A 5 -23.38 -3.43 -8.59
C GLY A 5 -23.14 -2.58 -7.34
N LEU A 6 -23.23 -3.18 -6.15
CA LEU A 6 -22.91 -2.53 -4.87
C LEU A 6 -21.46 -2.85 -4.48
N TYR A 7 -20.66 -1.83 -4.17
CA TYR A 7 -19.29 -1.99 -3.65
C TYR A 7 -19.30 -2.74 -2.30
N SER A 8 -20.34 -2.51 -1.47
CA SER A 8 -20.54 -3.24 -0.21
C SER A 8 -20.85 -4.74 -0.39
N SER A 9 -21.30 -5.17 -1.58
CA SER A 9 -21.53 -6.59 -1.91
C SER A 9 -20.25 -7.35 -2.29
N LEU A 10 -19.14 -6.66 -2.60
CA LEU A 10 -17.84 -7.29 -2.87
C LEU A 10 -17.23 -7.94 -1.60
N PRO A 11 -16.41 -9.00 -1.75
CA PRO A 11 -15.76 -9.68 -0.62
C PRO A 11 -14.68 -8.80 0.05
N PRO A 12 -14.28 -9.12 1.30
CA PRO A 12 -13.29 -8.33 2.05
C PRO A 12 -11.91 -8.27 1.36
N ALA A 13 -11.51 -9.36 0.69
CA ALA A 13 -10.28 -9.44 -0.09
C ALA A 13 -10.25 -8.45 -1.28
N LYS A 14 -11.38 -8.28 -1.99
CA LYS A 14 -11.50 -7.31 -3.09
C LYS A 14 -11.40 -5.86 -2.62
N ARG A 15 -11.91 -5.53 -1.43
CA ARG A 15 -11.79 -4.19 -0.85
C ARG A 15 -10.33 -3.87 -0.49
N GLU A 16 -9.63 -4.85 0.08
CA GLU A 16 -8.18 -4.81 0.29
C GLU A 16 -7.45 -4.49 -1.03
N GLU A 17 -7.77 -5.16 -2.14
CA GLU A 17 -7.15 -4.85 -3.45
C GLU A 17 -7.16 -3.36 -3.78
N VAL A 18 -8.30 -2.67 -3.58
CA VAL A 18 -8.43 -1.22 -3.81
C VAL A 18 -7.52 -0.41 -2.86
N GLU A 19 -7.58 -0.74 -1.57
CA GLU A 19 -6.82 -0.11 -0.48
C GLU A 19 -5.29 -0.28 -0.62
N LYS A 20 -4.86 -1.29 -1.38
CA LYS A 20 -3.47 -1.55 -1.74
C LYS A 20 -3.09 -0.88 -3.06
N LEU A 21 -3.93 -0.99 -4.09
CA LEU A 21 -3.64 -0.51 -5.45
C LEU A 21 -3.25 0.98 -5.47
N LEU A 22 -4.03 1.80 -4.77
CA LEU A 22 -3.80 3.25 -4.64
C LEU A 22 -2.67 3.61 -3.65
N ASN A 23 -2.30 2.69 -2.76
CA ASN A 23 -1.34 2.90 -1.66
C ASN A 23 0.08 3.17 -2.21
N GLY A 24 0.39 2.54 -3.34
CA GLY A 24 1.60 2.76 -4.13
C GLY A 24 1.29 3.53 -5.42
N SER A 25 0.66 4.70 -5.27
CA SER A 25 0.36 5.65 -6.35
C SER A 25 0.51 7.11 -5.87
N ALA A 26 0.14 8.08 -6.70
CA ALA A 26 -0.02 9.49 -6.31
C ALA A 26 -0.97 9.66 -5.09
N GLY A 27 -0.90 10.84 -4.45
CA GLY A 27 -1.72 11.25 -3.30
C GLY A 27 -3.14 10.67 -3.32
N ASP A 28 -3.47 9.90 -2.29
CA ASP A 28 -4.58 8.95 -2.23
C ASP A 28 -5.87 9.51 -2.87
N THR A 29 -6.55 8.72 -3.72
CA THR A 29 -7.77 9.15 -4.43
C THR A 29 -8.92 9.57 -3.51
N TRP A 30 -8.89 9.15 -2.24
CA TRP A 30 -9.79 9.61 -1.18
C TRP A 30 -9.95 11.14 -1.13
N ARG A 31 -8.87 11.91 -1.38
CA ARG A 31 -8.85 13.38 -1.31
C ARG A 31 -9.70 14.03 -2.40
N HIS A 32 -9.67 13.44 -3.59
CA HIS A 32 -10.43 13.85 -4.75
C HIS A 32 -11.87 13.31 -4.66
N LEU A 33 -12.04 12.02 -4.30
CA LEU A 33 -13.35 11.39 -4.11
C LEU A 33 -14.18 12.04 -3.00
N ALA A 34 -13.60 12.41 -1.85
CA ALA A 34 -14.32 13.06 -0.75
C ALA A 34 -15.00 14.37 -1.21
N GLY A 35 -14.25 15.21 -1.94
CA GLY A 35 -14.77 16.46 -2.52
C GLY A 35 -15.90 16.24 -3.53
N GLU A 36 -15.82 15.20 -4.36
CA GLU A 36 -16.89 14.85 -5.32
C GLU A 36 -18.13 14.23 -4.66
N LEU A 37 -17.95 13.35 -3.66
CA LEU A 37 -19.04 12.77 -2.85
C LEU A 37 -19.76 13.81 -1.96
N GLY A 38 -19.21 15.03 -1.83
CA GLY A 38 -19.72 16.08 -0.96
C GLY A 38 -19.48 15.81 0.53
N TYR A 39 -18.50 14.96 0.87
CA TYR A 39 -18.12 14.66 2.25
C TYR A 39 -17.60 15.92 2.96
N GLN A 40 -18.06 16.13 4.21
CA GLN A 40 -17.69 17.29 5.03
C GLN A 40 -16.18 17.34 5.35
N PRO A 41 -15.57 18.53 5.47
CA PRO A 41 -14.12 18.68 5.66
C PRO A 41 -13.66 18.08 6.99
N GLU A 42 -14.43 18.29 8.06
CA GLU A 42 -14.19 17.70 9.38
C GLU A 42 -14.27 16.16 9.41
N HIS A 43 -15.05 15.53 8.53
CA HIS A 43 -15.10 14.07 8.40
C HIS A 43 -13.80 13.54 7.77
N ILE A 44 -13.30 14.21 6.71
CA ILE A 44 -12.00 13.91 6.08
C ILE A 44 -10.89 13.98 7.13
N ASP A 45 -10.82 15.05 7.93
CA ASP A 45 -9.85 15.18 9.02
C ASP A 45 -10.01 14.14 10.15
N SER A 46 -11.22 13.65 10.46
CA SER A 46 -11.42 12.56 11.42
C SER A 46 -10.97 11.19 10.89
N PHE A 47 -11.07 10.94 9.58
CA PHE A 47 -10.61 9.70 8.94
C PHE A 47 -9.07 9.52 8.92
N THR A 48 -8.29 10.56 9.20
CA THR A 48 -6.82 10.46 9.36
C THR A 48 -6.37 9.74 10.64
N HIS A 49 -7.30 9.32 11.51
CA HIS A 49 -7.03 8.49 12.69
C HIS A 49 -6.24 7.20 12.37
N GLU A 50 -6.36 6.68 11.15
CA GLU A 50 -5.66 5.49 10.66
C GLU A 50 -4.55 5.89 9.67
N ALA A 51 -3.46 5.12 9.62
CA ALA A 51 -2.31 5.35 8.73
C ALA A 51 -2.62 5.27 7.22
N CYS A 52 -3.80 4.78 6.84
CA CYS A 52 -4.33 4.77 5.47
C CYS A 52 -5.70 5.45 5.47
N PRO A 53 -5.79 6.78 5.26
CA PRO A 53 -7.06 7.50 5.32
C PRO A 53 -8.05 7.07 4.21
N VAL A 54 -7.53 6.52 3.10
CA VAL A 54 -8.32 5.88 2.05
C VAL A 54 -9.22 4.76 2.56
N ARG A 55 -8.71 3.83 3.39
CA ARG A 55 -9.53 2.72 3.92
C ARG A 55 -10.72 3.26 4.69
N ALA A 56 -10.50 4.33 5.46
CA ALA A 56 -11.51 4.95 6.30
C ALA A 56 -12.63 5.59 5.47
N LEU A 57 -12.29 6.28 4.36
CA LEU A 57 -13.30 6.80 3.43
C LEU A 57 -14.10 5.66 2.79
N LEU A 58 -13.42 4.64 2.21
CA LEU A 58 -14.08 3.50 1.55
C LEU A 58 -14.98 2.72 2.54
N ALA A 59 -14.51 2.49 3.77
CA ALA A 59 -15.25 1.80 4.83
C ALA A 59 -16.48 2.57 5.33
N SER A 60 -16.35 3.87 5.62
CA SER A 60 -17.50 4.70 6.01
C SER A 60 -18.46 4.93 4.85
N TRP A 61 -17.99 5.03 3.61
CA TRP A 61 -18.88 5.08 2.44
C TRP A 61 -19.65 3.77 2.27
N ALA A 62 -19.01 2.60 2.44
CA ALA A 62 -19.66 1.28 2.44
C ALA A 62 -20.73 1.08 3.54
N THR A 63 -20.83 1.97 4.55
CA THR A 63 -21.89 1.93 5.58
C THR A 63 -23.29 2.23 5.04
N GLN A 64 -23.39 2.79 3.82
CA GLN A 64 -24.64 3.24 3.19
C GLN A 64 -24.82 2.64 1.78
N ASP A 65 -26.07 2.46 1.36
CA ASP A 65 -26.45 1.95 0.04
C ASP A 65 -25.98 2.85 -1.13
N SER A 66 -25.60 4.10 -0.85
CA SER A 66 -24.93 4.99 -1.81
C SER A 66 -23.58 4.46 -2.33
N ALA A 67 -22.97 3.49 -1.64
CA ALA A 67 -21.75 2.78 -2.08
C ALA A 67 -21.96 1.85 -3.29
N THR A 68 -22.60 2.34 -4.35
CA THR A 68 -22.74 1.59 -5.60
C THR A 68 -21.49 1.81 -6.47
N LEU A 69 -21.11 0.79 -7.25
CA LEU A 69 -20.05 0.94 -8.26
C LEU A 69 -20.43 2.07 -9.23
N ASP A 70 -21.70 2.17 -9.59
CA ASP A 70 -22.22 3.18 -10.53
C ASP A 70 -21.99 4.62 -10.03
N ALA A 71 -22.20 4.86 -8.73
CA ALA A 71 -21.91 6.13 -8.07
C ALA A 71 -20.40 6.41 -7.95
N LEU A 72 -19.61 5.39 -7.62
CA LEU A 72 -18.16 5.46 -7.51
C LEU A 72 -17.51 5.83 -8.86
N LEU A 73 -17.92 5.14 -9.93
CA LEU A 73 -17.46 5.40 -11.29
C LEU A 73 -17.77 6.82 -11.73
N ALA A 74 -19.00 7.31 -11.49
CA ALA A 74 -19.37 8.70 -11.78
C ALA A 74 -18.43 9.71 -11.08
N ALA A 75 -18.16 9.52 -9.79
CA ALA A 75 -17.22 10.36 -9.05
C ALA A 75 -15.77 10.27 -9.57
N LEU A 76 -15.24 9.07 -9.84
CA LEU A 76 -13.92 8.85 -10.44
C LEU A 76 -13.75 9.54 -11.81
N ARG A 77 -14.80 9.54 -12.65
CA ARG A 77 -14.82 10.21 -13.96
C ARG A 77 -14.73 11.73 -13.82
N ARG A 78 -15.41 12.33 -12.83
CA ARG A 78 -15.38 13.77 -12.53
C ARG A 78 -13.99 14.28 -12.09
N ILE A 79 -13.23 13.45 -11.37
CA ILE A 79 -11.85 13.78 -10.91
C ILE A 79 -10.75 13.31 -11.87
N GLN A 80 -11.11 12.87 -13.09
CA GLN A 80 -10.16 12.37 -14.11
C GLN A 80 -9.27 11.21 -13.60
N ARG A 81 -9.87 10.23 -12.90
CA ARG A 81 -9.20 9.03 -12.33
C ARG A 81 -9.70 7.72 -12.93
N ALA A 82 -10.03 7.74 -14.23
CA ALA A 82 -10.31 6.54 -15.02
C ALA A 82 -9.16 5.49 -15.03
N ASP A 83 -7.94 5.89 -14.66
CA ASP A 83 -6.81 4.98 -14.41
C ASP A 83 -7.13 3.90 -13.36
N LEU A 84 -7.60 4.30 -12.18
CA LEU A 84 -8.02 3.36 -11.12
C LEU A 84 -9.22 2.51 -11.55
N VAL A 85 -10.16 3.07 -12.32
CA VAL A 85 -11.33 2.34 -12.84
C VAL A 85 -10.90 1.12 -13.67
N GLU A 86 -10.01 1.33 -14.64
CA GLU A 86 -9.49 0.25 -15.50
C GLU A 86 -8.74 -0.81 -14.68
N SER A 87 -7.87 -0.39 -13.75
CA SER A 87 -7.15 -1.29 -12.87
C SER A 87 -8.09 -2.16 -12.01
N LEU A 88 -9.14 -1.59 -11.43
CA LEU A 88 -10.13 -2.34 -10.64
C LEU A 88 -10.96 -3.32 -11.48
N CYS A 89 -11.30 -2.95 -12.73
CA CYS A 89 -11.98 -3.84 -13.67
C CYS A 89 -11.12 -5.08 -14.03
N SER A 90 -9.80 -4.89 -14.20
CA SER A 90 -8.83 -5.98 -14.39
C SER A 90 -8.47 -6.77 -13.12
N GLU A 91 -8.53 -6.13 -11.95
CA GLU A 91 -8.32 -6.74 -10.62
C GLU A 91 -9.59 -7.43 -10.06
N SER A 92 -10.57 -7.74 -10.92
CA SER A 92 -11.79 -8.48 -10.58
C SER A 92 -11.66 -9.99 -10.87
N THR A 93 -10.43 -10.52 -10.79
CA THR A 93 -10.13 -11.97 -10.90
C THR A 93 -10.88 -12.79 -9.84
N ALA A 94 -11.27 -14.02 -10.20
CA ALA A 94 -11.92 -14.98 -9.31
C ALA A 94 -10.89 -15.71 -8.40
N THR A 95 -11.40 -16.56 -7.50
CA THR A 95 -10.60 -17.35 -6.53
C THR A 95 -11.10 -18.80 -6.45
N SER A 96 -10.37 -19.66 -5.72
CA SER A 96 -10.78 -21.05 -5.40
C SER A 96 -12.10 -21.12 -4.61
N PRO A 97 -12.82 -22.28 -4.64
CA PRO A 97 -14.11 -22.47 -3.96
C PRO A 97 -13.98 -22.58 -2.42
N VAL A 98 -13.67 -21.45 -1.77
CA VAL A 98 -13.45 -21.31 -0.31
C VAL A 98 -14.19 -20.07 0.22
N ALA B 1 -3.73 -15.51 -5.30
CA ALA B 1 -2.64 -14.67 -4.80
C ALA B 1 -2.80 -13.20 -5.23
N GLN B 2 -3.24 -12.34 -4.30
CA GLN B 2 -3.29 -10.89 -4.51
C GLN B 2 -1.93 -10.34 -4.98
N THR B 3 -1.90 -9.82 -6.20
CA THR B 3 -0.73 -9.25 -6.88
C THR B 3 -1.10 -7.94 -7.56
N PHE B 4 -0.12 -7.06 -7.78
CA PHE B 4 -0.32 -5.79 -8.48
C PHE B 4 0.77 -5.58 -9.53
N LEU B 5 0.47 -4.74 -10.53
CA LEU B 5 1.46 -4.25 -11.48
C LEU B 5 2.19 -3.03 -10.92
N PHE B 6 3.52 -3.11 -10.93
CA PHE B 6 4.44 -2.04 -10.55
C PHE B 6 5.54 -1.97 -11.61
N GLN B 7 5.79 -0.81 -12.22
CA GLN B 7 6.81 -0.64 -13.27
C GLN B 7 6.82 -1.72 -14.38
N GLY B 8 5.65 -2.31 -14.70
CA GLY B 8 5.52 -3.40 -15.68
C GLY B 8 5.96 -4.79 -15.18
N GLN B 9 6.07 -4.98 -13.86
CA GLN B 9 6.56 -6.18 -13.18
C GLN B 9 5.53 -6.68 -12.13
N PRO B 10 5.25 -8.00 -12.06
CA PRO B 10 4.37 -8.58 -11.05
C PRO B 10 5.04 -8.65 -9.67
N VAL B 11 4.27 -8.36 -8.62
CA VAL B 11 4.68 -8.43 -7.20
C VAL B 11 3.48 -8.78 -6.32
N VAL B 12 3.70 -9.64 -5.31
CA VAL B 12 2.67 -10.03 -4.33
C VAL B 12 2.33 -8.84 -3.43
N ASN B 13 1.04 -8.69 -3.14
CA ASN B 13 0.46 -7.56 -2.44
C ASN B 13 0.04 -7.96 -1.02
N ARG B 14 0.94 -7.90 -0.04
CA ARG B 14 0.63 -8.31 1.35
C ARG B 14 1.52 -7.59 2.39
N PRO B 15 1.20 -7.64 3.70
CA PRO B 15 2.07 -7.13 4.76
C PRO B 15 3.38 -7.91 4.81
N LEU B 16 4.49 -7.20 4.89
CA LEU B 16 5.82 -7.80 5.01
C LEU B 16 5.96 -8.53 6.36
N SER B 17 6.57 -9.71 6.33
CA SER B 17 6.78 -10.57 7.50
C SER B 17 8.22 -10.46 8.02
N LEU B 18 8.57 -11.18 9.10
CA LEU B 18 9.93 -11.20 9.65
C LEU B 18 11.00 -11.55 8.59
N LYS B 19 10.69 -12.46 7.65
CA LYS B 19 11.57 -12.77 6.50
C LYS B 19 11.98 -11.55 5.69
N ASP B 20 11.09 -10.57 5.50
CA ASP B 20 11.38 -9.35 4.75
C ASP B 20 12.37 -8.46 5.51
N GLN B 21 12.35 -8.47 6.84
CA GLN B 21 13.29 -7.70 7.66
C GLN B 21 14.74 -8.18 7.45
N GLN B 22 14.95 -9.50 7.51
CA GLN B 22 16.24 -10.14 7.25
C GLN B 22 16.65 -10.03 5.77
N THR B 23 15.76 -10.35 4.82
CA THR B 23 16.06 -10.23 3.38
C THR B 23 16.34 -8.79 2.99
N PHE B 24 15.56 -7.80 3.44
CA PHE B 24 15.80 -6.38 3.16
C PHE B 24 17.21 -5.97 3.56
N ALA B 25 17.55 -6.12 4.83
CA ALA B 25 18.83 -5.69 5.36
C ALA B 25 20.04 -6.32 4.65
N ARG B 26 19.88 -7.58 4.22
CA ARG B 26 20.84 -8.37 3.44
C ARG B 26 20.88 -8.00 1.94
N SER B 27 19.81 -7.43 1.40
CA SER B 27 19.63 -7.12 -0.02
C SER B 27 19.90 -5.65 -0.36
N VAL B 28 19.36 -4.69 0.39
CA VAL B 28 19.71 -3.26 0.20
C VAL B 28 21.10 -2.93 0.72
N GLY B 29 21.55 -3.55 1.82
CA GLY B 29 22.78 -3.16 2.52
C GLY B 29 22.87 -1.64 2.72
N LEU B 30 23.81 -0.98 2.03
CA LEU B 30 23.99 0.48 2.00
C LEU B 30 22.74 1.28 1.57
N LYS B 31 21.90 0.72 0.69
CA LYS B 31 20.66 1.37 0.21
C LYS B 31 19.55 1.51 1.26
N TRP B 32 19.71 0.94 2.45
CA TRP B 32 18.74 1.09 3.54
C TRP B 32 18.42 2.55 3.88
N ARG B 33 19.46 3.41 3.89
CA ARG B 33 19.37 4.88 4.02
C ARG B 33 18.44 5.44 2.96
N LYS B 34 18.73 5.16 1.69
CA LYS B 34 17.93 5.65 0.55
C LYS B 34 16.49 5.18 0.63
N VAL B 35 16.22 3.89 0.85
CA VAL B 35 14.85 3.38 0.97
C VAL B 35 14.09 4.06 2.09
N GLY B 36 14.68 4.20 3.28
CA GLY B 36 14.03 4.89 4.39
C GLY B 36 13.64 6.35 4.05
N ARG B 37 14.47 7.08 3.29
CA ARG B 37 14.20 8.45 2.80
C ARG B 37 13.18 8.49 1.67
N SER B 38 13.27 7.59 0.71
CA SER B 38 12.32 7.48 -0.41
C SER B 38 10.92 7.09 0.06
N LEU B 39 10.82 6.28 1.12
CA LEU B 39 9.55 5.92 1.76
C LEU B 39 8.85 7.12 2.43
N GLN B 40 9.58 8.21 2.73
CA GLN B 40 9.01 9.44 3.29
C GLN B 40 8.13 10.19 2.28
N ARG B 41 8.50 10.16 0.98
CA ARG B 41 7.68 10.74 -0.11
C ARG B 41 6.34 10.01 -0.30
N GLY B 42 6.29 8.71 -0.02
CA GLY B 42 5.07 7.88 -0.16
C GLY B 42 4.28 7.66 1.13
N CYS B 43 4.94 7.71 2.29
CA CYS B 43 4.37 7.44 3.61
C CYS B 43 4.85 8.48 4.64
N ARG B 44 4.06 9.55 4.82
CA ARG B 44 4.33 10.65 5.77
C ARG B 44 4.50 10.21 7.23
N ALA B 45 3.93 9.06 7.61
CA ALA B 45 4.14 8.41 8.91
C ALA B 45 5.62 8.11 9.24
N LEU B 46 6.50 8.12 8.23
CA LEU B 46 7.91 7.76 8.29
C LEU B 46 8.83 8.94 7.91
N ARG B 47 8.26 10.13 7.60
CA ARG B 47 8.98 11.35 7.17
C ARG B 47 9.85 11.99 8.26
N ASP B 48 9.55 11.69 9.52
CA ASP B 48 10.31 12.14 10.68
C ASP B 48 11.80 11.74 10.58
N PRO B 49 12.70 12.33 11.38
CA PRO B 49 14.12 11.95 11.45
C PRO B 49 14.35 10.58 12.11
N ALA B 50 13.43 9.62 11.89
CA ALA B 50 13.53 8.23 12.28
C ALA B 50 14.88 7.66 11.83
N LEU B 51 15.24 7.76 10.54
CA LEU B 51 16.53 7.28 10.00
C LEU B 51 17.76 7.78 10.78
N ASP B 52 17.74 9.01 11.29
CA ASP B 52 18.84 9.60 12.06
C ASP B 52 19.05 8.84 13.38
N SER B 53 17.97 8.66 14.15
CA SER B 53 17.98 7.86 15.38
C SER B 53 18.16 6.36 15.11
N LEU B 54 17.54 5.79 14.07
CA LEU B 54 17.72 4.40 13.64
C LEU B 54 19.20 4.11 13.34
N ALA B 55 19.87 4.97 12.56
CA ALA B 55 21.28 4.80 12.23
C ALA B 55 22.15 4.72 13.48
N TYR B 56 21.91 5.61 14.46
CA TYR B 56 22.65 5.69 15.72
C TYR B 56 22.32 4.56 16.71
N GLU B 57 21.04 4.21 16.88
CA GLU B 57 20.56 3.16 17.79
C GLU B 57 20.95 1.75 17.34
N TYR B 58 20.99 1.54 16.01
CA TYR B 58 21.29 0.27 15.38
C TYR B 58 22.72 0.22 14.81
N GLU B 59 23.52 1.27 15.01
CA GLU B 59 24.95 1.35 14.63
C GLU B 59 25.80 0.23 15.25
N ARG B 60 25.33 -0.36 16.37
CA ARG B 60 25.97 -1.46 17.11
C ARG B 60 26.18 -2.71 16.24
N GLU B 61 25.17 -3.10 15.46
CA GLU B 61 25.24 -4.23 14.53
C GLU B 61 25.56 -3.79 13.08
N GLY B 62 25.22 -2.55 12.72
CA GLY B 62 25.47 -1.96 11.41
C GLY B 62 24.23 -2.02 10.50
N LEU B 63 24.48 -1.97 9.18
CA LEU B 63 23.48 -1.97 8.11
C LEU B 63 22.41 -3.08 8.29
N TYR B 64 22.82 -4.25 8.81
CA TYR B 64 21.93 -5.35 9.16
C TYR B 64 20.84 -4.94 10.15
N GLU B 65 21.17 -4.62 11.42
CA GLU B 65 20.14 -4.23 12.39
C GLU B 65 19.43 -2.92 12.01
N GLN B 66 20.16 -1.99 11.39
CA GLN B 66 19.64 -0.71 10.88
C GLN B 66 18.42 -0.91 9.98
N ALA B 67 18.58 -1.73 8.95
CA ALA B 67 17.53 -2.04 7.98
C ALA B 67 16.51 -3.09 8.49
N PHE B 68 16.96 -4.05 9.32
CA PHE B 68 16.11 -5.08 9.92
C PHE B 68 14.96 -4.45 10.72
N GLN B 69 15.27 -3.58 11.69
CA GLN B 69 14.22 -2.95 12.50
C GLN B 69 13.48 -1.81 11.77
N LEU B 70 14.07 -1.22 10.71
CA LEU B 70 13.39 -0.25 9.84
C LEU B 70 12.10 -0.78 9.20
N LEU B 71 12.06 -2.07 8.85
CA LEU B 71 10.84 -2.69 8.33
C LEU B 71 9.67 -2.65 9.33
N ARG B 72 9.97 -2.75 10.63
CA ARG B 72 8.98 -2.60 11.72
C ARG B 72 8.39 -1.20 11.80
N ARG B 73 9.11 -0.16 11.33
CA ARG B 73 8.66 1.24 11.35
C ARG B 73 7.36 1.42 10.57
N PHE B 74 7.22 0.78 9.42
CA PHE B 74 5.95 0.78 8.66
C PHE B 74 4.86 -0.05 9.37
N VAL B 75 5.20 -1.21 9.91
CA VAL B 75 4.26 -2.10 10.65
C VAL B 75 3.76 -1.45 11.95
N GLN B 76 4.55 -0.59 12.59
CA GLN B 76 4.20 0.21 13.77
C GLN B 76 2.99 1.12 13.51
N ALA B 77 2.89 1.71 12.32
CA ALA B 77 1.79 2.60 11.97
C ALA B 77 0.44 1.84 12.00
N GLU B 78 0.38 0.64 11.40
CA GLU B 78 -0.84 -0.18 11.38
C GLU B 78 -0.59 -1.70 11.25
N GLY B 79 0.24 -2.14 10.29
CA GLY B 79 0.63 -3.54 10.08
C GLY B 79 -0.45 -4.48 9.52
N ARG B 80 -1.73 -4.27 9.85
CA ARG B 80 -2.89 -5.06 9.38
C ARG B 80 -3.10 -4.96 7.86
N ARG B 81 -3.15 -3.71 7.35
CA ARG B 81 -3.44 -3.34 5.95
C ARG B 81 -2.24 -2.72 5.24
N ALA B 82 -1.16 -2.50 5.98
CA ALA B 82 0.15 -2.17 5.45
C ALA B 82 0.57 -3.24 4.43
N THR B 83 1.15 -2.83 3.30
CA THR B 83 1.56 -3.74 2.22
C THR B 83 2.78 -3.24 1.48
N LEU B 84 3.48 -4.17 0.81
CA LEU B 84 4.66 -3.87 0.00
C LEU B 84 4.47 -2.68 -0.95
N GLN B 85 3.27 -2.47 -1.52
CA GLN B 85 2.89 -1.29 -2.30
C GLN B 85 3.57 0.03 -1.87
N ARG B 86 3.50 0.39 -0.58
CA ARG B 86 4.15 1.59 -0.03
C ARG B 86 5.69 1.52 -0.07
N LEU B 87 6.26 0.38 0.31
CA LEU B 87 7.69 0.10 0.21
C LEU B 87 8.18 0.16 -1.25
N VAL B 88 7.44 -0.38 -2.22
CA VAL B 88 7.84 -0.38 -3.64
C VAL B 88 8.00 1.04 -4.18
N GLU B 89 7.13 1.96 -3.81
CA GLU B 89 7.24 3.39 -4.12
C GLU B 89 8.55 4.02 -3.62
N ALA B 90 9.10 3.52 -2.51
CA ALA B 90 10.42 3.92 -2.03
C ALA B 90 11.56 3.37 -2.90
N LEU B 91 11.48 2.10 -3.30
CA LEU B 91 12.48 1.45 -4.15
C LEU B 91 12.46 2.02 -5.58
N GLU B 92 11.30 2.43 -6.08
CA GLU B 92 11.14 3.11 -7.37
C GLU B 92 11.94 4.42 -7.50
N GLU B 93 12.16 5.16 -6.41
CA GLU B 93 12.99 6.38 -6.44
C GLU B 93 14.48 6.10 -6.68
N ASN B 94 15.01 4.95 -6.21
CA ASN B 94 16.40 4.54 -6.42
C ASN B 94 16.56 3.48 -7.54
N GLU B 95 15.52 3.26 -8.34
CA GLU B 95 15.52 2.30 -9.46
C GLU B 95 15.78 0.84 -9.00
N LEU B 96 15.35 0.52 -7.77
CA LEU B 96 15.48 -0.78 -7.12
C LEU B 96 14.37 -1.79 -7.54
N THR B 97 13.98 -1.77 -8.81
CA THR B 97 12.92 -2.62 -9.38
C THR B 97 13.16 -4.11 -9.08
N SER B 98 14.37 -4.60 -9.38
CA SER B 98 14.81 -5.98 -9.10
C SER B 98 14.87 -6.31 -7.61
N LEU B 99 15.08 -5.32 -6.74
CA LEU B 99 15.11 -5.50 -5.28
C LEU B 99 13.69 -5.60 -4.71
N ALA B 100 12.72 -4.86 -5.27
CA ALA B 100 11.33 -4.87 -4.79
C ALA B 100 10.66 -6.24 -4.94
N GLU B 101 10.93 -6.95 -6.05
CA GLU B 101 10.54 -8.36 -6.23
C GLU B 101 11.43 -9.35 -5.45
N ASP B 102 12.75 -9.19 -5.45
CA ASP B 102 13.65 -10.07 -4.68
C ASP B 102 13.38 -10.01 -3.16
N LEU B 103 12.87 -8.90 -2.65
CA LEU B 103 12.50 -8.70 -1.24
C LEU B 103 11.57 -9.77 -0.69
N LEU B 104 10.47 -10.03 -1.42
CA LEU B 104 9.47 -11.03 -1.03
C LEU B 104 9.98 -12.47 -1.26
N GLY B 105 11.11 -12.61 -1.96
CA GLY B 105 11.72 -13.89 -2.34
C GLY B 105 11.39 -14.34 -3.77
N LEU B 106 11.03 -13.44 -4.70
CA LEU B 106 10.67 -13.81 -6.08
C LEU B 106 11.83 -14.46 -6.88
N THR B 107 13.07 -14.40 -6.37
CA THR B 107 14.24 -15.15 -6.89
C THR B 107 14.09 -16.69 -6.82
N ASP B 108 13.14 -17.23 -6.04
CA ASP B 108 12.88 -18.67 -5.91
C ASP B 108 12.03 -19.26 -7.08
N PRO B 109 12.11 -20.59 -7.33
CA PRO B 109 11.31 -21.30 -8.34
C PRO B 109 9.83 -21.52 -7.97
N ASN B 110 9.24 -20.67 -7.11
CA ASN B 110 7.87 -20.76 -6.60
C ASN B 110 7.50 -22.16 -6.03
N GLY B 111 8.29 -22.63 -5.05
CA GLY B 111 8.11 -23.95 -4.43
C GLY B 111 9.06 -24.27 -3.27
N GLY B 112 9.30 -23.32 -2.36
CA GLY B 112 10.21 -23.50 -1.20
C GLY B 112 9.80 -22.71 0.05
N LEU B 113 9.80 -21.37 -0.03
CA LEU B 113 9.32 -20.45 1.02
C LEU B 113 7.78 -20.38 1.04
N ALA B 114 7.15 -21.43 1.58
CA ALA B 114 5.69 -21.57 1.78
C ALA B 114 5.29 -21.48 3.27
N LYS A 1 -28.87 8.43 -10.81
CA LYS A 1 -29.38 7.29 -11.59
C LYS A 1 -28.46 6.07 -11.44
N GLY A 2 -29.02 4.86 -11.56
CA GLY A 2 -28.32 3.58 -11.45
C GLY A 2 -28.23 3.03 -10.01
N ASP A 3 -28.33 1.71 -9.87
CA ASP A 3 -28.35 0.98 -8.59
C ASP A 3 -28.06 -0.52 -8.81
N GLY A 4 -26.79 -0.89 -8.99
CA GLY A 4 -26.35 -2.26 -9.23
C GLY A 4 -24.96 -2.53 -8.66
N GLY A 5 -24.83 -3.64 -7.92
CA GLY A 5 -23.66 -3.99 -7.12
C GLY A 5 -23.45 -3.05 -5.92
N LEU A 6 -23.49 -3.57 -4.70
CA LEU A 6 -23.10 -2.82 -3.49
C LEU A 6 -21.62 -3.09 -3.17
N TYR A 7 -20.81 -2.04 -3.01
CA TYR A 7 -19.43 -2.14 -2.54
C TYR A 7 -19.35 -2.81 -1.16
N SER A 8 -20.35 -2.57 -0.31
CA SER A 8 -20.50 -3.23 1.00
C SER A 8 -20.79 -4.75 0.92
N SER A 9 -21.28 -5.25 -0.24
CA SER A 9 -21.50 -6.69 -0.48
C SER A 9 -20.22 -7.44 -0.88
N LEU A 10 -19.14 -6.75 -1.28
CA LEU A 10 -17.84 -7.37 -1.57
C LEU A 10 -17.17 -7.92 -0.29
N PRO A 11 -16.33 -8.98 -0.41
CA PRO A 11 -15.62 -9.58 0.72
C PRO A 11 -14.52 -8.65 1.28
N PRO A 12 -14.05 -8.87 2.52
CA PRO A 12 -13.04 -8.01 3.16
C PRO A 12 -11.71 -7.98 2.40
N ALA A 13 -11.31 -9.10 1.79
CA ALA A 13 -10.10 -9.20 0.95
C ALA A 13 -10.15 -8.28 -0.28
N LYS A 14 -11.30 -8.21 -0.98
CA LYS A 14 -11.49 -7.33 -2.15
C LYS A 14 -11.40 -5.84 -1.79
N ARG A 15 -11.87 -5.45 -0.60
CA ARG A 15 -11.74 -4.07 -0.10
C ARG A 15 -10.28 -3.70 0.16
N GLU A 16 -9.54 -4.60 0.79
CA GLU A 16 -8.07 -4.51 0.93
C GLU A 16 -7.40 -4.32 -0.43
N GLU A 17 -7.76 -5.08 -1.47
CA GLU A 17 -7.22 -4.89 -2.83
C GLU A 17 -7.34 -3.45 -3.34
N VAL A 18 -8.48 -2.78 -3.13
CA VAL A 18 -8.64 -1.35 -3.45
C VAL A 18 -7.69 -0.48 -2.64
N GLU A 19 -7.67 -0.69 -1.32
CA GLU A 19 -6.87 0.05 -0.33
C GLU A 19 -5.37 -0.11 -0.55
N LYS A 20 -4.91 -1.21 -1.15
CA LYS A 20 -3.52 -1.46 -1.52
C LYS A 20 -3.17 -0.91 -2.90
N LEU A 21 -4.03 -1.11 -3.91
CA LEU A 21 -3.74 -0.76 -5.30
C LEU A 21 -3.42 0.73 -5.47
N LEU A 22 -4.29 1.59 -4.95
CA LEU A 22 -4.11 3.05 -5.00
C LEU A 22 -2.94 3.54 -4.13
N ASN A 23 -2.49 2.73 -3.16
CA ASN A 23 -1.48 3.10 -2.17
C ASN A 23 -0.08 3.27 -2.78
N GLY A 24 0.13 2.68 -3.95
CA GLY A 24 1.33 2.83 -4.78
C GLY A 24 1.04 3.51 -6.11
N SER A 25 0.30 4.62 -6.04
CA SER A 25 -0.10 5.47 -7.16
C SER A 25 0.04 6.96 -6.79
N ALA A 26 -0.41 7.86 -7.68
CA ALA A 26 -0.58 9.29 -7.39
C ALA A 26 -1.44 9.54 -6.13
N GLY A 27 -1.33 10.76 -5.57
CA GLY A 27 -2.05 11.27 -4.39
C GLY A 27 -3.46 10.67 -4.24
N ASP A 28 -3.65 9.94 -3.14
CA ASP A 28 -4.72 8.97 -2.92
C ASP A 28 -6.09 9.45 -3.43
N THR A 29 -6.84 8.59 -4.15
CA THR A 29 -8.14 8.95 -4.76
C THR A 29 -9.19 9.41 -3.77
N TRP A 30 -9.05 9.08 -2.49
CA TRP A 30 -9.89 9.54 -1.38
C TRP A 30 -10.10 11.07 -1.38
N ARG A 31 -9.08 11.87 -1.73
CA ARG A 31 -9.14 13.35 -1.80
C ARG A 31 -10.13 13.83 -2.86
N HIS A 32 -10.05 13.22 -4.04
CA HIS A 32 -10.89 13.52 -5.18
C HIS A 32 -12.31 12.96 -4.96
N LEU A 33 -12.43 11.72 -4.50
CA LEU A 33 -13.69 11.06 -4.15
C LEU A 33 -14.46 11.79 -3.04
N ALA A 34 -13.80 12.25 -1.97
CA ALA A 34 -14.44 13.00 -0.89
C ALA A 34 -15.15 14.26 -1.41
N GLY A 35 -14.46 15.05 -2.24
CA GLY A 35 -15.01 16.25 -2.88
C GLY A 35 -16.23 15.95 -3.77
N GLU A 36 -16.21 14.86 -4.55
CA GLU A 36 -17.34 14.45 -5.39
C GLU A 36 -18.52 13.85 -4.61
N LEU A 37 -18.26 13.07 -3.56
CA LEU A 37 -19.28 12.52 -2.64
C LEU A 37 -19.95 13.62 -1.78
N GLY A 38 -19.40 14.84 -1.77
CA GLY A 38 -19.88 15.95 -0.94
C GLY A 38 -19.49 15.82 0.55
N TYR A 39 -18.50 14.97 0.87
CA TYR A 39 -17.97 14.81 2.23
C TYR A 39 -17.35 16.13 2.73
N GLN A 40 -17.71 16.53 3.95
CA GLN A 40 -17.21 17.76 4.59
C GLN A 40 -15.69 17.76 4.79
N PRO A 41 -15.02 18.93 4.81
CA PRO A 41 -13.57 19.02 4.91
C PRO A 41 -13.05 18.50 6.27
N GLU A 42 -13.78 18.76 7.36
CA GLU A 42 -13.43 18.27 8.69
C GLU A 42 -13.48 16.73 8.80
N HIS A 43 -14.39 16.07 8.08
CA HIS A 43 -14.46 14.60 8.03
C HIS A 43 -13.21 14.01 7.37
N ILE A 44 -12.75 14.59 6.26
CA ILE A 44 -11.50 14.21 5.57
C ILE A 44 -10.33 14.31 6.56
N ASP A 45 -10.18 15.44 7.26
CA ASP A 45 -9.15 15.62 8.30
C ASP A 45 -9.30 14.67 9.51
N SER A 46 -10.51 14.24 9.88
CA SER A 46 -10.71 13.23 10.94
C SER A 46 -10.32 11.81 10.50
N PHE A 47 -10.45 11.47 9.21
CA PHE A 47 -10.04 10.18 8.66
C PHE A 47 -8.50 10.02 8.54
N THR A 48 -7.70 11.09 8.65
CA THR A 48 -6.22 11.00 8.71
C THR A 48 -5.69 10.41 10.03
N HIS A 49 -6.56 10.08 11.00
CA HIS A 49 -6.19 9.43 12.26
C HIS A 49 -5.44 8.10 12.06
N GLU A 50 -5.62 7.47 10.90
CA GLU A 50 -4.98 6.23 10.49
C GLU A 50 -3.98 6.49 9.34
N ALA A 51 -2.87 5.75 9.30
CA ALA A 51 -1.81 5.88 8.28
C ALA A 51 -2.28 5.66 6.83
N CYS A 52 -3.44 5.02 6.66
CA CYS A 52 -4.19 4.89 5.41
C CYS A 52 -5.47 5.74 5.45
N PRO A 53 -5.44 7.01 5.02
CA PRO A 53 -6.63 7.85 5.02
C PRO A 53 -7.70 7.35 4.02
N VAL A 54 -7.27 6.76 2.90
CA VAL A 54 -8.16 6.14 1.90
C VAL A 54 -9.01 5.01 2.47
N ARG A 55 -8.42 4.09 3.24
CA ARG A 55 -9.14 2.97 3.85
C ARG A 55 -10.25 3.45 4.77
N ALA A 56 -10.01 4.54 5.49
CA ALA A 56 -10.96 5.15 6.39
C ALA A 56 -12.15 5.77 5.63
N LEU A 57 -11.91 6.44 4.50
CA LEU A 57 -12.99 6.95 3.65
C LEU A 57 -13.85 5.80 3.10
N LEU A 58 -13.22 4.78 2.49
CA LEU A 58 -13.93 3.62 1.92
C LEU A 58 -14.73 2.86 3.00
N ALA A 59 -14.16 2.65 4.18
CA ALA A 59 -14.81 1.99 5.32
C ALA A 59 -15.99 2.79 5.88
N SER A 60 -15.86 4.11 6.08
CA SER A 60 -16.97 4.94 6.55
C SER A 60 -18.05 5.10 5.49
N TRP A 61 -17.68 5.21 4.21
CA TRP A 61 -18.66 5.23 3.13
C TRP A 61 -19.46 3.92 3.04
N ALA A 62 -18.80 2.76 3.24
CA ALA A 62 -19.46 1.46 3.34
C ALA A 62 -20.47 1.32 4.51
N THR A 63 -20.51 2.25 5.47
CA THR A 63 -21.51 2.26 6.57
C THR A 63 -22.95 2.51 6.10
N GLN A 64 -23.14 2.99 4.87
CA GLN A 64 -24.42 3.40 4.27
C GLN A 64 -24.67 2.72 2.92
N ASP A 65 -25.95 2.51 2.58
CA ASP A 65 -26.38 1.91 1.30
C ASP A 65 -26.01 2.76 0.07
N SER A 66 -25.61 4.02 0.26
CA SER A 66 -25.02 4.87 -0.79
C SER A 66 -23.72 4.31 -1.39
N ALA A 67 -23.04 3.38 -0.68
CA ALA A 67 -21.85 2.67 -1.14
C ALA A 67 -22.11 1.66 -2.28
N THR A 68 -22.78 2.07 -3.37
CA THR A 68 -22.98 1.23 -4.56
C THR A 68 -21.82 1.39 -5.54
N LEU A 69 -21.51 0.35 -6.30
CA LEU A 69 -20.58 0.43 -7.42
C LEU A 69 -21.06 1.47 -8.45
N ASP A 70 -22.35 1.49 -8.80
CA ASP A 70 -22.92 2.50 -9.70
C ASP A 70 -22.63 3.96 -9.25
N ALA A 71 -22.74 4.27 -7.95
CA ALA A 71 -22.43 5.58 -7.40
C ALA A 71 -20.91 5.84 -7.30
N LEU A 72 -20.11 4.84 -6.92
CA LEU A 72 -18.64 4.90 -6.83
C LEU A 72 -18.03 5.20 -8.20
N LEU A 73 -18.44 4.44 -9.21
CA LEU A 73 -17.98 4.57 -10.60
C LEU A 73 -18.33 5.95 -11.16
N ALA A 74 -19.55 6.46 -10.91
CA ALA A 74 -19.94 7.81 -11.31
C ALA A 74 -19.00 8.89 -10.71
N ALA A 75 -18.71 8.82 -9.41
CA ALA A 75 -17.80 9.75 -8.75
C ALA A 75 -16.35 9.66 -9.31
N LEU A 76 -15.79 8.45 -9.46
CA LEU A 76 -14.47 8.22 -10.08
C LEU A 76 -14.37 8.74 -11.53
N ARG A 77 -15.45 8.64 -12.31
CA ARG A 77 -15.51 9.17 -13.68
C ARG A 77 -15.47 10.70 -13.70
N ARG A 78 -16.19 11.37 -12.80
CA ARG A 78 -16.23 12.85 -12.68
C ARG A 78 -14.87 13.48 -12.36
N ILE A 79 -14.02 12.77 -11.60
CA ILE A 79 -12.65 13.19 -11.23
C ILE A 79 -11.57 12.72 -12.23
N GLN A 80 -11.96 12.17 -13.40
CA GLN A 80 -11.07 11.58 -14.40
C GLN A 80 -10.11 10.49 -13.86
N ARG A 81 -10.63 9.59 -13.01
CA ARG A 81 -9.89 8.46 -12.40
C ARG A 81 -10.38 7.08 -12.90
N ALA A 82 -10.83 7.03 -14.16
CA ALA A 82 -11.13 5.79 -14.88
C ALA A 82 -9.95 4.77 -14.92
N ASP A 83 -8.71 5.24 -14.71
CA ASP A 83 -7.53 4.38 -14.50
C ASP A 83 -7.72 3.35 -13.37
N LEU A 84 -8.15 3.82 -12.18
CA LEU A 84 -8.44 2.96 -11.03
C LEU A 84 -9.64 2.04 -11.29
N VAL A 85 -10.68 2.55 -11.98
CA VAL A 85 -11.86 1.76 -12.36
C VAL A 85 -11.47 0.52 -13.17
N GLU A 86 -10.65 0.69 -14.22
CA GLU A 86 -10.18 -0.41 -15.05
C GLU A 86 -9.34 -1.42 -14.25
N SER A 87 -8.41 -0.94 -13.40
CA SER A 87 -7.61 -1.81 -12.53
C SER A 87 -8.50 -2.66 -11.60
N LEU A 88 -9.45 -2.05 -10.90
CA LEU A 88 -10.38 -2.75 -10.01
C LEU A 88 -11.22 -3.81 -10.72
N CYS A 89 -11.67 -3.52 -11.95
CA CYS A 89 -12.38 -4.49 -12.79
C CYS A 89 -11.50 -5.72 -13.11
N SER A 90 -10.19 -5.52 -13.34
CA SER A 90 -9.21 -6.60 -13.55
C SER A 90 -8.89 -7.43 -12.29
N GLU A 91 -8.97 -6.88 -11.07
CA GLU A 91 -8.85 -7.69 -9.83
C GLU A 91 -10.06 -8.60 -9.59
N SER A 92 -11.25 -8.24 -10.08
CA SER A 92 -12.50 -9.01 -9.91
C SER A 92 -12.63 -10.20 -10.89
N THR A 93 -11.52 -10.92 -11.11
CA THR A 93 -11.41 -12.08 -12.00
C THR A 93 -11.62 -13.41 -11.26
N ALA A 94 -11.82 -14.50 -12.00
CA ALA A 94 -11.90 -15.87 -11.47
C ALA A 94 -10.54 -16.33 -10.88
N THR A 95 -10.61 -17.25 -9.93
CA THR A 95 -9.47 -17.80 -9.16
C THR A 95 -9.72 -19.27 -8.78
N SER A 96 -8.74 -19.88 -8.10
CA SER A 96 -8.78 -21.27 -7.60
C SER A 96 -8.78 -21.30 -6.07
N PRO A 97 -9.89 -20.90 -5.40
CA PRO A 97 -9.99 -20.94 -3.94
C PRO A 97 -10.02 -22.40 -3.44
N VAL A 98 -9.13 -22.73 -2.48
CA VAL A 98 -8.97 -24.07 -1.87
C VAL A 98 -9.21 -23.97 -0.35
N ALA B 1 -2.86 -15.93 -5.41
CA ALA B 1 -1.95 -14.91 -4.89
C ALA B 1 -2.48 -13.53 -5.31
N GLN B 2 -2.88 -12.70 -4.34
CA GLN B 2 -3.19 -11.29 -4.61
C GLN B 2 -1.90 -10.52 -4.93
N THR B 3 -1.82 -9.92 -6.12
CA THR B 3 -0.64 -9.17 -6.61
C THR B 3 -1.09 -7.90 -7.34
N PHE B 4 -0.21 -6.91 -7.37
CA PHE B 4 -0.41 -5.62 -8.03
C PHE B 4 0.63 -5.44 -9.15
N LEU B 5 0.25 -4.68 -10.18
CA LEU B 5 1.19 -4.22 -11.19
C LEU B 5 1.97 -3.01 -10.67
N PHE B 6 3.30 -3.12 -10.69
CA PHE B 6 4.25 -2.05 -10.38
C PHE B 6 5.32 -2.06 -11.47
N GLN B 7 5.62 -0.93 -12.10
CA GLN B 7 6.62 -0.82 -13.18
C GLN B 7 6.57 -1.92 -14.27
N GLY B 8 5.36 -2.47 -14.54
CA GLY B 8 5.15 -3.58 -15.49
C GLY B 8 5.56 -4.97 -14.99
N GLN B 9 5.67 -5.16 -13.67
CA GLN B 9 6.14 -6.38 -12.99
C GLN B 9 5.12 -6.83 -11.91
N PRO B 10 4.79 -8.14 -11.83
CA PRO B 10 3.93 -8.68 -10.77
C PRO B 10 4.67 -8.75 -9.42
N VAL B 11 3.97 -8.40 -8.34
CA VAL B 11 4.47 -8.40 -6.94
C VAL B 11 3.31 -8.67 -5.98
N VAL B 12 3.48 -9.66 -5.08
CA VAL B 12 2.45 -10.05 -4.10
C VAL B 12 2.14 -8.89 -3.14
N ASN B 13 0.86 -8.66 -2.88
CA ASN B 13 0.35 -7.53 -2.10
C ASN B 13 0.01 -7.97 -0.67
N ARG B 14 0.97 -7.90 0.28
CA ARG B 14 0.75 -8.32 1.68
C ARG B 14 1.69 -7.60 2.68
N PRO B 15 1.43 -7.66 4.00
CA PRO B 15 2.34 -7.17 5.04
C PRO B 15 3.65 -7.96 5.05
N LEU B 16 4.79 -7.25 5.08
CA LEU B 16 6.12 -7.84 5.10
C LEU B 16 6.36 -8.61 6.41
N SER B 17 6.77 -9.87 6.29
CA SER B 17 7.11 -10.77 7.40
C SER B 17 8.56 -10.58 7.88
N LEU B 18 8.95 -11.28 8.96
CA LEU B 18 10.33 -11.33 9.48
C LEU B 18 11.38 -11.67 8.40
N LYS B 19 11.05 -12.59 7.48
CA LYS B 19 11.84 -12.89 6.27
C LYS B 19 12.23 -11.64 5.49
N ASP B 20 11.27 -10.74 5.26
CA ASP B 20 11.50 -9.51 4.50
C ASP B 20 12.45 -8.56 5.24
N GLN B 21 12.39 -8.51 6.58
CA GLN B 21 13.30 -7.70 7.41
C GLN B 21 14.77 -8.14 7.25
N GLN B 22 15.01 -9.45 7.28
CA GLN B 22 16.32 -10.06 7.04
C GLN B 22 16.76 -9.93 5.57
N THR B 23 15.94 -10.36 4.62
CA THR B 23 16.26 -10.28 3.18
C THR B 23 16.50 -8.85 2.73
N PHE B 24 15.71 -7.87 3.18
CA PHE B 24 15.95 -6.45 2.92
C PHE B 24 17.36 -6.05 3.35
N ALA B 25 17.66 -6.14 4.64
CA ALA B 25 18.94 -5.70 5.19
C ALA B 25 20.16 -6.36 4.51
N ARG B 26 20.00 -7.64 4.12
CA ARG B 26 20.98 -8.47 3.41
C ARG B 26 21.09 -8.17 1.90
N SER B 27 20.10 -7.49 1.31
CA SER B 27 19.97 -7.28 -0.15
C SER B 27 20.16 -5.82 -0.56
N VAL B 28 19.58 -4.85 0.17
CA VAL B 28 19.90 -3.41 -0.03
C VAL B 28 21.30 -3.06 0.49
N GLY B 29 21.76 -3.69 1.57
CA GLY B 29 23.03 -3.35 2.25
C GLY B 29 23.15 -1.83 2.51
N LEU B 30 24.00 -1.14 1.74
CA LEU B 30 24.16 0.33 1.75
C LEU B 30 22.89 1.12 1.40
N LYS B 31 22.03 0.59 0.50
CA LYS B 31 20.77 1.23 0.05
C LYS B 31 19.68 1.32 1.12
N TRP B 32 19.87 0.72 2.29
CA TRP B 32 18.90 0.81 3.39
C TRP B 32 18.54 2.26 3.76
N ARG B 33 19.56 3.14 3.77
CA ARG B 33 19.44 4.57 4.06
C ARG B 33 18.61 5.27 2.97
N LYS B 34 18.91 4.97 1.71
CA LYS B 34 18.22 5.50 0.52
C LYS B 34 16.74 5.12 0.51
N VAL B 35 16.40 3.85 0.78
CA VAL B 35 15.01 3.39 0.85
C VAL B 35 14.22 4.16 1.91
N GLY B 36 14.78 4.31 3.13
CA GLY B 36 14.15 5.14 4.16
C GLY B 36 13.95 6.60 3.71
N ARG B 37 14.94 7.20 3.02
CA ARG B 37 14.83 8.57 2.46
C ARG B 37 13.74 8.71 1.40
N SER B 38 13.60 7.72 0.53
CA SER B 38 12.54 7.68 -0.48
C SER B 38 11.14 7.43 0.12
N LEU B 39 11.06 6.61 1.18
CA LEU B 39 9.82 6.32 1.91
C LEU B 39 9.22 7.57 2.59
N GLN B 40 10.03 8.60 2.87
CA GLN B 40 9.58 9.88 3.43
C GLN B 40 8.59 10.62 2.52
N ARG B 41 8.80 10.58 1.20
CA ARG B 41 7.84 11.11 0.20
C ARG B 41 6.65 10.18 0.00
N GLY B 42 6.86 8.86 0.06
CA GLY B 42 5.82 7.85 -0.18
C GLY B 42 4.77 7.76 0.94
N CYS B 43 5.19 7.83 2.20
CA CYS B 43 4.35 7.75 3.40
C CYS B 43 4.81 8.78 4.46
N ARG B 44 3.98 9.81 4.68
CA ARG B 44 4.23 10.86 5.69
C ARG B 44 4.41 10.33 7.12
N ALA B 45 3.89 9.14 7.43
CA ALA B 45 4.13 8.43 8.69
C ALA B 45 5.61 8.12 8.99
N LEU B 46 6.50 8.13 7.97
CA LEU B 46 7.94 7.84 8.10
C LEU B 46 8.82 8.99 7.55
N ARG B 47 8.24 10.17 7.32
CA ARG B 47 8.95 11.38 6.84
C ARG B 47 9.74 12.12 7.92
N ASP B 48 9.42 11.86 9.19
CA ASP B 48 10.13 12.38 10.36
C ASP B 48 11.63 12.00 10.31
N PRO B 49 12.51 12.65 11.10
CA PRO B 49 13.94 12.30 11.22
C PRO B 49 14.18 10.95 11.93
N ALA B 50 13.24 9.99 11.83
CA ALA B 50 13.36 8.63 12.32
C ALA B 50 14.69 8.00 11.89
N LEU B 51 15.07 8.08 10.60
CA LEU B 51 16.34 7.55 10.06
C LEU B 51 17.58 7.99 10.86
N ASP B 52 17.61 9.21 11.37
CA ASP B 52 18.72 9.77 12.15
C ASP B 52 18.91 9.01 13.47
N SER B 53 17.82 8.83 14.23
CA SER B 53 17.82 7.99 15.43
C SER B 53 17.96 6.51 15.11
N LEU B 54 17.28 5.98 14.07
CA LEU B 54 17.39 4.58 13.63
C LEU B 54 18.85 4.18 13.38
N ALA B 55 19.60 5.00 12.61
CA ALA B 55 21.00 4.72 12.31
C ALA B 55 21.84 4.56 13.60
N TYR B 56 21.63 5.42 14.61
CA TYR B 56 22.34 5.41 15.89
C TYR B 56 21.87 4.32 16.88
N GLU B 57 20.55 4.14 17.01
CA GLU B 57 19.92 3.11 17.87
C GLU B 57 20.26 1.69 17.41
N TYR B 58 20.43 1.49 16.10
CA TYR B 58 20.69 0.20 15.47
C TYR B 58 22.15 0.05 15.00
N GLU B 59 22.99 1.06 15.24
CA GLU B 59 24.44 1.08 14.97
C GLU B 59 25.24 -0.01 15.71
N ARG B 60 24.64 -0.61 16.74
CA ARG B 60 25.17 -1.73 17.53
C ARG B 60 25.51 -2.95 16.68
N GLU B 61 24.71 -3.23 15.65
CA GLU B 61 24.92 -4.35 14.72
C GLU B 61 25.32 -3.89 13.30
N GLY B 62 24.90 -2.67 12.91
CA GLY B 62 25.19 -2.08 11.61
C GLY B 62 24.01 -2.15 10.66
N LEU B 63 24.31 -2.11 9.35
CA LEU B 63 23.35 -2.11 8.22
C LEU B 63 22.27 -3.19 8.37
N TYR B 64 22.63 -4.36 8.93
CA TYR B 64 21.72 -5.45 9.24
C TYR B 64 20.59 -5.04 10.20
N GLU B 65 20.88 -4.74 11.46
CA GLU B 65 19.85 -4.34 12.45
C GLU B 65 19.16 -3.02 12.05
N GLN B 66 19.92 -2.10 11.44
CA GLN B 66 19.43 -0.82 10.92
C GLN B 66 18.23 -1.00 10.00
N ALA B 67 18.38 -1.83 8.98
CA ALA B 67 17.37 -2.07 7.97
C ALA B 67 16.32 -3.11 8.42
N PHE B 68 16.72 -4.09 9.25
CA PHE B 68 15.82 -5.09 9.84
C PHE B 68 14.71 -4.43 10.68
N GLN B 69 15.08 -3.60 11.65
CA GLN B 69 14.10 -2.98 12.55
C GLN B 69 13.39 -1.78 11.89
N LEU B 70 13.98 -1.15 10.86
CA LEU B 70 13.32 -0.13 10.00
C LEU B 70 12.02 -0.63 9.36
N LEU B 71 11.97 -1.89 8.94
CA LEU B 71 10.77 -2.48 8.35
C LEU B 71 9.58 -2.48 9.33
N ARG B 72 9.84 -2.75 10.61
CA ARG B 72 8.84 -2.70 11.70
C ARG B 72 8.33 -1.28 11.97
N ARG B 73 9.12 -0.25 11.65
CA ARG B 73 8.74 1.17 11.79
C ARG B 73 7.47 1.51 10.99
N PHE B 74 7.28 0.88 9.83
CA PHE B 74 6.07 0.99 9.02
C PHE B 74 4.92 0.09 9.54
N VAL B 75 5.24 -1.11 10.02
CA VAL B 75 4.26 -2.03 10.65
C VAL B 75 3.67 -1.43 11.94
N GLN B 76 4.44 -0.63 12.69
CA GLN B 76 3.98 0.14 13.86
C GLN B 76 2.86 1.13 13.50
N ALA B 77 2.95 1.81 12.35
CA ALA B 77 1.96 2.79 11.91
C ALA B 77 0.59 2.14 11.58
N GLU B 78 0.57 0.91 11.05
CA GLU B 78 -0.68 0.19 10.73
C GLU B 78 -0.56 -1.34 10.85
N GLY B 79 0.36 -1.96 10.12
CA GLY B 79 0.72 -3.39 10.20
C GLY B 79 -0.32 -4.38 9.65
N ARG B 80 -1.59 -4.28 10.03
CA ARG B 80 -2.70 -5.04 9.44
C ARG B 80 -2.86 -4.73 7.95
N ARG B 81 -2.89 -3.44 7.65
CA ARG B 81 -3.13 -2.90 6.30
C ARG B 81 -1.87 -2.45 5.58
N ALA B 82 -0.78 -2.17 6.29
CA ALA B 82 0.54 -1.88 5.71
C ALA B 82 1.00 -3.06 4.85
N THR B 83 1.48 -2.79 3.63
CA THR B 83 1.95 -3.82 2.68
C THR B 83 3.12 -3.32 1.85
N LEU B 84 3.74 -4.23 1.11
CA LEU B 84 4.84 -3.92 0.19
C LEU B 84 4.54 -2.73 -0.72
N GLN B 85 3.30 -2.51 -1.18
CA GLN B 85 2.92 -1.38 -2.06
C GLN B 85 3.60 -0.04 -1.69
N ARG B 86 3.62 0.31 -0.41
CA ARG B 86 4.23 1.56 0.07
C ARG B 86 5.76 1.53 0.08
N LEU B 87 6.33 0.38 0.44
CA LEU B 87 7.77 0.10 0.34
C LEU B 87 8.25 0.15 -1.12
N VAL B 88 7.50 -0.42 -2.08
CA VAL B 88 7.87 -0.39 -3.50
C VAL B 88 7.98 1.04 -4.05
N GLU B 89 7.07 1.94 -3.66
CA GLU B 89 7.13 3.37 -3.97
C GLU B 89 8.45 4.03 -3.52
N ALA B 90 9.03 3.58 -2.41
CA ALA B 90 10.35 4.02 -1.96
C ALA B 90 11.49 3.43 -2.81
N LEU B 91 11.40 2.15 -3.21
CA LEU B 91 12.38 1.50 -4.09
C LEU B 91 12.36 2.09 -5.52
N GLU B 92 11.20 2.49 -6.02
CA GLU B 92 11.02 3.15 -7.33
C GLU B 92 11.83 4.44 -7.49
N GLU B 93 12.08 5.19 -6.41
CA GLU B 93 12.92 6.40 -6.43
C GLU B 93 14.42 6.10 -6.63
N ASN B 94 14.90 4.92 -6.23
CA ASN B 94 16.28 4.49 -6.48
C ASN B 94 16.40 3.46 -7.63
N GLU B 95 15.34 3.28 -8.42
CA GLU B 95 15.30 2.34 -9.55
C GLU B 95 15.51 0.87 -9.10
N LEU B 96 15.16 0.54 -7.85
CA LEU B 96 15.31 -0.79 -7.23
C LEU B 96 14.19 -1.77 -7.64
N THR B 97 13.80 -1.75 -8.92
CA THR B 97 12.72 -2.59 -9.48
C THR B 97 12.97 -4.08 -9.22
N SER B 98 14.18 -4.57 -9.53
CA SER B 98 14.59 -5.96 -9.30
C SER B 98 14.71 -6.32 -7.81
N LEU B 99 14.91 -5.32 -6.93
CA LEU B 99 14.98 -5.51 -5.48
C LEU B 99 13.57 -5.64 -4.88
N ALA B 100 12.58 -4.90 -5.37
CA ALA B 100 11.20 -4.94 -4.85
C ALA B 100 10.55 -6.32 -5.00
N GLU B 101 10.82 -7.02 -6.12
CA GLU B 101 10.41 -8.42 -6.31
C GLU B 101 11.33 -9.41 -5.55
N ASP B 102 12.66 -9.27 -5.62
CA ASP B 102 13.60 -10.13 -4.87
C ASP B 102 13.35 -10.11 -3.35
N LEU B 103 12.84 -8.99 -2.81
CA LEU B 103 12.51 -8.80 -1.40
C LEU B 103 11.55 -9.87 -0.85
N LEU B 104 10.46 -10.13 -1.57
CA LEU B 104 9.47 -11.15 -1.19
C LEU B 104 9.98 -12.59 -1.43
N GLY B 105 11.15 -12.74 -2.06
CA GLY B 105 11.76 -14.03 -2.41
C GLY B 105 11.42 -14.52 -3.83
N LEU B 106 10.98 -13.64 -4.75
CA LEU B 106 10.67 -13.99 -6.15
C LEU B 106 11.89 -14.47 -6.99
N THR B 107 13.11 -14.42 -6.42
CA THR B 107 14.34 -15.01 -7.00
C THR B 107 14.29 -16.55 -7.14
N ASP B 108 13.36 -17.24 -6.46
CA ASP B 108 13.19 -18.71 -6.49
C ASP B 108 12.40 -19.22 -7.73
N PRO B 109 12.56 -20.50 -8.12
CA PRO B 109 11.85 -21.14 -9.24
C PRO B 109 10.36 -21.46 -8.96
N ASN B 110 9.73 -20.81 -7.97
CA ASN B 110 8.35 -21.00 -7.49
C ASN B 110 7.93 -22.49 -7.28
N GLY B 111 8.88 -23.36 -6.90
CA GLY B 111 8.69 -24.81 -6.81
C GLY B 111 9.99 -25.61 -6.75
N GLY B 112 10.83 -25.37 -5.74
CA GLY B 112 12.13 -26.04 -5.60
C GLY B 112 12.82 -25.78 -4.26
N LEU B 113 12.65 -26.69 -3.30
CA LEU B 113 13.29 -26.66 -1.97
C LEU B 113 13.46 -28.10 -1.43
N ALA B 114 14.62 -28.39 -0.82
CA ALA B 114 14.98 -29.69 -0.22
C ALA B 114 15.72 -29.51 1.13
N LYS A 1 -25.56 5.63 -12.99
CA LYS A 1 -24.60 5.42 -14.10
C LYS A 1 -24.83 4.07 -14.82
N GLY A 2 -23.87 3.66 -15.67
CA GLY A 2 -23.93 2.48 -16.54
C GLY A 2 -23.10 1.29 -16.03
N ASP A 3 -23.40 0.80 -14.83
CA ASP A 3 -22.72 -0.33 -14.16
C ASP A 3 -23.70 -1.10 -13.24
N GLY A 4 -23.20 -1.97 -12.35
CA GLY A 4 -24.01 -2.61 -11.31
C GLY A 4 -23.19 -3.42 -10.29
N GLY A 5 -23.67 -3.43 -9.04
CA GLY A 5 -23.06 -4.12 -7.89
C GLY A 5 -22.93 -3.20 -6.68
N LEU A 6 -22.93 -3.78 -5.48
CA LEU A 6 -22.64 -3.08 -4.22
C LEU A 6 -21.19 -3.35 -3.79
N TYR A 7 -20.43 -2.28 -3.54
CA TYR A 7 -19.07 -2.36 -3.00
C TYR A 7 -19.07 -3.04 -1.61
N SER A 8 -20.11 -2.80 -0.80
CA SER A 8 -20.35 -3.51 0.47
C SER A 8 -20.57 -5.03 0.31
N SER A 9 -21.04 -5.49 -0.86
CA SER A 9 -21.24 -6.92 -1.17
C SER A 9 -19.92 -7.69 -1.40
N LEU A 10 -18.81 -6.99 -1.71
CA LEU A 10 -17.49 -7.61 -1.90
C LEU A 10 -16.90 -8.18 -0.59
N PRO A 11 -16.04 -9.22 -0.67
CA PRO A 11 -15.39 -9.84 0.49
C PRO A 11 -14.33 -8.93 1.13
N PRO A 12 -13.93 -9.19 2.39
CA PRO A 12 -12.97 -8.34 3.12
C PRO A 12 -11.59 -8.28 2.43
N ALA A 13 -11.16 -9.37 1.80
CA ALA A 13 -9.90 -9.45 1.05
C ALA A 13 -9.86 -8.51 -0.17
N LYS A 14 -10.97 -8.38 -0.91
CA LYS A 14 -11.09 -7.46 -2.06
C LYS A 14 -11.03 -5.99 -1.65
N ARG A 15 -11.56 -5.64 -0.48
CA ARG A 15 -11.48 -4.27 0.05
C ARG A 15 -10.05 -3.88 0.40
N GLU A 16 -9.33 -4.80 1.04
CA GLU A 16 -7.89 -4.71 1.25
C GLU A 16 -7.13 -4.47 -0.06
N GLU A 17 -7.52 -5.11 -1.18
CA GLU A 17 -6.92 -4.83 -2.48
C GLU A 17 -6.98 -3.36 -2.88
N VAL A 18 -8.14 -2.70 -2.75
CA VAL A 18 -8.28 -1.26 -3.01
C VAL A 18 -7.43 -0.43 -2.05
N GLU A 19 -7.50 -0.76 -0.75
CA GLU A 19 -6.80 -0.10 0.35
C GLU A 19 -5.27 -0.21 0.26
N LYS A 20 -4.76 -1.21 -0.47
CA LYS A 20 -3.35 -1.45 -0.77
C LYS A 20 -2.94 -0.83 -2.09
N LEU A 21 -3.75 -0.98 -3.15
CA LEU A 21 -3.39 -0.55 -4.51
C LEU A 21 -3.15 0.97 -4.61
N LEU A 22 -3.94 1.78 -3.89
CA LEU A 22 -3.77 3.23 -3.80
C LEU A 22 -2.71 3.67 -2.76
N ASN A 23 -2.31 2.75 -1.88
CA ASN A 23 -1.52 3.03 -0.67
C ASN A 23 -0.13 3.54 -1.04
N GLY A 24 0.46 2.95 -2.08
CA GLY A 24 1.66 3.38 -2.77
C GLY A 24 1.29 4.04 -4.11
N SER A 25 0.55 5.15 -4.06
CA SER A 25 0.28 6.04 -5.20
C SER A 25 0.33 7.51 -4.76
N ALA A 26 -0.01 8.45 -5.65
CA ALA A 26 -0.24 9.85 -5.30
C ALA A 26 -1.29 10.00 -4.17
N GLY A 27 -1.26 11.15 -3.48
CA GLY A 27 -2.14 11.53 -2.36
C GLY A 27 -3.52 10.86 -2.38
N ASP A 28 -3.78 10.02 -1.37
CA ASP A 28 -4.83 9.00 -1.35
C ASP A 28 -6.17 9.50 -1.94
N THR A 29 -6.80 8.72 -2.82
CA THR A 29 -8.05 9.12 -3.53
C THR A 29 -9.20 9.49 -2.61
N TRP A 30 -9.18 9.01 -1.36
CA TRP A 30 -10.11 9.40 -0.30
C TRP A 30 -10.30 10.92 -0.18
N ARG A 31 -9.25 11.73 -0.39
CA ARG A 31 -9.34 13.21 -0.31
C ARG A 31 -10.26 13.79 -1.37
N HIS A 32 -10.11 13.30 -2.59
CA HIS A 32 -10.90 13.71 -3.74
C HIS A 32 -12.31 13.10 -3.69
N LEU A 33 -12.43 11.82 -3.35
CA LEU A 33 -13.69 11.10 -3.18
C LEU A 33 -14.56 11.71 -2.08
N ALA A 34 -14.02 12.06 -0.91
CA ALA A 34 -14.77 12.68 0.18
C ALA A 34 -15.45 13.98 -0.26
N GLY A 35 -14.70 14.84 -0.97
CA GLY A 35 -15.21 16.10 -1.51
C GLY A 35 -16.36 15.89 -2.53
N GLU A 36 -16.23 14.89 -3.42
CA GLU A 36 -17.29 14.57 -4.39
C GLU A 36 -18.52 13.89 -3.77
N LEU A 37 -18.34 13.01 -2.77
CA LEU A 37 -19.43 12.39 -2.00
C LEU A 37 -20.16 13.38 -1.09
N GLY A 38 -19.64 14.60 -0.93
CA GLY A 38 -20.19 15.62 -0.01
C GLY A 38 -19.95 15.31 1.47
N TYR A 39 -18.97 14.46 1.78
CA TYR A 39 -18.59 14.10 3.16
C TYR A 39 -18.11 15.34 3.94
N GLN A 40 -18.64 15.52 5.16
CA GLN A 40 -18.30 16.65 6.04
C GLN A 40 -16.81 16.70 6.39
N PRO A 41 -16.23 17.90 6.60
CA PRO A 41 -14.80 18.07 6.86
C PRO A 41 -14.36 17.42 8.20
N GLU A 42 -15.22 17.47 9.22
CA GLU A 42 -14.95 16.85 10.52
C GLU A 42 -14.91 15.30 10.45
N HIS A 43 -15.70 14.68 9.56
CA HIS A 43 -15.65 13.24 9.35
C HIS A 43 -14.31 12.82 8.71
N ILE A 44 -13.85 13.54 7.69
CA ILE A 44 -12.54 13.33 7.07
C ILE A 44 -11.44 13.43 8.14
N ASP A 45 -11.44 14.49 8.96
CA ASP A 45 -10.47 14.65 10.06
C ASP A 45 -10.60 13.59 11.18
N SER A 46 -11.76 13.00 11.42
CA SER A 46 -11.92 11.88 12.37
C SER A 46 -11.31 10.56 11.83
N PHE A 47 -11.40 10.32 10.52
CA PHE A 47 -10.82 9.15 9.86
C PHE A 47 -9.27 9.16 9.81
N THR A 48 -8.60 10.29 10.06
CA THR A 48 -7.12 10.38 10.17
C THR A 48 -6.56 9.73 11.46
N HIS A 49 -7.42 9.25 12.37
CA HIS A 49 -7.04 8.43 13.53
C HIS A 49 -6.09 7.28 13.15
N GLU A 50 -6.25 6.74 11.94
CA GLU A 50 -5.50 5.60 11.42
C GLU A 50 -4.60 6.02 10.23
N ALA A 51 -3.40 5.44 10.13
CA ALA A 51 -2.38 5.77 9.12
C ALA A 51 -2.78 5.45 7.66
N CYS A 52 -3.86 4.69 7.47
CA CYS A 52 -4.50 4.43 6.19
C CYS A 52 -5.90 5.09 6.17
N PRO A 53 -6.02 6.43 6.04
CA PRO A 53 -7.31 7.11 6.14
C PRO A 53 -8.29 6.71 5.01
N VAL A 54 -7.76 6.28 3.87
CA VAL A 54 -8.53 5.67 2.77
C VAL A 54 -9.38 4.48 3.20
N ARG A 55 -8.83 3.55 3.99
CA ARG A 55 -9.56 2.37 4.46
C ARG A 55 -10.76 2.75 5.31
N ALA A 56 -10.64 3.85 6.06
CA ALA A 56 -11.70 4.38 6.90
C ALA A 56 -12.82 5.04 6.09
N LEU A 57 -12.49 5.75 4.99
CA LEU A 57 -13.52 6.27 4.09
C LEU A 57 -14.27 5.14 3.39
N LEU A 58 -13.56 4.17 2.79
CA LEU A 58 -14.16 3.02 2.11
C LEU A 58 -15.05 2.20 3.07
N ALA A 59 -14.57 1.94 4.30
CA ALA A 59 -15.32 1.26 5.35
C ALA A 59 -16.57 2.03 5.79
N SER A 60 -16.44 3.33 6.09
CA SER A 60 -17.58 4.15 6.53
C SER A 60 -18.58 4.43 5.40
N TRP A 61 -18.14 4.43 4.14
CA TRP A 61 -19.04 4.48 3.00
C TRP A 61 -19.84 3.19 2.85
N ALA A 62 -19.20 2.02 3.01
CA ALA A 62 -19.85 0.71 2.95
C ALA A 62 -20.94 0.45 4.03
N THR A 63 -21.08 1.31 5.06
CA THR A 63 -22.17 1.21 6.06
C THR A 63 -23.56 1.56 5.51
N GLN A 64 -23.64 2.09 4.29
CA GLN A 64 -24.88 2.53 3.63
C GLN A 64 -25.00 1.94 2.21
N ASP A 65 -26.25 1.71 1.77
CA ASP A 65 -26.57 1.21 0.43
C ASP A 65 -26.13 2.16 -0.71
N SER A 66 -25.80 3.41 -0.41
CA SER A 66 -25.16 4.35 -1.35
C SER A 66 -23.79 3.87 -1.84
N ALA A 67 -23.16 2.90 -1.15
CA ALA A 67 -21.92 2.26 -1.55
C ALA A 67 -22.02 1.33 -2.78
N THR A 68 -22.72 1.73 -3.84
CA THR A 68 -22.77 0.98 -5.10
C THR A 68 -21.51 1.25 -5.92
N LEU A 69 -21.01 0.25 -6.65
CA LEU A 69 -19.88 0.43 -7.56
C LEU A 69 -20.21 1.55 -8.58
N ASP A 70 -21.44 1.54 -9.08
CA ASP A 70 -22.01 2.53 -10.00
C ASP A 70 -21.85 3.98 -9.49
N ALA A 71 -22.14 4.24 -8.22
CA ALA A 71 -21.97 5.54 -7.57
C ALA A 71 -20.49 5.87 -7.26
N LEU A 72 -19.67 4.88 -6.93
CA LEU A 72 -18.23 5.05 -6.65
C LEU A 72 -17.50 5.50 -7.93
N LEU A 73 -17.78 4.82 -9.03
CA LEU A 73 -17.25 5.13 -10.36
C LEU A 73 -17.63 6.55 -10.79
N ALA A 74 -18.88 6.98 -10.58
CA ALA A 74 -19.33 8.32 -10.90
C ALA A 74 -18.44 9.38 -10.22
N ALA A 75 -18.22 9.25 -8.91
CA ALA A 75 -17.37 10.14 -8.14
C ALA A 75 -15.89 10.10 -8.60
N LEU A 76 -15.30 8.91 -8.80
CA LEU A 76 -13.95 8.72 -9.35
C LEU A 76 -13.77 9.39 -10.73
N ARG A 77 -14.78 9.32 -11.60
CA ARG A 77 -14.75 9.95 -12.93
C ARG A 77 -14.74 11.48 -12.82
N ARG A 78 -15.55 12.06 -11.93
CA ARG A 78 -15.64 13.53 -11.70
C ARG A 78 -14.32 14.15 -11.22
N ILE A 79 -13.53 13.40 -10.45
CA ILE A 79 -12.20 13.81 -9.95
C ILE A 79 -11.04 13.42 -10.88
N GLN A 80 -11.33 12.95 -12.11
CA GLN A 80 -10.34 12.51 -13.11
C GLN A 80 -9.41 11.38 -12.61
N ARG A 81 -9.97 10.42 -11.86
CA ARG A 81 -9.26 9.25 -11.26
C ARG A 81 -9.64 7.92 -11.92
N ALA A 82 -9.98 7.94 -13.21
CA ALA A 82 -10.17 6.76 -14.05
C ALA A 82 -8.96 5.79 -14.07
N ASP A 83 -7.77 6.28 -13.71
CA ASP A 83 -6.57 5.46 -13.47
C ASP A 83 -6.81 4.32 -12.46
N LEU A 84 -7.34 4.65 -11.27
CA LEU A 84 -7.68 3.67 -10.24
C LEU A 84 -8.82 2.75 -10.66
N VAL A 85 -9.81 3.28 -11.40
CA VAL A 85 -10.92 2.48 -11.92
C VAL A 85 -10.41 1.32 -12.77
N GLU A 86 -9.50 1.58 -13.72
CA GLU A 86 -8.91 0.53 -14.55
C GLU A 86 -8.10 -0.49 -13.73
N SER A 87 -7.27 -0.02 -12.79
CA SER A 87 -6.47 -0.90 -11.91
C SER A 87 -7.32 -1.83 -11.05
N LEU A 88 -8.48 -1.37 -10.56
CA LEU A 88 -9.45 -2.19 -9.83
C LEU A 88 -10.20 -3.17 -10.75
N CYS A 89 -10.62 -2.72 -11.94
CA CYS A 89 -11.30 -3.57 -12.91
C CYS A 89 -10.41 -4.74 -13.37
N SER A 90 -9.09 -4.53 -13.46
CA SER A 90 -8.09 -5.58 -13.71
C SER A 90 -8.04 -6.69 -12.64
N GLU A 91 -8.40 -6.41 -11.39
CA GLU A 91 -8.43 -7.44 -10.32
C GLU A 91 -9.77 -8.20 -10.26
N SER A 92 -10.87 -7.57 -10.70
CA SER A 92 -12.23 -8.13 -10.69
C SER A 92 -12.47 -9.23 -11.77
N THR A 93 -11.41 -9.94 -12.16
CA THR A 93 -11.39 -10.97 -13.24
C THR A 93 -10.53 -12.20 -12.85
N ALA A 94 -10.14 -12.31 -11.58
CA ALA A 94 -9.36 -13.44 -11.03
C ALA A 94 -10.25 -14.57 -10.44
N THR A 95 -9.63 -15.71 -10.12
CA THR A 95 -10.27 -16.87 -9.44
C THR A 95 -10.38 -16.67 -7.92
N SER A 96 -10.97 -17.65 -7.22
CA SER A 96 -11.22 -17.64 -5.76
C SER A 96 -11.08 -19.04 -5.13
N PRO A 97 -10.90 -19.15 -3.79
CA PRO A 97 -10.85 -20.42 -3.07
C PRO A 97 -12.23 -21.11 -2.97
N VAL A 98 -12.28 -22.28 -2.30
CA VAL A 98 -13.50 -23.09 -2.07
C VAL A 98 -14.57 -22.30 -1.30
N ALA B 1 -2.72 -15.84 -5.48
CA ALA B 1 -1.85 -14.82 -4.89
C ALA B 1 -2.40 -13.44 -5.29
N GLN B 2 -2.74 -12.60 -4.31
CA GLN B 2 -3.12 -11.21 -4.55
C GLN B 2 -1.85 -10.39 -4.84
N THR B 3 -1.71 -9.91 -6.08
CA THR B 3 -0.54 -9.15 -6.58
C THR B 3 -1.02 -7.92 -7.37
N PHE B 4 -0.16 -6.90 -7.43
CA PHE B 4 -0.39 -5.66 -8.18
C PHE B 4 0.69 -5.49 -9.25
N LEU B 5 0.33 -4.84 -10.37
CA LEU B 5 1.31 -4.41 -11.35
C LEU B 5 2.02 -3.13 -10.86
N PHE B 6 3.35 -3.20 -10.84
CA PHE B 6 4.24 -2.09 -10.52
C PHE B 6 5.34 -2.05 -11.59
N GLN B 7 5.60 -0.90 -12.21
CA GLN B 7 6.60 -0.75 -13.28
C GLN B 7 6.56 -1.84 -14.38
N GLY B 8 5.38 -2.41 -14.66
CA GLY B 8 5.18 -3.51 -15.62
C GLY B 8 5.58 -4.92 -15.11
N GLN B 9 5.71 -5.10 -13.80
CA GLN B 9 6.17 -6.32 -13.12
C GLN B 9 5.20 -6.72 -11.98
N PRO B 10 4.86 -8.02 -11.83
CA PRO B 10 4.03 -8.51 -10.73
C PRO B 10 4.81 -8.59 -9.41
N VAL B 11 4.12 -8.36 -8.28
CA VAL B 11 4.66 -8.41 -6.91
C VAL B 11 3.55 -8.77 -5.90
N VAL B 12 3.78 -9.79 -5.09
CA VAL B 12 2.86 -10.23 -4.02
C VAL B 12 2.53 -9.06 -3.09
N ASN B 13 1.23 -8.76 -2.93
CA ASN B 13 0.75 -7.56 -2.25
C ASN B 13 0.30 -7.89 -0.82
N ARG B 14 1.25 -7.94 0.13
CA ARG B 14 1.01 -8.38 1.51
C ARG B 14 1.92 -7.70 2.54
N PRO B 15 1.63 -7.78 3.86
CA PRO B 15 2.52 -7.26 4.90
C PRO B 15 3.84 -8.04 4.96
N LEU B 16 4.96 -7.31 4.99
CA LEU B 16 6.30 -7.89 5.06
C LEU B 16 6.48 -8.64 6.39
N SER B 17 6.98 -9.87 6.30
CA SER B 17 7.27 -10.74 7.45
C SER B 17 8.75 -10.64 7.88
N LEU B 18 9.14 -11.37 8.92
CA LEU B 18 10.51 -11.42 9.45
C LEU B 18 11.55 -11.78 8.37
N LYS B 19 11.20 -12.70 7.46
CA LYS B 19 11.96 -13.02 6.24
C LYS B 19 12.31 -11.77 5.43
N ASP B 20 11.33 -10.89 5.22
CA ASP B 20 11.52 -9.67 4.43
C ASP B 20 12.46 -8.71 5.15
N GLN B 21 12.38 -8.61 6.49
CA GLN B 21 13.29 -7.78 7.28
C GLN B 21 14.75 -8.24 7.17
N GLN B 22 14.99 -9.55 7.25
CA GLN B 22 16.31 -10.16 7.05
C GLN B 22 16.81 -10.00 5.61
N THR B 23 16.03 -10.45 4.62
CA THR B 23 16.39 -10.36 3.19
C THR B 23 16.60 -8.92 2.75
N PHE B 24 15.79 -7.96 3.22
CA PHE B 24 15.99 -6.53 2.95
C PHE B 24 17.38 -6.08 3.37
N ALA B 25 17.68 -6.11 4.67
CA ALA B 25 18.94 -5.63 5.20
C ALA B 25 20.18 -6.31 4.56
N ARG B 26 20.04 -7.60 4.22
CA ARG B 26 21.04 -8.42 3.53
C ARG B 26 21.17 -8.13 2.01
N SER B 27 20.17 -7.49 1.40
CA SER B 27 20.06 -7.31 -0.06
C SER B 27 20.24 -5.85 -0.49
N VAL B 28 19.65 -4.88 0.23
CA VAL B 28 19.95 -3.46 0.01
C VAL B 28 21.34 -3.07 0.50
N GLY B 29 21.82 -3.65 1.61
CA GLY B 29 23.11 -3.32 2.25
C GLY B 29 23.27 -1.81 2.49
N LEU B 30 24.01 -1.12 1.63
CA LEU B 30 24.16 0.34 1.64
C LEU B 30 22.89 1.12 1.28
N LYS B 31 22.05 0.60 0.38
CA LYS B 31 20.79 1.21 -0.06
C LYS B 31 19.71 1.30 1.02
N TRP B 32 19.92 0.68 2.19
CA TRP B 32 19.01 0.76 3.32
C TRP B 32 18.63 2.19 3.70
N ARG B 33 19.64 3.08 3.71
CA ARG B 33 19.48 4.50 4.03
C ARG B 33 18.59 5.18 2.99
N LYS B 34 18.86 4.92 1.71
CA LYS B 34 18.12 5.46 0.56
C LYS B 34 16.66 5.01 0.54
N VAL B 35 16.38 3.73 0.77
CA VAL B 35 14.99 3.22 0.86
C VAL B 35 14.21 3.95 1.94
N GLY B 36 14.78 4.09 3.16
CA GLY B 36 14.18 4.90 4.21
C GLY B 36 13.90 6.33 3.77
N ARG B 37 14.86 7.00 3.12
CA ARG B 37 14.72 8.38 2.60
C ARG B 37 13.61 8.52 1.56
N SER B 38 13.50 7.58 0.62
CA SER B 38 12.42 7.58 -0.37
C SER B 38 11.06 7.30 0.25
N LEU B 39 10.99 6.41 1.25
CA LEU B 39 9.77 6.05 1.97
C LEU B 39 9.19 7.24 2.75
N GLN B 40 10.03 8.22 3.15
CA GLN B 40 9.59 9.49 3.74
C GLN B 40 8.60 10.25 2.83
N ARG B 41 8.97 10.46 1.56
CA ARG B 41 8.06 11.12 0.58
C ARG B 41 6.83 10.27 0.26
N GLY B 42 6.99 8.94 0.22
CA GLY B 42 5.91 7.99 -0.09
C GLY B 42 4.84 7.89 1.02
N CYS B 43 5.25 7.98 2.29
CA CYS B 43 4.36 7.93 3.45
C CYS B 43 4.79 8.92 4.55
N ARG B 44 3.92 9.89 4.85
CA ARG B 44 4.17 10.89 5.90
C ARG B 44 4.37 10.29 7.31
N ALA B 45 3.85 9.08 7.54
CA ALA B 45 4.09 8.28 8.75
C ALA B 45 5.58 7.92 8.99
N LEU B 46 6.47 8.10 8.01
CA LEU B 46 7.92 7.86 8.13
C LEU B 46 8.76 9.11 7.76
N ARG B 47 8.13 10.27 7.53
CA ARG B 47 8.78 11.57 7.20
C ARG B 47 9.52 12.23 8.37
N ASP B 48 9.18 11.86 9.60
CA ASP B 48 9.90 12.28 10.80
C ASP B 48 11.41 11.92 10.74
N PRO B 49 12.28 12.52 11.58
CA PRO B 49 13.70 12.19 11.68
C PRO B 49 13.98 10.80 12.29
N ALA B 50 13.07 9.84 12.07
CA ALA B 50 13.22 8.44 12.45
C ALA B 50 14.58 7.89 11.99
N LEU B 51 14.93 8.00 10.70
CA LEU B 51 16.20 7.53 10.15
C LEU B 51 17.45 8.01 10.93
N ASP B 52 17.44 9.26 11.43
CA ASP B 52 18.54 9.84 12.18
C ASP B 52 18.79 9.08 13.50
N SER B 53 17.72 8.86 14.28
CA SER B 53 17.78 8.03 15.49
C SER B 53 17.96 6.55 15.16
N LEU B 54 17.31 5.99 14.14
CA LEU B 54 17.46 4.60 13.71
C LEU B 54 18.92 4.25 13.42
N ALA B 55 19.62 5.09 12.64
CA ALA B 55 21.03 4.88 12.32
C ALA B 55 21.92 4.79 13.58
N TYR B 56 21.63 5.59 14.62
CA TYR B 56 22.41 5.63 15.86
C TYR B 56 21.99 4.57 16.89
N GLU B 57 20.69 4.30 17.03
CA GLU B 57 20.11 3.26 17.89
C GLU B 57 20.50 1.84 17.42
N TYR B 58 20.62 1.66 16.10
CA TYR B 58 20.94 0.39 15.47
C TYR B 58 22.39 0.33 14.92
N GLU B 59 23.20 1.35 15.18
CA GLU B 59 24.65 1.39 14.85
C GLU B 59 25.46 0.26 15.52
N ARG B 60 24.92 -0.34 16.59
CA ARG B 60 25.52 -1.43 17.36
C ARG B 60 25.78 -2.68 16.51
N GLU B 61 24.82 -3.08 15.68
CA GLU B 61 24.95 -4.22 14.75
C GLU B 61 25.30 -3.77 13.32
N GLY B 62 24.94 -2.55 12.93
CA GLY B 62 25.23 -1.98 11.62
C GLY B 62 24.04 -2.06 10.66
N LEU B 63 24.32 -2.01 9.36
CA LEU B 63 23.34 -1.97 8.26
C LEU B 63 22.28 -3.08 8.38
N TYR B 64 22.65 -4.25 8.91
CA TYR B 64 21.76 -5.35 9.24
C TYR B 64 20.63 -4.94 10.20
N GLU B 65 20.93 -4.66 11.48
CA GLU B 65 19.90 -4.25 12.46
C GLU B 65 19.20 -2.96 12.05
N GLN B 66 19.95 -2.01 11.47
CA GLN B 66 19.44 -0.73 10.96
C GLN B 66 18.21 -0.89 10.08
N ALA B 67 18.30 -1.80 9.11
CA ALA B 67 17.27 -2.04 8.11
C ALA B 67 16.28 -3.14 8.54
N PHE B 68 16.74 -4.12 9.31
CA PHE B 68 15.91 -5.16 9.92
C PHE B 68 14.80 -4.56 10.80
N GLN B 69 15.15 -3.63 11.70
CA GLN B 69 14.18 -2.99 12.57
C GLN B 69 13.44 -1.82 11.90
N LEU B 70 14.02 -1.17 10.87
CA LEU B 70 13.34 -0.13 10.06
C LEU B 70 12.01 -0.60 9.47
N LEU B 71 11.93 -1.86 9.05
CA LEU B 71 10.70 -2.45 8.52
C LEU B 71 9.53 -2.36 9.51
N ARG B 72 9.80 -2.51 10.81
CA ARG B 72 8.82 -2.35 11.90
C ARG B 72 8.28 -0.92 12.01
N ARG B 73 9.05 0.08 11.58
CA ARG B 73 8.67 1.51 11.61
C ARG B 73 7.42 1.79 10.75
N PHE B 74 7.27 1.08 9.64
CA PHE B 74 6.05 1.12 8.82
C PHE B 74 4.92 0.25 9.39
N VAL B 75 5.25 -0.91 9.98
CA VAL B 75 4.28 -1.80 10.65
C VAL B 75 3.64 -1.12 11.88
N GLN B 76 4.37 -0.28 12.60
CA GLN B 76 3.88 0.57 13.70
C GLN B 76 2.69 1.46 13.26
N ALA B 77 2.75 2.02 12.06
CA ALA B 77 1.70 2.89 11.53
C ALA B 77 0.39 2.12 11.27
N GLU B 78 0.47 0.90 10.74
CA GLU B 78 -0.71 0.07 10.41
C GLU B 78 -0.48 -1.44 10.59
N GLY B 79 0.53 -2.00 9.90
CA GLY B 79 0.96 -3.41 9.96
C GLY B 79 0.01 -4.43 9.36
N ARG B 80 -1.29 -4.39 9.69
CA ARG B 80 -2.33 -5.27 9.11
C ARG B 80 -2.71 -4.88 7.69
N ARG B 81 -2.96 -3.59 7.44
CA ARG B 81 -3.29 -2.98 6.13
C ARG B 81 -2.08 -2.38 5.40
N ALA B 82 -0.96 -2.16 6.09
CA ALA B 82 0.33 -1.87 5.45
C ALA B 82 0.82 -3.10 4.68
N THR B 83 1.31 -2.89 3.46
CA THR B 83 1.88 -3.95 2.61
C THR B 83 3.05 -3.41 1.79
N LEU B 84 3.76 -4.32 1.10
CA LEU B 84 4.89 -3.97 0.21
C LEU B 84 4.56 -2.82 -0.76
N GLN B 85 3.33 -2.65 -1.20
CA GLN B 85 2.85 -1.50 -2.00
C GLN B 85 3.52 -0.16 -1.67
N ARG B 86 3.55 0.27 -0.39
CA ARG B 86 4.22 1.53 0.03
C ARG B 86 5.75 1.45 0.04
N LEU B 87 6.31 0.29 0.39
CA LEU B 87 7.75 0.02 0.30
C LEU B 87 8.24 0.09 -1.16
N VAL B 88 7.49 -0.46 -2.14
CA VAL B 88 7.87 -0.43 -3.56
C VAL B 88 8.00 1.00 -4.10
N GLU B 89 7.11 1.90 -3.71
CA GLU B 89 7.19 3.33 -4.04
C GLU B 89 8.49 3.98 -3.56
N ALA B 90 9.06 3.51 -2.45
CA ALA B 90 10.37 3.93 -1.97
C ALA B 90 11.52 3.36 -2.84
N LEU B 91 11.43 2.09 -3.23
CA LEU B 91 12.42 1.44 -4.10
C LEU B 91 12.41 2.01 -5.54
N GLU B 92 11.25 2.40 -6.05
CA GLU B 92 11.09 3.05 -7.36
C GLU B 92 11.90 4.34 -7.53
N GLU B 93 12.13 5.11 -6.46
CA GLU B 93 12.96 6.31 -6.49
C GLU B 93 14.45 6.03 -6.71
N ASN B 94 14.97 4.89 -6.22
CA ASN B 94 16.36 4.46 -6.45
C ASN B 94 16.50 3.41 -7.58
N GLU B 95 15.43 3.20 -8.36
CA GLU B 95 15.40 2.24 -9.49
C GLU B 95 15.66 0.77 -9.03
N LEU B 96 15.21 0.45 -7.81
CA LEU B 96 15.32 -0.88 -7.19
C LEU B 96 14.17 -1.83 -7.60
N THR B 97 13.75 -1.76 -8.86
CA THR B 97 12.68 -2.59 -9.45
C THR B 97 12.94 -4.09 -9.26
N SER B 98 14.16 -4.56 -9.53
CA SER B 98 14.56 -5.95 -9.33
C SER B 98 14.64 -6.32 -7.84
N LEU B 99 14.91 -5.35 -6.95
CA LEU B 99 14.99 -5.58 -5.50
C LEU B 99 13.58 -5.74 -4.89
N ALA B 100 12.59 -4.99 -5.38
CA ALA B 100 11.21 -5.05 -4.88
C ALA B 100 10.58 -6.45 -5.03
N GLU B 101 10.84 -7.13 -6.16
CA GLU B 101 10.43 -8.52 -6.36
C GLU B 101 11.35 -9.53 -5.64
N ASP B 102 12.67 -9.35 -5.68
CA ASP B 102 13.62 -10.20 -4.93
C ASP B 102 13.34 -10.21 -3.41
N LEU B 103 12.85 -9.10 -2.86
CA LEU B 103 12.55 -8.91 -1.44
C LEU B 103 11.60 -9.97 -0.87
N LEU B 104 10.49 -10.21 -1.57
CA LEU B 104 9.49 -11.21 -1.15
C LEU B 104 9.94 -12.64 -1.46
N GLY B 105 11.09 -12.80 -2.13
CA GLY B 105 11.60 -14.07 -2.63
C GLY B 105 11.08 -14.46 -4.01
N LEU B 106 10.61 -13.51 -4.84
CA LEU B 106 10.05 -13.80 -6.18
C LEU B 106 11.11 -14.39 -7.13
N THR B 107 12.40 -14.23 -6.82
CA THR B 107 13.56 -14.87 -7.50
C THR B 107 13.57 -16.43 -7.42
N ASP B 108 12.77 -17.04 -6.53
CA ASP B 108 12.67 -18.51 -6.40
C ASP B 108 11.69 -19.15 -7.42
N PRO B 109 11.81 -20.47 -7.68
CA PRO B 109 10.95 -21.25 -8.59
C PRO B 109 9.54 -21.56 -8.05
N ASN B 110 9.01 -20.76 -7.11
CA ASN B 110 7.71 -20.95 -6.45
C ASN B 110 7.50 -22.37 -5.87
N GLY B 111 8.42 -22.81 -5.00
CA GLY B 111 8.37 -24.12 -4.35
C GLY B 111 9.53 -24.37 -3.37
N GLY B 112 9.28 -24.25 -2.07
CA GLY B 112 10.26 -24.54 -1.01
C GLY B 112 9.98 -23.78 0.29
N LEU B 113 9.28 -24.40 1.25
CA LEU B 113 8.95 -23.82 2.56
C LEU B 113 8.87 -24.92 3.65
N ALA B 114 9.58 -24.70 4.77
CA ALA B 114 9.64 -25.57 5.96
C ALA B 114 10.12 -24.80 7.21
N LYS A 1 -31.26 5.68 -11.53
CA LYS A 1 -30.30 4.56 -11.65
C LYS A 1 -30.38 3.91 -13.05
N GLY A 2 -29.42 3.04 -13.36
CA GLY A 2 -29.37 2.30 -14.64
C GLY A 2 -28.39 1.12 -14.68
N ASP A 3 -27.95 0.62 -13.52
CA ASP A 3 -27.00 -0.50 -13.36
C ASP A 3 -27.16 -1.14 -11.95
N GLY A 4 -26.37 -2.15 -11.62
CA GLY A 4 -26.34 -2.81 -10.31
C GLY A 4 -24.94 -3.30 -9.90
N GLY A 5 -24.77 -3.56 -8.60
CA GLY A 5 -23.50 -3.88 -7.96
C GLY A 5 -23.28 -3.01 -6.73
N LEU A 6 -23.34 -3.60 -5.54
CA LEU A 6 -23.00 -2.94 -4.27
C LEU A 6 -21.55 -3.23 -3.90
N TYR A 7 -20.75 -2.20 -3.65
CA TYR A 7 -19.37 -2.34 -3.15
C TYR A 7 -19.34 -3.08 -1.80
N SER A 8 -20.34 -2.86 -0.95
CA SER A 8 -20.54 -3.58 0.32
C SER A 8 -20.86 -5.09 0.13
N SER A 9 -21.30 -5.51 -1.07
CA SER A 9 -21.54 -6.92 -1.41
C SER A 9 -20.25 -7.70 -1.70
N LEU A 10 -19.15 -7.02 -2.05
CA LEU A 10 -17.84 -7.65 -2.28
C LEU A 10 -17.21 -8.23 -0.98
N PRO A 11 -16.36 -9.27 -1.09
CA PRO A 11 -15.71 -9.91 0.06
C PRO A 11 -14.65 -8.99 0.72
N PRO A 12 -14.25 -9.27 1.97
CA PRO A 12 -13.28 -8.45 2.71
C PRO A 12 -11.90 -8.39 2.02
N ALA A 13 -11.48 -9.49 1.39
CA ALA A 13 -10.23 -9.56 0.62
C ALA A 13 -10.21 -8.60 -0.59
N LYS A 14 -11.33 -8.50 -1.33
CA LYS A 14 -11.46 -7.57 -2.48
C LYS A 14 -11.41 -6.10 -2.06
N ARG A 15 -11.93 -5.76 -0.88
CA ARG A 15 -11.85 -4.39 -0.33
C ARG A 15 -10.40 -4.02 -0.03
N GLU A 16 -9.68 -4.91 0.65
CA GLU A 16 -8.23 -4.81 0.88
C GLU A 16 -7.48 -4.53 -0.42
N GLU A 17 -7.77 -5.25 -1.51
CA GLU A 17 -7.16 -4.99 -2.82
C GLU A 17 -7.23 -3.52 -3.25
N VAL A 18 -8.36 -2.83 -3.03
CA VAL A 18 -8.50 -1.39 -3.30
C VAL A 18 -7.60 -0.55 -2.41
N GLU A 19 -7.56 -0.85 -1.10
CA GLU A 19 -6.72 -0.13 -0.12
C GLU A 19 -5.22 -0.27 -0.37
N LYS A 20 -4.83 -1.37 -1.01
CA LYS A 20 -3.45 -1.65 -1.39
C LYS A 20 -3.11 -1.04 -2.75
N LEU A 21 -4.01 -1.15 -3.74
CA LEU A 21 -3.78 -0.68 -5.10
C LEU A 21 -3.40 0.81 -5.15
N LEU A 22 -4.18 1.65 -4.46
CA LEU A 22 -3.97 3.08 -4.38
C LEU A 22 -2.82 3.49 -3.41
N ASN A 23 -2.44 2.60 -2.48
CA ASN A 23 -1.47 2.84 -1.43
C ASN A 23 -0.09 3.19 -2.01
N GLY A 24 0.27 2.52 -3.11
CA GLY A 24 1.47 2.75 -3.90
C GLY A 24 1.20 3.55 -5.17
N SER A 25 0.48 4.66 -5.04
CA SER A 25 0.16 5.60 -6.14
C SER A 25 0.28 7.07 -5.67
N ALA A 26 -0.07 8.01 -6.55
CA ALA A 26 -0.24 9.43 -6.20
C ALA A 26 -1.22 9.62 -5.02
N GLY A 27 -1.12 10.79 -4.34
CA GLY A 27 -1.92 11.22 -3.19
C GLY A 27 -3.32 10.62 -3.16
N ASP A 28 -3.58 9.83 -2.11
CA ASP A 28 -4.68 8.85 -2.01
C ASP A 28 -6.01 9.38 -2.60
N THR A 29 -6.68 8.58 -3.44
CA THR A 29 -7.93 8.97 -4.12
C THR A 29 -9.04 9.41 -3.17
N TRP A 30 -8.99 8.98 -1.90
CA TRP A 30 -9.86 9.40 -0.82
C TRP A 30 -10.05 10.93 -0.73
N ARG A 31 -9.02 11.74 -0.99
CA ARG A 31 -9.08 13.22 -0.96
C ARG A 31 -10.02 13.77 -2.02
N HIS A 32 -9.90 13.25 -3.23
CA HIS A 32 -10.70 13.62 -4.38
C HIS A 32 -12.12 13.04 -4.27
N LEU A 33 -12.25 11.76 -3.88
CA LEU A 33 -13.53 11.07 -3.64
C LEU A 33 -14.34 11.70 -2.51
N ALA A 34 -13.74 12.09 -1.39
CA ALA A 34 -14.44 12.73 -0.27
C ALA A 34 -15.15 14.02 -0.70
N GLY A 35 -14.42 14.90 -1.41
CA GLY A 35 -14.96 16.13 -1.97
C GLY A 35 -16.10 15.89 -2.97
N GLU A 36 -16.02 14.85 -3.80
CA GLU A 36 -17.09 14.49 -4.75
C GLU A 36 -18.32 13.84 -4.10
N LEU A 37 -18.12 12.97 -3.10
CA LEU A 37 -19.20 12.37 -2.29
C LEU A 37 -19.93 13.39 -1.40
N GLY A 38 -19.41 14.63 -1.29
CA GLY A 38 -19.95 15.67 -0.41
C GLY A 38 -19.65 15.42 1.08
N TYR A 39 -18.67 14.57 1.39
CA TYR A 39 -18.22 14.30 2.77
C TYR A 39 -17.69 15.59 3.42
N GLN A 40 -18.11 15.84 4.67
CA GLN A 40 -17.71 17.04 5.44
C GLN A 40 -16.19 17.10 5.69
N PRO A 41 -15.59 18.30 5.79
CA PRO A 41 -14.13 18.44 5.98
C PRO A 41 -13.66 17.85 7.31
N GLU A 42 -14.43 18.06 8.38
CA GLU A 42 -14.15 17.50 9.71
C GLU A 42 -14.17 15.96 9.75
N HIS A 43 -15.00 15.31 8.90
CA HIS A 43 -15.03 13.85 8.75
C HIS A 43 -13.75 13.32 8.09
N ILE A 44 -13.23 14.02 7.07
CA ILE A 44 -11.95 13.69 6.44
C ILE A 44 -10.83 13.74 7.50
N ASP A 45 -10.78 14.80 8.31
CA ASP A 45 -9.81 14.95 9.41
C ASP A 45 -9.95 13.90 10.55
N SER A 46 -11.14 13.39 10.88
CA SER A 46 -11.26 12.30 11.87
C SER A 46 -10.82 10.93 11.33
N PHE A 47 -10.93 10.68 10.02
CA PHE A 47 -10.42 9.47 9.35
C PHE A 47 -8.87 9.40 9.30
N THR A 48 -8.14 10.50 9.50
CA THR A 48 -6.66 10.49 9.62
C THR A 48 -6.13 9.87 10.93
N HIS A 49 -7.02 9.47 11.86
CA HIS A 49 -6.68 8.68 13.05
C HIS A 49 -5.85 7.42 12.76
N GLU A 50 -5.93 6.91 11.53
CA GLU A 50 -5.26 5.69 11.07
C GLU A 50 -4.31 6.00 9.90
N ALA A 51 -3.16 5.30 9.85
CA ALA A 51 -2.10 5.49 8.83
C ALA A 51 -2.52 5.18 7.39
N CYS A 52 -3.72 4.61 7.20
CA CYS A 52 -4.37 4.36 5.92
C CYS A 52 -5.70 5.15 5.89
N PRO A 53 -5.70 6.49 5.68
CA PRO A 53 -6.92 7.29 5.72
C PRO A 53 -7.92 6.89 4.62
N VAL A 54 -7.43 6.41 3.47
CA VAL A 54 -8.25 5.85 2.39
C VAL A 54 -9.15 4.70 2.86
N ARG A 55 -8.60 3.76 3.63
CA ARG A 55 -9.34 2.60 4.12
C ARG A 55 -10.52 3.02 4.98
N ALA A 56 -10.33 4.09 5.75
CA ALA A 56 -11.36 4.65 6.61
C ALA A 56 -12.49 5.28 5.78
N LEU A 57 -12.18 5.99 4.68
CA LEU A 57 -13.22 6.49 3.78
C LEU A 57 -14.01 5.34 3.15
N LEU A 58 -13.35 4.36 2.53
CA LEU A 58 -14.05 3.24 1.86
C LEU A 58 -14.81 2.35 2.86
N ALA A 59 -14.27 2.12 4.07
CA ALA A 59 -14.96 1.42 5.16
C ALA A 59 -16.19 2.19 5.66
N SER A 60 -16.07 3.48 5.98
CA SER A 60 -17.20 4.30 6.46
C SER A 60 -18.22 4.59 5.37
N TRP A 61 -17.83 4.59 4.10
CA TRP A 61 -18.78 4.65 2.98
C TRP A 61 -19.55 3.33 2.84
N ALA A 62 -18.88 2.17 2.98
CA ALA A 62 -19.52 0.85 2.95
C ALA A 62 -20.57 0.59 4.06
N THR A 63 -20.66 1.43 5.11
CA THR A 63 -21.68 1.31 6.18
C THR A 63 -23.11 1.67 5.71
N GLN A 64 -23.24 2.25 4.51
CA GLN A 64 -24.51 2.70 3.92
C GLN A 64 -24.72 2.12 2.53
N ASP A 65 -25.98 1.92 2.14
CA ASP A 65 -26.39 1.40 0.82
C ASP A 65 -25.98 2.34 -0.33
N SER A 66 -25.60 3.60 -0.05
CA SER A 66 -25.01 4.52 -1.02
C SER A 66 -23.67 4.02 -1.61
N ALA A 67 -23.01 3.06 -0.96
CA ALA A 67 -21.81 2.36 -1.45
C ALA A 67 -22.08 1.43 -2.66
N THR A 68 -22.73 1.93 -3.70
CA THR A 68 -22.90 1.20 -4.96
C THR A 68 -21.70 1.44 -5.87
N LEU A 69 -21.32 0.44 -6.65
CA LEU A 69 -20.32 0.61 -7.72
C LEU A 69 -20.77 1.71 -8.69
N ASP A 70 -22.07 1.79 -8.99
CA ASP A 70 -22.66 2.79 -9.89
C ASP A 70 -22.37 4.24 -9.43
N ALA A 71 -22.52 4.50 -8.12
CA ALA A 71 -22.22 5.80 -7.49
C ALA A 71 -20.71 6.06 -7.35
N LEU A 72 -19.92 5.03 -7.03
CA LEU A 72 -18.45 5.11 -6.95
C LEU A 72 -17.84 5.48 -8.30
N LEU A 73 -18.23 4.78 -9.36
CA LEU A 73 -17.77 5.01 -10.72
C LEU A 73 -18.08 6.45 -11.18
N ALA A 74 -19.30 6.94 -10.92
CA ALA A 74 -19.67 8.32 -11.20
C ALA A 74 -18.72 9.32 -10.52
N ALA A 75 -18.43 9.15 -9.22
CA ALA A 75 -17.51 10.01 -8.49
C ALA A 75 -16.06 9.92 -9.04
N LEU A 76 -15.53 8.72 -9.33
CA LEU A 76 -14.21 8.52 -9.97
C LEU A 76 -14.09 9.22 -11.33
N ARG A 77 -15.16 9.19 -12.15
CA ARG A 77 -15.21 9.85 -13.47
C ARG A 77 -15.14 11.38 -13.33
N ARG A 78 -15.81 11.97 -12.33
CA ARG A 78 -15.79 13.42 -12.03
C ARG A 78 -14.41 13.94 -11.64
N ILE A 79 -13.60 13.14 -10.95
CA ILE A 79 -12.22 13.49 -10.54
C ILE A 79 -11.14 13.01 -11.53
N GLN A 80 -11.54 12.54 -12.72
CA GLN A 80 -10.65 12.00 -13.77
C GLN A 80 -9.73 10.85 -13.27
N ARG A 81 -10.29 9.92 -12.48
CA ARG A 81 -9.59 8.75 -11.90
C ARG A 81 -10.08 7.41 -12.48
N ALA A 82 -10.44 7.40 -13.77
CA ALA A 82 -10.72 6.19 -14.55
C ALA A 82 -9.57 5.16 -14.56
N ASP A 83 -8.34 5.57 -14.22
CA ASP A 83 -7.20 4.67 -13.99
C ASP A 83 -7.49 3.58 -12.94
N LEU A 84 -7.95 3.98 -11.73
CA LEU A 84 -8.34 3.04 -10.68
C LEU A 84 -9.55 2.17 -11.09
N VAL A 85 -10.50 2.73 -11.85
CA VAL A 85 -11.66 1.98 -12.36
C VAL A 85 -11.22 0.77 -13.18
N GLU A 86 -10.37 0.99 -14.18
CA GLU A 86 -9.83 -0.08 -15.04
C GLU A 86 -9.08 -1.13 -14.22
N SER A 87 -8.21 -0.69 -13.30
CA SER A 87 -7.47 -1.59 -12.42
C SER A 87 -8.38 -2.44 -11.54
N LEU A 88 -9.46 -1.89 -10.97
CA LEU A 88 -10.43 -2.66 -10.18
C LEU A 88 -11.27 -3.64 -11.02
N CYS A 89 -11.67 -3.26 -12.23
CA CYS A 89 -12.33 -4.15 -13.18
C CYS A 89 -11.45 -5.35 -13.61
N SER A 90 -10.12 -5.21 -13.54
CA SER A 90 -9.14 -6.27 -13.87
C SER A 90 -8.56 -7.00 -12.64
N GLU A 91 -8.56 -6.40 -11.44
CA GLU A 91 -8.17 -7.04 -10.17
C GLU A 91 -9.07 -8.22 -9.77
N SER A 92 -10.31 -8.26 -10.26
CA SER A 92 -11.25 -9.38 -10.09
C SER A 92 -10.92 -10.60 -10.98
N THR A 93 -9.64 -10.93 -11.12
CA THR A 93 -9.13 -12.10 -11.87
C THR A 93 -9.59 -13.43 -11.25
N ALA A 94 -9.42 -14.52 -12.00
CA ALA A 94 -9.65 -15.90 -11.54
C ALA A 94 -8.64 -16.35 -10.45
N THR A 95 -8.81 -17.60 -10.00
CA THR A 95 -8.01 -18.28 -8.97
C THR A 95 -7.16 -19.43 -9.58
N SER A 96 -6.42 -20.17 -8.75
CA SER A 96 -5.54 -21.28 -9.15
C SER A 96 -5.99 -22.61 -8.53
N PRO A 97 -5.57 -23.77 -9.07
CA PRO A 97 -5.95 -25.09 -8.55
C PRO A 97 -5.30 -25.45 -7.20
N VAL A 98 -4.24 -24.73 -6.78
CA VAL A 98 -3.42 -24.99 -5.57
C VAL A 98 -2.82 -26.42 -5.59
N ALA B 1 -2.51 -16.02 -5.53
CA ALA B 1 -1.67 -15.01 -4.91
C ALA B 1 -2.25 -13.65 -5.33
N GLN B 2 -2.75 -12.86 -4.39
CA GLN B 2 -3.11 -11.47 -4.68
C GLN B 2 -1.84 -10.67 -5.00
N THR B 3 -1.75 -10.08 -6.19
CA THR B 3 -0.58 -9.33 -6.68
C THR B 3 -1.03 -8.08 -7.45
N PHE B 4 -0.21 -7.02 -7.36
CA PHE B 4 -0.41 -5.75 -8.04
C PHE B 4 0.63 -5.57 -9.14
N LEU B 5 0.25 -4.83 -10.20
CA LEU B 5 1.20 -4.36 -11.20
C LEU B 5 1.90 -3.10 -10.70
N PHE B 6 3.23 -3.14 -10.66
CA PHE B 6 4.10 -2.01 -10.36
C PHE B 6 5.20 -1.97 -11.44
N GLN B 7 5.44 -0.81 -12.06
CA GLN B 7 6.45 -0.66 -13.14
C GLN B 7 6.41 -1.74 -14.26
N GLY B 8 5.23 -2.32 -14.53
CA GLY B 8 5.05 -3.42 -15.49
C GLY B 8 5.50 -4.81 -15.00
N GLN B 9 5.64 -5.00 -13.69
CA GLN B 9 6.12 -6.20 -13.02
C GLN B 9 5.12 -6.66 -11.92
N PRO B 10 4.82 -7.98 -11.82
CA PRO B 10 3.97 -8.54 -10.76
C PRO B 10 4.71 -8.62 -9.41
N VAL B 11 3.99 -8.36 -8.31
CA VAL B 11 4.47 -8.39 -6.91
C VAL B 11 3.32 -8.71 -5.95
N VAL B 12 3.50 -9.71 -5.09
CA VAL B 12 2.48 -10.12 -4.10
C VAL B 12 2.12 -8.97 -3.16
N ASN B 13 0.81 -8.76 -2.97
CA ASN B 13 0.25 -7.65 -2.21
C ASN B 13 -0.08 -8.06 -0.77
N ARG B 14 0.87 -7.92 0.16
CA ARG B 14 0.69 -8.33 1.57
C ARG B 14 1.65 -7.57 2.52
N PRO B 15 1.42 -7.61 3.86
CA PRO B 15 2.36 -7.06 4.84
C PRO B 15 3.68 -7.84 4.85
N LEU B 16 4.79 -7.12 4.98
CA LEU B 16 6.13 -7.72 5.08
C LEU B 16 6.27 -8.53 6.37
N SER B 17 6.74 -9.77 6.25
CA SER B 17 7.03 -10.67 7.39
C SER B 17 8.49 -10.55 7.86
N LEU B 18 8.88 -11.27 8.91
CA LEU B 18 10.26 -11.33 9.42
C LEU B 18 11.30 -11.63 8.31
N LYS B 19 11.00 -12.56 7.40
CA LYS B 19 11.79 -12.84 6.19
C LYS B 19 12.12 -11.57 5.41
N ASP B 20 11.13 -10.71 5.19
CA ASP B 20 11.30 -9.48 4.42
C ASP B 20 12.22 -8.50 5.14
N GLN B 21 12.12 -8.39 6.48
CA GLN B 21 12.97 -7.53 7.30
C GLN B 21 14.45 -7.94 7.22
N GLN B 22 14.72 -9.24 7.28
CA GLN B 22 16.05 -9.84 7.14
C GLN B 22 16.57 -9.76 5.70
N THR B 23 15.82 -10.27 4.71
CA THR B 23 16.19 -10.21 3.29
C THR B 23 16.40 -8.77 2.83
N PHE B 24 15.58 -7.83 3.28
CA PHE B 24 15.77 -6.40 3.02
C PHE B 24 17.16 -5.95 3.45
N ALA B 25 17.46 -5.97 4.76
CA ALA B 25 18.72 -5.48 5.29
C ALA B 25 19.96 -6.17 4.69
N ARG B 26 19.82 -7.47 4.36
CA ARG B 26 20.81 -8.32 3.69
C ARG B 26 20.98 -8.04 2.17
N SER B 27 19.99 -7.44 1.52
CA SER B 27 19.92 -7.25 0.06
C SER B 27 20.15 -5.79 -0.37
N VAL B 28 19.56 -4.82 0.33
CA VAL B 28 19.85 -3.39 0.10
C VAL B 28 21.29 -3.03 0.47
N GLY B 29 21.85 -3.62 1.54
CA GLY B 29 23.18 -3.35 2.08
C GLY B 29 23.45 -1.85 2.32
N LEU B 30 24.06 -1.16 1.36
CA LEU B 30 24.24 0.29 1.37
C LEU B 30 22.95 1.10 1.09
N LYS B 31 22.04 0.59 0.27
CA LYS B 31 20.75 1.23 -0.08
C LYS B 31 19.74 1.29 1.06
N TRP B 32 20.07 0.70 2.21
CA TRP B 32 19.30 0.78 3.44
C TRP B 32 18.93 2.24 3.80
N ARG B 33 19.90 3.15 3.68
CA ARG B 33 19.76 4.58 3.95
C ARG B 33 18.85 5.25 2.91
N LYS B 34 19.07 4.92 1.63
CA LYS B 34 18.32 5.43 0.48
C LYS B 34 16.84 5.05 0.52
N VAL B 35 16.50 3.79 0.77
CA VAL B 35 15.10 3.35 0.89
C VAL B 35 14.36 4.14 1.96
N GLY B 36 14.96 4.27 3.15
CA GLY B 36 14.39 5.09 4.23
C GLY B 36 14.14 6.54 3.79
N ARG B 37 15.07 7.16 3.03
CA ARG B 37 14.91 8.51 2.48
C ARG B 37 13.80 8.61 1.42
N SER B 38 13.64 7.61 0.57
CA SER B 38 12.53 7.54 -0.38
C SER B 38 11.17 7.33 0.31
N LEU B 39 11.14 6.53 1.39
CA LEU B 39 9.93 6.22 2.18
C LEU B 39 9.33 7.48 2.83
N GLN B 40 10.13 8.54 3.03
CA GLN B 40 9.69 9.84 3.54
C GLN B 40 8.66 10.53 2.61
N ARG B 41 8.87 10.41 1.29
CA ARG B 41 7.91 10.90 0.27
C ARG B 41 6.72 9.93 0.09
N GLY B 42 6.97 8.62 0.15
CA GLY B 42 5.95 7.59 -0.04
C GLY B 42 4.90 7.51 1.08
N CYS B 43 5.34 7.64 2.34
CA CYS B 43 4.51 7.67 3.54
C CYS B 43 4.98 8.73 4.53
N ARG B 44 4.13 9.73 4.77
CA ARG B 44 4.36 10.80 5.75
C ARG B 44 4.53 10.28 7.19
N ALA B 45 4.02 9.09 7.50
CA ALA B 45 4.26 8.38 8.77
C ALA B 45 5.74 8.03 9.05
N LEU B 46 6.62 8.10 8.03
CA LEU B 46 8.06 7.79 8.13
C LEU B 46 8.94 8.93 7.58
N ARG B 47 8.36 10.13 7.36
CA ARG B 47 9.07 11.34 6.89
C ARG B 47 9.88 12.04 7.97
N ASP B 48 9.59 11.73 9.24
CA ASP B 48 10.30 12.27 10.40
C ASP B 48 11.81 11.93 10.33
N PRO B 49 12.70 12.58 11.09
CA PRO B 49 14.12 12.20 11.17
C PRO B 49 14.37 10.86 11.90
N ALA B 50 13.46 9.89 11.75
CA ALA B 50 13.58 8.54 12.27
C ALA B 50 14.93 7.91 11.88
N LEU B 51 15.33 7.96 10.61
CA LEU B 51 16.63 7.48 10.10
C LEU B 51 17.85 7.94 10.92
N ASP B 52 17.84 9.17 11.43
CA ASP B 52 18.93 9.74 12.24
C ASP B 52 19.09 8.96 13.55
N SER B 53 18.00 8.81 14.31
CA SER B 53 17.97 8.00 15.54
C SER B 53 18.10 6.51 15.26
N LEU B 54 17.48 5.97 14.19
CA LEU B 54 17.61 4.57 13.78
C LEU B 54 19.08 4.21 13.50
N ALA B 55 19.81 5.03 12.73
CA ALA B 55 21.21 4.80 12.45
C ALA B 55 22.07 4.68 13.73
N TYR B 56 21.83 5.54 14.72
CA TYR B 56 22.56 5.56 16.00
C TYR B 56 22.10 4.47 16.99
N GLU B 57 20.79 4.26 17.15
CA GLU B 57 20.21 3.22 18.02
C GLU B 57 20.57 1.81 17.57
N TYR B 58 20.71 1.60 16.27
CA TYR B 58 21.01 0.31 15.65
C TYR B 58 22.46 0.22 15.13
N GLU B 59 23.29 1.25 15.37
CA GLU B 59 24.73 1.28 15.05
C GLU B 59 25.53 0.17 15.74
N ARG B 60 24.97 -0.44 16.80
CA ARG B 60 25.55 -1.55 17.56
C ARG B 60 25.79 -2.80 16.71
N GLU B 61 24.81 -3.20 15.90
CA GLU B 61 24.94 -4.34 14.98
C GLU B 61 25.38 -3.92 13.57
N GLY B 62 25.02 -2.71 13.14
CA GLY B 62 25.34 -2.16 11.82
C GLY B 62 24.14 -2.17 10.87
N LEU B 63 24.42 -2.14 9.56
CA LEU B 63 23.46 -2.07 8.45
C LEU B 63 22.32 -3.10 8.59
N TYR B 64 22.64 -4.30 9.13
CA TYR B 64 21.67 -5.35 9.44
C TYR B 64 20.57 -4.88 10.41
N GLU B 65 20.88 -4.64 11.69
CA GLU B 65 19.88 -4.18 12.67
C GLU B 65 19.24 -2.84 12.26
N GLN B 66 20.04 -1.95 11.65
CA GLN B 66 19.61 -0.66 11.11
C GLN B 66 18.38 -0.79 10.23
N ALA B 67 18.46 -1.64 9.22
CA ALA B 67 17.38 -1.85 8.26
C ALA B 67 16.35 -2.90 8.66
N PHE B 68 16.75 -3.88 9.47
CA PHE B 68 15.87 -4.90 10.03
C PHE B 68 14.70 -4.27 10.79
N GLN B 69 14.98 -3.38 11.76
CA GLN B 69 13.95 -2.74 12.55
C GLN B 69 13.31 -1.53 11.82
N LEU B 70 14.02 -0.89 10.87
CA LEU B 70 13.45 0.13 9.96
C LEU B 70 12.23 -0.37 9.20
N LEU B 71 12.28 -1.61 8.72
CA LEU B 71 11.16 -2.26 8.03
C LEU B 71 9.93 -2.43 8.92
N ARG B 72 10.13 -2.65 10.23
CA ARG B 72 9.06 -2.72 11.23
C ARG B 72 8.41 -1.36 11.49
N ARG B 73 9.13 -0.25 11.28
CA ARG B 73 8.64 1.12 11.50
C ARG B 73 7.40 1.43 10.65
N PHE B 74 7.32 0.88 9.44
CA PHE B 74 6.12 0.98 8.59
C PHE B 74 5.00 0.02 9.04
N VAL B 75 5.34 -1.20 9.47
CA VAL B 75 4.39 -2.19 10.02
C VAL B 75 3.76 -1.70 11.34
N GLN B 76 4.50 -0.96 12.16
CA GLN B 76 4.01 -0.30 13.39
C GLN B 76 2.86 0.70 13.13
N ALA B 77 2.88 1.38 11.97
CA ALA B 77 1.84 2.34 11.60
C ALA B 77 0.47 1.67 11.38
N GLU B 78 0.44 0.45 10.81
CA GLU B 78 -0.80 -0.29 10.54
C GLU B 78 -0.67 -1.82 10.69
N GLY B 79 0.23 -2.45 9.92
CA GLY B 79 0.59 -3.87 9.97
C GLY B 79 -0.46 -4.86 9.47
N ARG B 80 -1.74 -4.70 9.86
CA ARG B 80 -2.88 -5.43 9.29
C ARG B 80 -3.10 -5.08 7.82
N ARG B 81 -3.14 -3.78 7.52
CA ARG B 81 -3.46 -3.21 6.19
C ARG B 81 -2.24 -2.60 5.47
N ALA B 82 -1.14 -2.36 6.18
CA ALA B 82 0.14 -2.04 5.54
C ALA B 82 0.57 -3.18 4.61
N THR B 83 1.14 -2.84 3.47
CA THR B 83 1.59 -3.78 2.45
C THR B 83 2.79 -3.26 1.70
N LEU B 84 3.54 -4.18 1.08
CA LEU B 84 4.72 -3.84 0.29
C LEU B 84 4.47 -2.70 -0.71
N GLN B 85 3.26 -2.55 -1.28
CA GLN B 85 2.84 -1.41 -2.11
C GLN B 85 3.52 -0.05 -1.75
N ARG B 86 3.44 0.38 -0.48
CA ARG B 86 4.08 1.63 -0.03
C ARG B 86 5.61 1.59 0.02
N LEU B 87 6.19 0.45 0.40
CA LEU B 87 7.64 0.19 0.31
C LEU B 87 8.12 0.22 -1.16
N VAL B 88 7.36 -0.36 -2.10
CA VAL B 88 7.73 -0.37 -3.52
C VAL B 88 7.88 1.04 -4.09
N GLU B 89 6.98 1.96 -3.73
CA GLU B 89 7.07 3.37 -4.12
C GLU B 89 8.35 4.05 -3.61
N ALA B 90 8.90 3.61 -2.48
CA ALA B 90 10.21 4.05 -2.02
C ALA B 90 11.36 3.47 -2.88
N LEU B 91 11.29 2.18 -3.24
CA LEU B 91 12.27 1.53 -4.11
C LEU B 91 12.24 2.07 -5.55
N GLU B 92 11.07 2.49 -6.04
CA GLU B 92 10.88 3.05 -7.39
C GLU B 92 11.74 4.32 -7.63
N GLU B 93 11.97 5.12 -6.59
CA GLU B 93 12.79 6.34 -6.65
C GLU B 93 14.29 6.05 -6.85
N ASN B 94 14.82 4.96 -6.26
CA ASN B 94 16.20 4.51 -6.49
C ASN B 94 16.34 3.50 -7.65
N GLU B 95 15.26 3.26 -8.41
CA GLU B 95 15.24 2.33 -9.54
C GLU B 95 15.51 0.86 -9.10
N LEU B 96 15.04 0.50 -7.89
CA LEU B 96 15.18 -0.81 -7.26
C LEU B 96 14.04 -1.78 -7.64
N THR B 97 13.62 -1.78 -8.91
CA THR B 97 12.57 -2.65 -9.45
C THR B 97 12.84 -4.13 -9.16
N SER B 98 14.04 -4.62 -9.50
CA SER B 98 14.48 -6.00 -9.25
C SER B 98 14.61 -6.34 -7.75
N LEU B 99 14.81 -5.33 -6.89
CA LEU B 99 14.86 -5.49 -5.45
C LEU B 99 13.45 -5.61 -4.85
N ALA B 100 12.48 -4.83 -5.34
CA ALA B 100 11.10 -4.85 -4.83
C ALA B 100 10.43 -6.23 -4.97
N GLU B 101 10.68 -6.94 -6.07
CA GLU B 101 10.28 -8.34 -6.24
C GLU B 101 11.18 -9.32 -5.45
N ASP B 102 12.51 -9.20 -5.52
CA ASP B 102 13.43 -10.06 -4.76
C ASP B 102 13.19 -10.03 -3.24
N LEU B 103 12.69 -8.90 -2.71
CA LEU B 103 12.34 -8.69 -1.31
C LEU B 103 11.35 -9.74 -0.77
N LEU B 104 10.25 -9.95 -1.50
CA LEU B 104 9.24 -10.96 -1.14
C LEU B 104 9.73 -12.40 -1.39
N GLY B 105 10.91 -12.57 -2.00
CA GLY B 105 11.49 -13.86 -2.35
C GLY B 105 11.14 -14.36 -3.76
N LEU B 106 10.74 -13.47 -4.70
CA LEU B 106 10.47 -13.84 -6.10
C LEU B 106 11.70 -14.34 -6.89
N THR B 107 12.91 -14.26 -6.31
CA THR B 107 14.15 -14.88 -6.85
C THR B 107 14.11 -16.43 -6.87
N ASP B 108 13.15 -17.06 -6.18
CA ASP B 108 13.02 -18.53 -6.10
C ASP B 108 12.21 -19.14 -7.28
N PRO B 109 12.43 -20.44 -7.59
CA PRO B 109 11.70 -21.21 -8.62
C PRO B 109 10.25 -21.59 -8.24
N ASN B 110 9.59 -20.84 -7.36
CA ASN B 110 8.21 -21.06 -6.87
C ASN B 110 7.97 -22.51 -6.38
N GLY B 111 8.66 -22.91 -5.31
CA GLY B 111 8.54 -24.25 -4.71
C GLY B 111 9.37 -25.33 -5.43
N GLY B 112 10.54 -24.96 -5.95
CA GLY B 112 11.40 -25.78 -6.81
C GLY B 112 12.76 -26.12 -6.16
N LEU B 113 12.73 -26.73 -4.98
CA LEU B 113 13.88 -27.14 -4.15
C LEU B 113 14.63 -25.94 -3.53
N ALA B 114 14.23 -25.56 -2.31
CA ALA B 114 14.76 -24.43 -1.54
C ALA B 114 14.92 -24.75 -0.04
#